data_8I83
#
_entry.id   8I83
#
_cell.length_a   95.130
_cell.length_b   126.667
_cell.length_c   223.741
_cell.angle_alpha   90.000
_cell.angle_beta   90.000
_cell.angle_gamma   90.000
#
_symmetry.space_group_name_H-M   'P 21 21 21'
#
loop_
_entity.id
_entity.type
_entity.pdbx_description
1 polymer 'Glutamate dehydrogenase'
2 non-polymer 1,2-ETHANEDIOL
3 water water
#
_entity_poly.entity_id   1
_entity_poly.type   'polypeptide(L)'
_entity_poly.pdbx_seq_one_letter_code
;MAENLNLFTSTQEVVKEALNKLGYDEAMYELLKEPLRLLKVRIPVKMDDGTTQVFTGYRAQHSDAVGPTKGGVRFHPMVS
EDEVKALSMWMTLKCGIVDLPYGGGKGGIICDPRQMSMGELERLSRGYVRAISQIVGPTKDIPGPDMFTNAQIMAWMMDE
YSRMDEFNSPGFITGKPLVLGGSKGRDRATAEGVTIVIQEAAKKRNIDIKGARVVIQGFGNAGSFLAKFMSDLGAKVIGI
SDAYGALHDPNGLDIDYLLDRRDSFGTVTTLFENTITNQELLELDCDILVPAAIENQITAENAHNIKATIVVEAANGPTT
SEATKILTERGILLVPDVLASAGGATVSYFEWVQNNMGYYWEEEEVQEKLYKKMYDSFEAVYTTATTRNIDMRLAAYMVG
VRRTAEASRFRGWVLEHHHHHH
;
_entity_poly.pdbx_strand_id   A,B,C,D,F,E
#
# COMPACT_ATOMS: atom_id res chain seq x y z
N LEU A 5 48.87 14.79 17.11
CA LEU A 5 48.88 15.50 15.83
C LEU A 5 48.15 14.70 14.77
N ASN A 6 48.46 13.41 14.69
CA ASN A 6 47.81 12.52 13.74
C ASN A 6 46.40 12.16 14.23
N LEU A 7 45.44 12.20 13.31
CA LEU A 7 44.06 11.93 13.68
C LEU A 7 43.83 10.46 13.99
N PHE A 8 44.53 9.56 13.29
CA PHE A 8 44.35 8.13 13.52
C PHE A 8 44.88 7.70 14.88
N THR A 9 46.08 8.14 15.24
CA THR A 9 46.61 7.79 16.56
C THR A 9 45.81 8.46 17.66
N SER A 10 45.36 9.69 17.44
CA SER A 10 44.52 10.37 18.43
C SER A 10 43.22 9.60 18.65
N THR A 11 42.65 9.04 17.58
CA THR A 11 41.42 8.27 17.72
C THR A 11 41.67 6.96 18.46
N GLN A 12 42.84 6.36 18.27
CA GLN A 12 43.16 5.14 18.99
C GLN A 12 43.26 5.38 20.49
N GLU A 13 43.71 6.57 20.89
CA GLU A 13 43.77 6.91 22.31
C GLU A 13 42.38 7.02 22.90
N VAL A 14 41.43 7.56 22.16
CA VAL A 14 40.05 7.64 22.63
C VAL A 14 39.51 6.23 22.88
N VAL A 15 39.71 5.33 21.92
CA VAL A 15 39.25 3.96 22.08
C VAL A 15 39.94 3.29 23.26
N LYS A 16 41.24 3.55 23.42
CA LYS A 16 42.00 2.90 24.49
C LYS A 16 41.53 3.37 25.87
N GLU A 17 41.34 4.67 26.04
CA GLU A 17 40.92 5.18 27.34
C GLU A 17 39.48 4.78 27.64
N ALA A 18 38.62 4.75 26.61
CA ALA A 18 37.24 4.34 26.83
C ALA A 18 37.15 2.88 27.24
N LEU A 19 37.87 2.01 26.52
CA LEU A 19 37.88 0.59 26.89
C LEU A 19 38.52 0.36 28.23
N ASN A 20 39.46 1.24 28.62
CA ASN A 20 40.14 1.08 29.91
C ASN A 20 39.19 1.40 31.05
N LYS A 21 38.49 2.55 30.98
CA LYS A 21 37.58 2.94 32.05
C LYS A 21 36.38 2.01 32.15
N LEU A 22 36.10 1.22 31.12
CA LEU A 22 35.04 0.23 31.20
C LEU A 22 35.49 -1.09 31.78
N GLY A 23 36.80 -1.30 31.93
CA GLY A 23 37.31 -2.49 32.56
C GLY A 23 37.70 -3.62 31.63
N TYR A 24 37.85 -3.36 30.34
CA TYR A 24 38.23 -4.41 29.42
C TYR A 24 39.74 -4.63 29.45
N ASP A 25 40.16 -5.78 28.92
CA ASP A 25 41.56 -6.17 28.91
C ASP A 25 42.24 -5.68 27.63
N GLU A 26 43.55 -5.94 27.54
CA GLU A 26 44.35 -5.42 26.45
C GLU A 26 43.87 -5.93 25.10
N ALA A 27 43.49 -7.21 25.03
CA ALA A 27 43.11 -7.81 23.76
C ALA A 27 41.92 -7.12 23.13
N MET A 28 41.00 -6.59 23.95
CA MET A 28 39.88 -5.85 23.40
C MET A 28 40.34 -4.59 22.68
N TYR A 29 41.41 -3.97 23.16
CA TYR A 29 41.97 -2.80 22.47
C TYR A 29 42.68 -3.21 21.19
N GLU A 30 43.42 -4.32 21.23
CA GLU A 30 44.11 -4.80 20.03
C GLU A 30 43.12 -5.15 18.93
N LEU A 31 41.90 -5.52 19.30
CA LEU A 31 40.88 -5.85 18.30
C LEU A 31 40.20 -4.61 17.73
N LEU A 32 40.13 -3.53 18.51
CA LEU A 32 39.36 -2.35 18.13
C LEU A 32 40.22 -1.16 17.73
N LYS A 33 41.55 -1.23 17.88
CA LYS A 33 42.40 -0.10 17.54
C LYS A 33 42.61 0.04 16.04
N GLU A 34 42.24 -0.96 15.26
CA GLU A 34 42.33 -0.95 13.80
C GLU A 34 41.06 -1.56 13.23
N PRO A 35 40.62 -1.09 12.07
CA PRO A 35 39.44 -1.71 11.43
C PRO A 35 39.72 -3.16 11.07
N LEU A 36 38.70 -4.00 11.21
CA LEU A 36 38.84 -5.41 10.85
C LEU A 36 39.13 -5.58 9.37
N ARG A 37 38.59 -4.71 8.52
CA ARG A 37 38.79 -4.78 7.09
C ARG A 37 39.08 -3.38 6.56
N LEU A 38 40.14 -3.26 5.75
CA LEU A 38 40.45 -2.03 5.06
C LEU A 38 40.77 -2.37 3.61
N LEU A 39 39.92 -1.91 2.70
CA LEU A 39 40.06 -2.20 1.28
C LEU A 39 40.54 -0.95 0.55
N LYS A 40 41.64 -1.08 -0.17
CA LYS A 40 42.20 0.01 -0.98
C LYS A 40 42.07 -0.38 -2.45
N VAL A 41 41.40 0.47 -3.23
CA VAL A 41 41.06 0.16 -4.60
C VAL A 41 41.67 1.18 -5.55
N ARG A 42 41.88 0.75 -6.79
CA ARG A 42 42.33 1.61 -7.87
C ARG A 42 41.25 1.61 -8.95
N ILE A 43 40.66 2.78 -9.19
CA ILE A 43 39.45 2.91 -10.00
C ILE A 43 39.82 3.65 -11.29
N PRO A 44 39.82 2.97 -12.44
CA PRO A 44 40.00 3.68 -13.72
C PRO A 44 38.71 4.35 -14.16
N VAL A 45 38.82 5.61 -14.58
CA VAL A 45 37.67 6.40 -15.00
C VAL A 45 38.02 7.08 -16.32
N LYS A 46 37.16 6.91 -17.32
CA LYS A 46 37.34 7.57 -18.61
C LYS A 46 36.97 9.05 -18.47
N MET A 47 37.94 9.93 -18.68
CA MET A 47 37.71 11.36 -18.53
C MET A 47 37.07 11.94 -19.78
N ASP A 48 36.48 13.13 -19.63
CA ASP A 48 35.78 13.77 -20.74
C ASP A 48 36.69 14.00 -21.93
N ASP A 49 37.98 14.28 -21.69
CA ASP A 49 38.93 14.52 -22.77
C ASP A 49 39.36 13.25 -23.48
N GLY A 50 38.76 12.11 -23.16
CA GLY A 50 39.11 10.85 -23.76
C GLY A 50 40.22 10.09 -23.06
N THR A 51 41.02 10.76 -22.24
CA THR A 51 42.09 10.10 -21.51
C THR A 51 41.52 9.25 -20.38
N THR A 52 42.37 8.43 -19.78
CA THR A 52 42.01 7.58 -18.66
C THR A 52 42.76 8.04 -17.41
N GLN A 53 42.01 8.30 -16.34
CA GLN A 53 42.56 8.68 -15.06
C GLN A 53 42.27 7.58 -14.04
N VAL A 54 43.25 7.29 -13.18
CA VAL A 54 43.15 6.21 -12.20
C VAL A 54 43.08 6.83 -10.81
N PHE A 55 42.04 6.49 -10.07
CA PHE A 55 41.77 7.09 -8.77
C PHE A 55 42.00 6.08 -7.65
N THR A 56 42.44 6.59 -6.51
CA THR A 56 42.67 5.79 -5.31
C THR A 56 41.47 5.96 -4.37
N GLY A 57 40.83 4.85 -4.02
CA GLY A 57 39.70 4.89 -3.12
C GLY A 57 39.89 3.94 -1.95
N TYR A 58 39.16 4.21 -0.88
CA TYR A 58 39.23 3.41 0.33
C TYR A 58 37.83 3.08 0.83
N ARG A 59 37.74 1.97 1.56
CA ARG A 59 36.57 1.66 2.37
C ARG A 59 37.04 0.98 3.64
N ALA A 60 36.79 1.61 4.78
CA ALA A 60 37.17 1.06 6.08
C ALA A 60 35.93 0.49 6.77
N GLN A 61 36.11 -0.69 7.37
CA GLN A 61 35.04 -1.37 8.12
C GLN A 61 35.62 -1.72 9.48
N HIS A 62 35.22 -0.96 10.51
CA HIS A 62 35.87 -1.06 11.81
C HIS A 62 35.49 -2.35 12.55
N SER A 63 34.21 -2.51 12.87
CA SER A 63 33.75 -3.69 13.58
C SER A 63 32.32 -4.00 13.15
N ASP A 64 32.08 -5.24 12.76
CA ASP A 64 30.73 -5.70 12.45
C ASP A 64 30.21 -6.66 13.52
N ALA A 65 30.64 -6.45 14.76
CA ALA A 65 30.16 -7.28 15.86
C ALA A 65 28.70 -6.99 16.18
N VAL A 66 28.31 -5.71 16.13
CA VAL A 66 26.94 -5.32 16.48
C VAL A 66 25.99 -5.55 15.32
N GLY A 67 26.46 -5.33 14.10
CA GLY A 67 25.65 -5.52 12.91
C GLY A 67 26.44 -5.11 11.69
N PRO A 68 25.75 -4.76 10.61
CA PRO A 68 26.45 -4.24 9.44
C PRO A 68 27.12 -2.90 9.76
N THR A 69 28.06 -2.53 8.91
CA THR A 69 28.89 -1.36 9.11
C THR A 69 28.30 -0.15 8.38
N LYS A 70 28.44 1.03 8.98
CA LYS A 70 27.75 2.23 8.50
C LYS A 70 28.70 3.42 8.50
N GLY A 71 28.72 4.16 7.39
CA GLY A 71 29.55 5.35 7.27
C GLY A 71 29.61 5.95 5.88
N GLY A 72 29.77 7.26 5.80
CA GLY A 72 29.68 7.98 4.53
C GLY A 72 30.92 7.87 3.67
N VAL A 73 30.81 8.47 2.47
CA VAL A 73 31.89 8.52 1.50
C VAL A 73 32.15 9.98 1.15
N ARG A 74 33.40 10.41 1.29
CA ARG A 74 33.79 11.77 0.97
C ARG A 74 34.74 11.80 -0.21
N PHE A 75 34.54 12.78 -1.10
CA PHE A 75 35.44 13.04 -2.22
C PHE A 75 36.28 14.27 -1.88
N HIS A 76 37.58 14.10 -1.80
CA HIS A 76 38.42 15.23 -1.42
C HIS A 76 39.88 14.94 -1.75
N PRO A 77 40.65 15.94 -2.20
CA PRO A 77 42.07 15.69 -2.49
C PRO A 77 42.90 15.31 -1.28
N MET A 78 42.46 15.67 -0.08
CA MET A 78 43.20 15.36 1.14
C MET A 78 42.79 14.04 1.78
N VAL A 79 41.89 13.28 1.14
CA VAL A 79 41.51 11.98 1.66
C VAL A 79 42.75 11.10 1.77
N SER A 80 42.88 10.41 2.91
CA SER A 80 44.02 9.54 3.16
C SER A 80 43.54 8.28 3.85
N GLU A 81 44.42 7.27 3.86
CA GLU A 81 44.08 5.99 4.47
C GLU A 81 43.84 6.13 5.96
N ASP A 82 44.79 6.74 6.68
CA ASP A 82 44.65 6.90 8.13
C ASP A 82 43.39 7.70 8.48
N GLU A 83 43.00 8.65 7.63
CA GLU A 83 41.78 9.41 7.88
C GLU A 83 40.55 8.52 7.77
N VAL A 84 40.47 7.73 6.70
CA VAL A 84 39.32 6.86 6.49
C VAL A 84 39.19 5.85 7.62
N LYS A 85 40.32 5.28 8.05
CA LYS A 85 40.31 4.38 9.21
C LYS A 85 39.83 5.10 10.46
N ALA A 86 40.41 6.28 10.74
CA ALA A 86 40.06 7.00 11.96
C ALA A 86 38.59 7.37 11.99
N LEU A 87 38.06 7.84 10.86
CA LEU A 87 36.66 8.23 10.81
C LEU A 87 35.72 7.03 10.92
N SER A 88 36.14 5.87 10.40
CA SER A 88 35.32 4.67 10.55
C SER A 88 35.20 4.28 12.02
N MET A 89 36.24 4.52 12.82
CA MET A 89 36.17 4.24 14.25
C MET A 89 35.29 5.26 14.97
N TRP A 90 35.28 6.50 14.51
CA TRP A 90 34.35 7.47 15.07
C TRP A 90 32.90 7.11 14.73
N MET A 91 32.66 6.50 13.57
CA MET A 91 31.32 6.05 13.25
C MET A 91 30.85 4.94 14.19
N THR A 92 31.79 4.13 14.70
CA THR A 92 31.43 3.13 15.71
C THR A 92 30.95 3.79 16.99
N LEU A 93 31.63 4.86 17.42
CA LEU A 93 31.21 5.55 18.63
C LEU A 93 29.89 6.29 18.43
N LYS A 94 29.70 6.92 17.27
CA LYS A 94 28.44 7.63 17.02
C LYS A 94 27.27 6.66 16.95
N CYS A 95 27.50 5.46 16.42
CA CYS A 95 26.43 4.47 16.34
C CYS A 95 26.17 3.81 17.69
N GLY A 96 27.16 3.77 18.58
CA GLY A 96 26.91 3.27 19.92
C GLY A 96 26.19 4.26 20.81
N ILE A 97 26.42 5.56 20.61
CA ILE A 97 25.82 6.58 21.45
C ILE A 97 24.30 6.60 21.29
N VAL A 98 23.81 6.37 20.07
CA VAL A 98 22.37 6.26 19.83
C VAL A 98 21.90 4.82 19.77
N ASP A 99 22.78 3.86 20.09
CA ASP A 99 22.43 2.44 20.22
C ASP A 99 21.82 1.91 18.92
N LEU A 100 22.54 2.09 17.85
CA LEU A 100 22.11 1.55 16.57
C LEU A 100 22.71 0.17 16.35
N PRO A 101 21.99 -0.74 15.66
CA PRO A 101 22.55 -2.05 15.29
C PRO A 101 23.59 -1.96 14.18
N TYR A 102 24.57 -1.07 14.37
CA TYR A 102 25.56 -0.74 13.35
C TYR A 102 26.96 -0.80 13.94
N GLY A 103 27.91 -1.17 13.08
CA GLY A 103 29.30 -0.90 13.32
C GLY A 103 29.74 0.30 12.50
N GLY A 104 30.97 0.76 12.76
CA GLY A 104 31.50 1.93 12.10
C GLY A 104 32.16 1.58 10.76
N GLY A 105 31.93 2.45 9.78
CA GLY A 105 32.59 2.34 8.50
C GLY A 105 32.83 3.72 7.91
N LYS A 106 33.58 3.74 6.82
CA LYS A 106 33.89 5.00 6.15
C LYS A 106 34.58 4.69 4.83
N GLY A 107 34.35 5.56 3.85
CA GLY A 107 35.00 5.46 2.57
C GLY A 107 35.53 6.82 2.14
N GLY A 108 36.32 6.81 1.07
CA GLY A 108 36.85 8.02 0.50
C GLY A 108 37.56 7.79 -0.82
N ILE A 109 37.56 8.80 -1.68
CA ILE A 109 38.30 8.78 -2.93
C ILE A 109 39.15 10.05 -3.01
N ILE A 110 40.42 9.88 -3.37
CA ILE A 110 41.34 11.01 -3.54
C ILE A 110 41.01 11.64 -4.89
N CYS A 111 40.25 12.73 -4.88
CA CYS A 111 39.86 13.41 -6.10
C CYS A 111 39.41 14.82 -5.75
N ASP A 112 39.48 15.69 -6.74
CA ASP A 112 38.95 17.04 -6.59
C ASP A 112 37.64 17.14 -7.37
N PRO A 113 36.50 16.92 -6.72
CA PRO A 113 35.23 16.89 -7.48
C PRO A 113 34.85 18.24 -8.04
N ARG A 114 35.39 19.34 -7.51
CA ARG A 114 35.12 20.65 -8.07
C ARG A 114 35.76 20.83 -9.45
N GLN A 115 36.76 20.03 -9.78
CA GLN A 115 37.42 20.08 -11.08
C GLN A 115 36.92 18.99 -12.03
N MET A 116 35.80 18.35 -11.71
CA MET A 116 35.28 17.26 -12.51
C MET A 116 33.86 17.57 -12.98
N SER A 117 33.52 17.08 -14.16
CA SER A 117 32.20 17.28 -14.72
C SER A 117 31.19 16.35 -14.05
N MET A 118 29.91 16.58 -14.37
CA MET A 118 28.85 15.74 -13.83
C MET A 118 29.01 14.29 -14.28
N GLY A 119 29.32 14.09 -15.57
CA GLY A 119 29.50 12.75 -16.08
C GLY A 119 30.72 12.04 -15.53
N GLU A 120 31.80 12.80 -15.29
CA GLU A 120 32.99 12.20 -14.70
C GLU A 120 32.72 11.79 -13.25
N LEU A 121 31.95 12.59 -12.51
CA LEU A 121 31.58 12.21 -11.15
C LEU A 121 30.63 11.02 -11.15
N GLU A 122 29.83 10.85 -12.21
CA GLU A 122 28.97 9.67 -12.27
C GLU A 122 29.78 8.42 -12.55
N ARG A 123 30.76 8.51 -13.45
CA ARG A 123 31.55 7.33 -13.77
C ARG A 123 32.50 6.97 -12.64
N LEU A 124 33.03 7.96 -11.92
CA LEU A 124 33.84 7.67 -10.74
C LEU A 124 33.01 7.00 -9.66
N SER A 125 31.81 7.52 -9.40
CA SER A 125 30.93 6.94 -8.39
C SER A 125 30.57 5.50 -8.74
N ARG A 126 30.32 5.23 -10.03
CA ARG A 126 29.93 3.87 -10.42
C ARG A 126 31.10 2.90 -10.31
N GLY A 127 32.32 3.36 -10.64
CA GLY A 127 33.48 2.51 -10.50
C GLY A 127 33.84 2.24 -9.06
N TYR A 128 33.49 3.15 -8.16
CA TYR A 128 33.76 2.93 -6.74
C TYR A 128 32.88 1.82 -6.19
N VAL A 129 31.61 1.78 -6.60
CA VAL A 129 30.73 0.70 -6.21
C VAL A 129 31.23 -0.63 -6.80
N ARG A 130 31.67 -0.62 -8.05
CA ARG A 130 32.20 -1.83 -8.68
C ARG A 130 33.42 -2.34 -7.93
N ALA A 131 34.34 -1.44 -7.59
CA ALA A 131 35.61 -1.85 -7.00
C ALA A 131 35.45 -2.44 -5.61
N ILE A 132 34.40 -2.06 -4.88
CA ILE A 132 34.23 -2.51 -3.50
C ILE A 132 32.96 -3.32 -3.30
N SER A 133 32.27 -3.68 -4.39
CA SER A 133 30.96 -4.32 -4.26
C SER A 133 31.02 -5.61 -3.45
N GLN A 134 32.15 -6.32 -3.49
CA GLN A 134 32.24 -7.64 -2.87
C GLN A 134 32.13 -7.59 -1.35
N ILE A 135 32.35 -6.43 -0.74
CA ILE A 135 32.34 -6.31 0.71
C ILE A 135 31.29 -5.33 1.23
N VAL A 136 30.48 -4.73 0.36
CA VAL A 136 29.44 -3.82 0.78
C VAL A 136 28.08 -4.39 0.37
N GLY A 137 27.02 -3.72 0.83
CA GLY A 137 25.67 -4.15 0.58
C GLY A 137 24.75 -3.88 1.75
N PRO A 138 23.45 -4.09 1.53
CA PRO A 138 22.46 -3.75 2.58
C PRO A 138 22.65 -4.50 3.88
N THR A 139 23.26 -5.69 3.85
CA THR A 139 23.49 -6.46 5.06
C THR A 139 24.93 -6.44 5.53
N LYS A 140 25.85 -5.85 4.76
CA LYS A 140 27.27 -5.84 5.09
C LYS A 140 27.75 -4.45 5.51
N ASP A 141 27.64 -3.48 4.62
CA ASP A 141 28.23 -2.16 4.81
C ASP A 141 27.38 -1.15 4.06
N ILE A 142 26.92 -0.13 4.75
CA ILE A 142 25.93 0.80 4.23
C ILE A 142 26.54 2.19 4.15
N PRO A 143 26.98 2.62 2.95
CA PRO A 143 27.56 3.96 2.82
C PRO A 143 26.55 5.08 2.93
N GLY A 144 27.01 6.31 2.72
CA GLY A 144 26.18 7.48 2.80
C GLY A 144 26.92 8.71 2.32
N PRO A 145 26.24 9.84 2.29
CA PRO A 145 26.89 11.07 1.82
C PRO A 145 27.87 11.63 2.84
N ASP A 146 28.84 12.38 2.34
CA ASP A 146 29.79 13.08 3.20
C ASP A 146 30.22 14.39 2.55
N MET A 147 31.52 14.69 2.58
CA MET A 147 31.99 16.05 2.35
C MET A 147 31.57 16.58 0.97
N PHE A 148 31.91 15.86 -0.09
CA PHE A 148 31.58 16.30 -1.44
C PHE A 148 30.71 15.29 -2.19
N THR A 149 29.88 14.56 -1.45
CA THR A 149 28.89 13.67 -2.03
C THR A 149 27.52 14.06 -1.51
N ASN A 150 26.50 13.77 -2.31
CA ASN A 150 25.13 14.18 -2.00
C ASN A 150 24.17 13.12 -2.53
N ALA A 151 22.88 13.44 -2.52
CA ALA A 151 21.86 12.47 -2.93
C ALA A 151 22.06 12.02 -4.37
N GLN A 152 22.52 12.90 -5.25
CA GLN A 152 22.75 12.51 -6.63
C GLN A 152 23.84 11.46 -6.75
N ILE A 153 24.92 11.62 -5.98
CA ILE A 153 25.99 10.61 -5.99
C ILE A 153 25.51 9.32 -5.33
N MET A 154 24.70 9.44 -4.27
CA MET A 154 24.09 8.25 -3.69
C MET A 154 23.16 7.57 -4.68
N ALA A 155 22.47 8.36 -5.51
CA ALA A 155 21.56 7.78 -6.50
C ALA A 155 22.32 7.01 -7.56
N TRP A 156 23.43 7.58 -8.04
CA TRP A 156 24.27 6.87 -9.01
C TRP A 156 24.85 5.60 -8.41
N MET A 157 25.33 5.67 -7.16
CA MET A 157 25.90 4.49 -6.52
C MET A 157 24.84 3.43 -6.27
N MET A 158 23.65 3.85 -5.83
CA MET A 158 22.56 2.90 -5.63
C MET A 158 22.18 2.21 -6.94
N ASP A 159 22.12 2.98 -8.03
CA ASP A 159 21.78 2.39 -9.32
C ASP A 159 22.81 1.35 -9.72
N GLU A 160 24.10 1.65 -9.54
CA GLU A 160 25.14 0.70 -9.93
C GLU A 160 25.05 -0.57 -9.11
N TYR A 161 24.82 -0.45 -7.80
CA TYR A 161 24.69 -1.63 -6.97
C TYR A 161 23.43 -2.41 -7.32
N SER A 162 22.31 -1.71 -7.51
CA SER A 162 21.08 -2.37 -7.94
C SER A 162 21.28 -3.10 -9.26
N ARG A 163 21.94 -2.46 -10.22
CA ARG A 163 22.20 -3.10 -11.51
C ARG A 163 23.03 -4.36 -11.34
N MET A 164 24.11 -4.28 -10.55
CA MET A 164 24.95 -5.46 -10.31
C MET A 164 24.18 -6.56 -9.61
N ASP A 165 23.25 -6.20 -8.73
CA ASP A 165 22.47 -7.19 -7.98
C ASP A 165 21.30 -7.75 -8.79
N GLU A 166 20.96 -7.15 -9.92
CA GLU A 166 19.84 -7.53 -10.77
C GLU A 166 18.48 -7.30 -10.09
N PHE A 167 18.45 -6.46 -9.05
CA PHE A 167 17.20 -6.05 -8.41
C PHE A 167 17.49 -4.80 -7.58
N ASN A 168 16.42 -4.08 -7.24
CA ASN A 168 16.57 -2.86 -6.44
C ASN A 168 17.09 -3.20 -5.05
N SER A 169 18.14 -2.48 -4.63
CA SER A 169 18.71 -2.61 -3.30
C SER A 169 18.81 -1.21 -2.68
N PRO A 170 17.67 -0.62 -2.33
CA PRO A 170 17.71 0.74 -1.76
C PRO A 170 18.45 0.82 -0.44
N GLY A 171 18.38 -0.23 0.38
CA GLY A 171 19.06 -0.22 1.67
C GLY A 171 20.56 -0.27 1.60
N PHE A 172 21.14 -0.35 0.40
CA PHE A 172 22.60 -0.40 0.28
C PHE A 172 23.25 0.90 0.73
N ILE A 173 22.60 2.03 0.50
CA ILE A 173 23.22 3.33 0.73
C ILE A 173 22.14 4.31 1.19
N THR A 174 22.53 5.23 2.07
CA THR A 174 21.60 6.21 2.63
C THR A 174 21.85 7.59 2.03
N GLY A 175 21.01 8.54 2.40
CA GLY A 175 21.04 9.85 1.79
C GLY A 175 20.42 9.92 0.42
N LYS A 176 19.57 8.95 0.07
CA LYS A 176 19.01 8.87 -1.27
C LYS A 176 17.91 9.93 -1.44
N PRO A 177 17.58 10.26 -2.69
CA PRO A 177 16.38 11.05 -2.94
C PRO A 177 15.14 10.30 -2.50
N LEU A 178 14.09 11.07 -2.15
CA LEU A 178 12.85 10.46 -1.64
C LEU A 178 12.27 9.46 -2.63
N VAL A 179 12.25 9.80 -3.92
CA VAL A 179 11.69 8.92 -4.93
C VAL A 179 12.50 7.66 -5.13
N LEU A 180 13.69 7.56 -4.52
CA LEU A 180 14.52 6.37 -4.62
C LEU A 180 14.64 5.64 -3.28
N GLY A 181 13.75 5.93 -2.33
CA GLY A 181 13.76 5.28 -1.05
C GLY A 181 14.33 6.09 0.09
N GLY A 182 14.60 7.38 -0.11
CA GLY A 182 15.09 8.22 0.95
C GLY A 182 14.06 8.42 2.04
N SER A 183 14.49 9.04 3.13
CA SER A 183 13.66 9.22 4.31
C SER A 183 13.27 10.68 4.48
N LYS A 184 12.05 10.89 4.98
CA LYS A 184 11.60 12.22 5.34
C LYS A 184 12.23 12.66 6.66
N GLY A 185 12.22 13.97 6.88
CA GLY A 185 12.78 14.53 8.10
C GLY A 185 14.29 14.45 8.22
N ARG A 186 14.99 14.15 7.13
CA ARG A 186 16.44 14.06 7.18
C ARG A 186 17.10 15.43 7.28
N ASP A 187 16.48 16.46 6.70
CA ASP A 187 17.10 17.77 6.64
C ASP A 187 17.25 18.40 8.02
N ARG A 188 16.14 18.52 8.75
CA ARG A 188 16.15 19.10 10.09
C ARG A 188 16.68 18.15 11.16
N ALA A 189 17.10 16.93 10.78
CA ALA A 189 17.33 15.88 11.76
C ALA A 189 18.42 16.27 12.76
N THR A 190 19.60 16.65 12.26
CA THR A 190 20.71 17.00 13.14
C THR A 190 20.33 18.19 14.03
N ALA A 191 19.74 19.24 13.44
CA ALA A 191 19.38 20.41 14.23
C ALA A 191 18.27 20.09 15.23
N GLU A 192 17.38 19.15 14.90
CA GLU A 192 16.38 18.72 15.86
C GLU A 192 17.01 17.94 17.01
N GLY A 193 18.03 17.13 16.71
CA GLY A 193 18.70 16.38 17.77
C GLY A 193 19.38 17.28 18.78
N VAL A 194 20.01 18.36 18.30
CA VAL A 194 20.57 19.36 19.22
C VAL A 194 19.47 19.96 20.08
N THR A 195 18.33 20.26 19.45
CA THR A 195 17.19 20.83 20.16
C THR A 195 16.75 19.92 21.31
N ILE A 196 16.63 18.62 21.04
CA ILE A 196 16.20 17.68 22.07
C ILE A 196 17.24 17.58 23.17
N VAL A 197 18.53 17.71 22.81
CA VAL A 197 19.60 17.61 23.79
C VAL A 197 19.58 18.82 24.73
N ILE A 198 19.29 20.01 24.19
CA ILE A 198 19.23 21.21 25.03
C ILE A 198 18.10 21.10 26.04
N GLN A 199 16.96 20.54 25.63
CA GLN A 199 15.80 20.48 26.52
C GLN A 199 16.01 19.45 27.61
N GLU A 200 16.67 18.33 27.32
CA GLU A 200 16.91 17.33 28.36
C GLU A 200 18.02 17.77 29.31
N ALA A 201 19.01 18.52 28.80
CA ALA A 201 20.04 19.07 29.68
C ALA A 201 19.46 20.08 30.65
N ALA A 202 18.47 20.86 30.21
CA ALA A 202 17.83 21.83 31.10
C ALA A 202 17.07 21.12 32.23
N LYS A 203 16.42 19.99 31.91
CA LYS A 203 15.69 19.25 32.94
C LYS A 203 16.63 18.73 34.02
N LYS A 204 17.83 18.29 33.62
CA LYS A 204 18.79 17.76 34.59
C LYS A 204 19.29 18.84 35.54
N ARG A 205 19.19 20.12 35.17
CA ARG A 205 19.61 21.23 36.03
C ARG A 205 18.42 22.02 36.56
N ASN A 206 17.21 21.45 36.47
CA ASN A 206 15.97 22.11 36.89
C ASN A 206 15.89 23.53 36.33
N ILE A 207 16.06 23.64 35.02
CA ILE A 207 15.93 24.90 34.29
C ILE A 207 14.71 24.80 33.40
N ASP A 208 13.77 25.72 33.59
CA ASP A 208 12.57 25.76 32.77
C ASP A 208 12.87 26.46 31.46
N ILE A 209 12.51 25.83 30.34
CA ILE A 209 12.80 26.39 29.03
C ILE A 209 12.11 27.73 28.85
N LYS A 210 10.91 27.89 29.41
CA LYS A 210 10.11 29.09 29.17
C LYS A 210 10.85 30.36 29.56
N GLY A 211 11.54 30.34 30.71
CA GLY A 211 12.28 31.50 31.17
C GLY A 211 13.78 31.39 31.07
N ALA A 212 14.32 30.40 30.36
CA ALA A 212 15.74 30.14 30.34
C ALA A 212 16.49 31.17 29.51
N ARG A 213 17.69 31.53 29.98
CA ARG A 213 18.58 32.43 29.26
C ARG A 213 19.46 31.62 28.31
N VAL A 214 19.28 31.85 27.01
CA VAL A 214 19.94 31.06 25.96
C VAL A 214 20.84 31.98 25.15
N VAL A 215 22.08 31.56 24.96
CA VAL A 215 23.06 32.28 24.14
C VAL A 215 23.47 31.37 23.00
N ILE A 216 23.50 31.91 21.78
CA ILE A 216 23.82 31.16 20.58
C ILE A 216 24.86 31.93 19.77
N GLN A 217 25.96 31.25 19.44
CA GLN A 217 27.01 31.84 18.63
C GLN A 217 26.83 31.41 17.18
N GLY A 218 26.91 32.38 16.27
CA GLY A 218 26.64 32.11 14.87
C GLY A 218 25.17 32.26 14.53
N PHE A 219 24.87 32.98 13.45
CA PHE A 219 23.49 33.24 13.03
C PHE A 219 23.23 32.74 11.62
N GLY A 220 23.95 31.71 11.19
CA GLY A 220 23.76 31.11 9.88
C GLY A 220 22.54 30.21 9.84
N ASN A 221 22.63 29.17 9.01
CA ASN A 221 21.52 28.24 8.85
C ASN A 221 21.13 27.60 10.18
N ALA A 222 22.10 26.98 10.86
CA ALA A 222 21.80 26.31 12.12
C ALA A 222 21.64 27.29 13.27
N GLY A 223 22.32 28.43 13.23
CA GLY A 223 22.24 29.38 14.33
C GLY A 223 20.88 30.06 14.41
N SER A 224 20.42 30.60 13.27
CA SER A 224 19.10 31.23 13.24
C SER A 224 17.99 30.21 13.47
N PHE A 225 18.20 28.96 13.05
CA PHE A 225 17.21 27.91 13.32
C PHE A 225 17.12 27.63 14.81
N LEU A 226 18.27 27.51 15.50
CA LEU A 226 18.27 27.31 16.94
C LEU A 226 17.63 28.51 17.65
N ALA A 227 18.02 29.72 17.27
CA ALA A 227 17.47 30.92 17.91
C ALA A 227 15.95 30.97 17.77
N LYS A 228 15.44 30.68 16.57
CA LYS A 228 14.00 30.69 16.37
C LYS A 228 13.34 29.55 17.14
N PHE A 229 13.98 28.38 17.18
CA PHE A 229 13.40 27.25 17.89
C PHE A 229 13.34 27.50 19.39
N MET A 230 14.46 27.97 19.96
CA MET A 230 14.47 28.30 21.39
C MET A 230 13.52 29.45 21.71
N SER A 231 13.37 30.41 20.79
CA SER A 231 12.44 31.50 21.01
C SER A 231 11.00 31.03 20.96
N ASP A 232 10.69 30.10 20.05
CA ASP A 232 9.34 29.55 19.98
C ASP A 232 9.03 28.68 21.18
N LEU A 233 10.04 28.05 21.77
CA LEU A 233 9.87 27.26 22.98
C LEU A 233 9.65 28.12 24.22
N GLY A 234 9.78 29.44 24.08
CA GLY A 234 9.59 30.37 25.18
C GLY A 234 10.86 31.02 25.68
N ALA A 235 12.01 30.40 25.44
CA ALA A 235 13.26 30.83 26.06
C ALA A 235 13.61 32.27 25.66
N LYS A 236 14.39 32.91 26.53
CA LYS A 236 14.92 34.24 26.26
C LYS A 236 16.27 34.08 25.59
N VAL A 237 16.30 34.21 24.27
CA VAL A 237 17.57 34.21 23.53
C VAL A 237 18.29 35.53 23.79
N ILE A 238 18.97 35.63 24.94
CA ILE A 238 19.58 36.87 25.37
C ILE A 238 20.85 37.20 24.64
N GLY A 239 21.29 36.34 23.73
CA GLY A 239 22.51 36.58 22.99
C GLY A 239 22.64 35.83 21.69
N ILE A 240 22.88 36.55 20.59
CA ILE A 240 23.17 35.95 19.29
C ILE A 240 24.40 36.66 18.72
N SER A 241 25.05 35.99 17.78
CA SER A 241 26.22 36.56 17.13
C SER A 241 26.30 36.06 15.69
N ASP A 242 27.10 36.75 14.89
CA ASP A 242 27.40 36.27 13.54
C ASP A 242 28.90 36.32 13.31
N ALA A 243 29.32 36.53 12.06
CA ALA A 243 30.75 36.58 11.77
C ALA A 243 31.36 37.90 12.21
N TYR A 244 30.57 38.98 12.26
CA TYR A 244 31.11 40.31 12.52
C TYR A 244 30.99 40.74 13.96
N GLY A 245 29.88 40.47 14.62
CA GLY A 245 29.69 40.88 15.99
C GLY A 245 28.65 40.04 16.69
N ALA A 246 28.12 40.59 17.79
CA ALA A 246 27.13 39.91 18.60
C ALA A 246 26.15 40.93 19.18
N LEU A 247 25.04 40.42 19.71
CA LEU A 247 24.00 41.24 20.32
C LEU A 247 23.61 40.64 21.67
N HIS A 248 23.33 41.51 22.63
CA HIS A 248 22.97 41.08 23.98
C HIS A 248 21.82 41.93 24.50
N ASP A 249 20.81 41.27 25.07
CA ASP A 249 19.68 41.90 25.73
C ASP A 249 19.20 40.99 26.84
N PRO A 250 19.30 41.41 28.10
CA PRO A 250 18.92 40.50 29.21
C PRO A 250 17.48 40.04 29.19
N ASN A 251 16.57 40.77 28.53
CA ASN A 251 15.17 40.41 28.51
C ASN A 251 14.76 39.61 27.27
N GLY A 252 15.69 39.38 26.34
CA GLY A 252 15.38 38.70 25.10
C GLY A 252 15.73 39.55 23.90
N LEU A 253 15.97 38.91 22.74
CA LEU A 253 16.45 39.61 21.56
C LEU A 253 15.43 39.72 20.44
N ASP A 254 14.23 39.14 20.59
CA ASP A 254 13.22 39.14 19.53
C ASP A 254 13.81 38.53 18.26
N ILE A 255 13.84 37.20 18.19
CA ILE A 255 14.52 36.53 17.08
C ILE A 255 13.76 36.75 15.78
N ASP A 256 12.44 36.81 15.84
CA ASP A 256 11.64 37.05 14.65
C ASP A 256 12.04 38.35 13.96
N TYR A 257 12.36 39.38 14.75
CA TYR A 257 12.81 40.64 14.19
C TYR A 257 14.16 40.49 13.50
N LEU A 258 15.09 39.76 14.12
CA LEU A 258 16.41 39.61 13.54
C LEU A 258 16.38 38.74 12.29
N LEU A 259 15.40 37.83 12.17
CA LEU A 259 15.32 36.98 10.99
C LEU A 259 15.05 37.80 9.74
N ASP A 260 14.21 38.84 9.87
CA ASP A 260 13.88 39.66 8.70
C ASP A 260 15.07 40.51 8.25
N ARG A 261 15.92 40.93 9.18
CA ARG A 261 17.02 41.83 8.88
C ARG A 261 18.28 41.11 8.43
N ARG A 262 18.17 39.88 7.95
CA ARG A 262 19.33 39.11 7.52
C ARG A 262 19.63 39.32 6.05
N ASP A 263 20.91 39.19 5.70
CA ASP A 263 21.34 39.19 4.30
C ASP A 263 21.18 37.79 3.74
N SER A 264 21.73 37.55 2.56
CA SER A 264 21.82 36.18 2.04
C SER A 264 22.65 35.32 2.98
N PHE A 265 23.88 35.75 3.26
CA PHE A 265 24.64 35.18 4.36
C PHE A 265 24.06 35.70 5.68
N GLY A 266 23.89 34.80 6.64
CA GLY A 266 23.24 35.14 7.89
C GLY A 266 23.99 36.13 8.76
N THR A 267 23.94 37.42 8.41
CA THR A 267 24.54 38.48 9.20
C THR A 267 23.50 39.55 9.50
N VAL A 268 23.61 40.17 10.68
CA VAL A 268 22.56 41.07 11.14
C VAL A 268 23.11 42.12 12.10
N THR A 269 24.27 41.84 12.70
CA THR A 269 24.82 42.79 13.67
C THR A 269 25.39 44.05 13.02
N THR A 270 25.56 44.06 11.70
CA THR A 270 26.09 45.25 11.04
C THR A 270 25.14 46.43 11.14
N LEU A 271 23.83 46.17 11.20
CA LEU A 271 22.83 47.22 11.11
C LEU A 271 22.58 47.92 12.46
N PHE A 272 23.03 47.32 13.57
CA PHE A 272 22.60 47.75 14.89
C PHE A 272 23.55 48.71 15.59
N GLU A 273 24.75 48.94 15.04
CA GLU A 273 25.73 49.85 15.62
C GLU A 273 26.14 49.44 17.02
N ASN A 274 25.19 49.36 17.94
CA ASN A 274 25.45 48.91 19.30
C ASN A 274 25.69 47.40 19.28
N THR A 275 26.94 46.99 19.48
CA THR A 275 27.33 45.59 19.34
C THR A 275 28.20 45.15 20.51
N ILE A 276 28.49 43.86 20.53
CA ILE A 276 29.34 43.22 21.54
C ILE A 276 30.13 42.13 20.82
N THR A 277 31.30 41.80 21.36
CA THR A 277 32.20 40.89 20.66
C THR A 277 31.84 39.43 20.91
N ASN A 278 32.34 38.55 20.03
CA ASN A 278 32.08 37.13 20.16
C ASN A 278 32.68 36.57 21.44
N GLN A 279 33.83 37.08 21.86
CA GLN A 279 34.45 36.59 23.07
C GLN A 279 33.65 37.00 24.30
N GLU A 280 33.11 38.21 24.30
CA GLU A 280 32.17 38.61 25.35
C GLU A 280 30.85 37.86 25.23
N LEU A 281 30.46 37.49 24.01
CA LEU A 281 29.25 36.70 23.81
C LEU A 281 29.34 35.36 24.52
N LEU A 282 30.54 34.80 24.64
CA LEU A 282 30.73 33.50 25.26
C LEU A 282 30.76 33.55 26.78
N GLU A 283 30.94 34.74 27.37
CA GLU A 283 31.10 34.88 28.81
C GLU A 283 29.88 35.49 29.48
N LEU A 284 28.79 35.68 28.76
CA LEU A 284 27.58 36.24 29.35
C LEU A 284 27.01 35.29 30.39
N ASP A 285 26.28 35.86 31.35
CA ASP A 285 25.53 35.05 32.31
C ASP A 285 24.29 34.51 31.62
N CYS A 286 24.14 33.19 31.63
CA CYS A 286 23.01 32.55 30.95
C CYS A 286 22.87 31.13 31.50
N ASP A 287 21.77 30.50 31.12
CA ASP A 287 21.50 29.12 31.49
C ASP A 287 22.05 28.13 30.46
N ILE A 288 22.08 28.50 29.19
CA ILE A 288 22.46 27.59 28.12
C ILE A 288 23.31 28.37 27.11
N LEU A 289 24.49 27.84 26.80
CA LEU A 289 25.40 28.44 25.83
C LEU A 289 25.65 27.43 24.72
N VAL A 290 25.37 27.82 23.49
CA VAL A 290 25.60 26.95 22.34
C VAL A 290 26.68 27.58 21.46
N PRO A 291 27.93 27.12 21.56
CA PRO A 291 29.01 27.69 20.73
C PRO A 291 28.72 27.50 19.24
N ALA A 292 29.50 28.22 18.42
CA ALA A 292 29.26 28.32 16.99
C ALA A 292 29.78 27.13 16.19
N ALA A 293 30.22 26.06 16.85
CA ALA A 293 30.76 24.89 16.17
C ALA A 293 31.96 25.27 15.30
N ILE A 294 32.88 26.04 15.87
CA ILE A 294 34.14 26.38 15.25
C ILE A 294 35.26 25.88 16.14
N GLU A 295 36.39 25.56 15.53
CA GLU A 295 37.51 24.98 16.27
C GLU A 295 38.00 25.93 17.36
N ASN A 296 38.09 25.41 18.58
CA ASN A 296 38.73 26.10 19.71
C ASN A 296 38.04 27.42 20.04
N GLN A 297 36.75 27.33 20.35
CA GLN A 297 36.03 28.52 20.82
C GLN A 297 36.19 28.71 22.32
N ILE A 298 36.37 27.63 23.07
CA ILE A 298 36.62 27.68 24.51
C ILE A 298 37.96 27.00 24.76
N THR A 299 38.96 27.80 25.13
CA THR A 299 40.29 27.30 25.47
C THR A 299 40.56 27.58 26.95
N ALA A 300 41.80 27.32 27.37
CA ALA A 300 42.17 27.61 28.75
C ALA A 300 42.12 29.10 29.07
N GLU A 301 42.18 29.95 28.04
CA GLU A 301 42.12 31.40 28.27
C GLU A 301 40.76 31.80 28.82
N ASN A 302 39.68 31.42 28.14
CA ASN A 302 38.34 31.87 28.47
C ASN A 302 37.51 30.81 29.18
N ALA A 303 38.10 29.67 29.53
CA ALA A 303 37.33 28.61 30.18
C ALA A 303 36.82 29.06 31.55
N HIS A 304 37.66 29.76 32.32
CA HIS A 304 37.23 30.27 33.61
C HIS A 304 36.26 31.44 33.49
N ASN A 305 36.11 32.02 32.30
CA ASN A 305 35.30 33.23 32.14
C ASN A 305 33.84 32.93 31.84
N ILE A 306 33.52 31.80 31.22
CA ILE A 306 32.16 31.55 30.80
C ILE A 306 31.27 31.34 32.02
N LYS A 307 30.01 31.77 31.90
CA LYS A 307 29.10 31.87 33.03
C LYS A 307 27.83 31.06 32.81
N ALA A 308 27.87 30.04 31.96
CA ALA A 308 26.68 29.29 31.60
C ALA A 308 26.53 28.06 32.49
N THR A 309 25.30 27.78 32.89
CA THR A 309 25.01 26.54 33.61
C THR A 309 25.23 25.32 32.72
N ILE A 310 24.91 25.45 31.43
CA ILE A 310 25.00 24.35 30.47
C ILE A 310 25.68 24.87 29.21
N VAL A 311 26.65 24.12 28.70
CA VAL A 311 27.28 24.39 27.41
C VAL A 311 26.99 23.20 26.50
N VAL A 312 26.35 23.46 25.37
CA VAL A 312 25.97 22.42 24.42
C VAL A 312 26.79 22.62 23.15
N GLU A 313 27.63 21.64 22.82
CA GLU A 313 28.44 21.70 21.61
C GLU A 313 27.60 21.33 20.40
N ALA A 314 27.62 22.19 19.39
CA ALA A 314 26.87 21.92 18.16
C ALA A 314 27.57 20.88 17.31
N ALA A 315 28.82 21.15 16.91
CA ALA A 315 29.55 20.22 16.04
C ALA A 315 31.03 20.55 16.07
N ASN A 316 31.82 19.58 15.62
CA ASN A 316 33.26 19.68 15.40
C ASN A 316 33.99 20.43 16.52
N GLY A 317 33.91 19.84 17.72
CA GLY A 317 34.73 20.20 18.86
C GLY A 317 35.01 21.68 19.05
N PRO A 318 34.01 22.42 19.55
CA PRO A 318 34.25 23.84 19.86
C PRO A 318 35.03 24.08 21.14
N THR A 319 35.09 23.10 22.04
CA THR A 319 35.78 23.24 23.32
C THR A 319 37.02 22.36 23.34
N THR A 320 38.15 22.94 23.73
CA THR A 320 39.39 22.19 23.80
C THR A 320 39.34 21.15 24.92
N SER A 321 40.35 20.27 24.91
CA SER A 321 40.43 19.26 25.96
C SER A 321 40.75 19.88 27.32
N GLU A 322 41.64 20.87 27.35
CA GLU A 322 41.97 21.53 28.60
C GLU A 322 40.77 22.33 29.12
N ALA A 323 39.95 22.89 28.24
CA ALA A 323 38.80 23.66 28.67
C ALA A 323 37.68 22.76 29.17
N THR A 324 37.54 21.56 28.60
CA THR A 324 36.56 20.61 29.10
C THR A 324 36.84 20.25 30.55
N LYS A 325 38.13 20.06 30.89
CA LYS A 325 38.49 19.75 32.26
C LYS A 325 38.22 20.93 33.19
N ILE A 326 38.49 22.15 32.72
CA ILE A 326 38.19 23.34 33.51
C ILE A 326 36.69 23.47 33.71
N LEU A 327 35.91 23.29 32.63
CA LEU A 327 34.46 23.45 32.71
C LEU A 327 33.82 22.38 33.59
N THR A 328 34.43 21.19 33.66
CA THR A 328 33.78 20.07 34.35
C THR A 328 33.87 20.22 35.87
N GLU A 329 35.07 20.51 36.39
CA GLU A 329 35.20 20.69 37.84
C GLU A 329 34.44 21.92 38.32
N ARG A 330 34.25 22.92 37.47
CA ARG A 330 33.45 24.08 37.83
C ARG A 330 31.97 23.77 37.97
N GLY A 331 31.53 22.56 37.60
CA GLY A 331 30.15 22.18 37.69
C GLY A 331 29.31 22.51 36.47
N ILE A 332 29.90 23.14 35.45
CA ILE A 332 29.18 23.50 34.24
C ILE A 332 28.95 22.25 33.41
N LEU A 333 27.69 21.97 33.08
CA LEU A 333 27.35 20.79 32.30
C LEU A 333 27.73 21.00 30.83
N LEU A 334 28.67 20.20 30.35
CA LEU A 334 29.09 20.24 28.96
C LEU A 334 28.50 19.04 28.23
N VAL A 335 27.86 19.29 27.10
CA VAL A 335 27.25 18.25 26.28
C VAL A 335 28.09 18.10 25.00
N PRO A 336 28.64 16.92 24.72
CA PRO A 336 29.58 16.81 23.61
C PRO A 336 28.89 16.84 22.26
N ASP A 337 29.62 17.37 21.27
CA ASP A 337 29.11 17.39 19.90
C ASP A 337 28.83 15.99 19.39
N VAL A 338 29.60 15.00 19.83
CA VAL A 338 29.41 13.63 19.37
C VAL A 338 28.08 13.05 19.85
N LEU A 339 27.48 13.63 20.90
CA LEU A 339 26.17 13.19 21.36
C LEU A 339 25.05 14.03 20.78
N ALA A 340 25.23 15.36 20.73
CA ALA A 340 24.19 16.27 20.30
C ALA A 340 23.97 16.28 18.79
N SER A 341 24.96 15.87 18.01
CA SER A 341 24.83 15.84 16.56
C SER A 341 24.40 14.47 16.04
N ALA A 342 24.07 13.54 16.93
CA ALA A 342 23.77 12.18 16.50
C ALA A 342 22.43 12.04 15.78
N GLY A 343 21.64 13.12 15.70
CA GLY A 343 20.37 13.03 14.99
C GLY A 343 20.53 12.70 13.52
N GLY A 344 21.63 13.11 12.92
CA GLY A 344 21.90 12.81 11.52
C GLY A 344 22.22 11.35 11.27
N ALA A 345 23.00 10.74 12.17
CA ALA A 345 23.22 9.31 12.08
C ALA A 345 21.93 8.54 12.33
N THR A 346 21.06 9.06 13.19
CA THR A 346 19.82 8.37 13.53
C THR A 346 18.88 8.31 12.33
N VAL A 347 18.71 9.42 11.61
CA VAL A 347 17.76 9.43 10.50
C VAL A 347 18.28 8.59 9.34
N SER A 348 19.60 8.49 9.20
CA SER A 348 20.17 7.59 8.19
C SER A 348 19.80 6.14 8.51
N TYR A 349 19.88 5.77 9.79
CA TYR A 349 19.47 4.44 10.22
C TYR A 349 17.97 4.23 9.95
N PHE A 350 17.15 5.26 10.15
CA PHE A 350 15.73 5.15 9.86
C PHE A 350 15.48 4.87 8.38
N GLU A 351 16.20 5.56 7.49
CA GLU A 351 16.07 5.30 6.07
C GLU A 351 16.37 3.83 5.76
N TRP A 352 17.44 3.29 6.35
CA TRP A 352 17.79 1.89 6.15
C TRP A 352 16.70 0.96 6.66
N VAL A 353 16.10 1.29 7.81
CA VAL A 353 14.99 0.49 8.33
C VAL A 353 13.82 0.52 7.36
N GLN A 354 13.43 1.71 6.91
CA GLN A 354 12.33 1.83 5.98
C GLN A 354 12.61 1.07 4.69
N ASN A 355 13.87 1.01 4.27
CA ASN A 355 14.22 0.22 3.09
C ASN A 355 14.09 -1.27 3.36
N ASN A 356 14.43 -1.71 4.58
CA ASN A 356 14.27 -3.12 4.93
C ASN A 356 12.84 -3.58 4.75
N MET A 357 11.88 -2.78 5.23
CA MET A 357 10.48 -3.15 5.17
C MET A 357 9.85 -2.89 3.80
N GLY A 358 10.42 -1.97 3.02
CA GLY A 358 9.69 -1.47 1.87
C GLY A 358 8.55 -0.54 2.25
N TYR A 359 8.51 -0.09 3.50
CA TYR A 359 7.46 0.77 4.04
C TYR A 359 8.10 2.04 4.59
N TYR A 360 7.49 3.18 4.30
CA TYR A 360 8.11 4.47 4.54
C TYR A 360 7.26 5.35 5.44
N TRP A 361 7.92 6.19 6.22
CA TRP A 361 7.29 6.93 7.30
C TRP A 361 7.06 8.39 6.92
N GLU A 362 6.02 8.98 7.50
CA GLU A 362 5.80 10.41 7.38
C GLU A 362 6.78 11.17 8.26
N GLU A 363 6.80 12.49 8.09
CA GLU A 363 7.70 13.34 8.87
C GLU A 363 7.40 13.24 10.36
N GLU A 364 6.11 13.22 10.72
CA GLU A 364 5.74 13.20 12.14
C GLU A 364 6.26 11.94 12.83
N GLU A 365 6.19 10.79 12.16
CA GLU A 365 6.67 9.54 12.76
C GLU A 365 8.18 9.54 12.91
N VAL A 366 8.89 10.12 11.94
CA VAL A 366 10.35 10.22 12.04
C VAL A 366 10.74 11.10 13.22
N GLN A 367 10.00 12.19 13.44
CA GLN A 367 10.30 13.08 14.56
C GLN A 367 10.02 12.40 15.90
N GLU A 368 8.91 11.66 16.00
CA GLU A 368 8.63 10.87 17.19
C GLU A 368 9.79 9.94 17.51
N LYS A 369 10.29 9.22 16.50
CA LYS A 369 11.31 8.22 16.73
C LYS A 369 12.68 8.86 16.97
N LEU A 370 12.97 9.94 16.25
CA LEU A 370 14.22 10.66 16.49
C LEU A 370 14.27 11.21 17.92
N TYR A 371 13.11 11.67 18.43
CA TYR A 371 13.08 12.21 19.79
C TYR A 371 13.44 11.13 20.81
N LYS A 372 12.91 9.93 20.66
CA LYS A 372 13.15 8.88 21.64
C LYS A 372 14.61 8.43 21.62
N LYS A 373 15.19 8.28 20.43
CA LYS A 373 16.60 7.91 20.33
C LYS A 373 17.50 8.95 20.99
N MET A 374 17.24 10.23 20.74
CA MET A 374 18.05 11.28 21.35
C MET A 374 17.80 11.37 22.85
N TYR A 375 16.54 11.20 23.27
CA TYR A 375 16.21 11.20 24.69
C TYR A 375 16.98 10.10 25.42
N ASP A 376 16.90 8.87 24.91
CA ASP A 376 17.56 7.75 25.57
C ASP A 376 19.08 7.89 25.52
N SER A 377 19.60 8.48 24.44
CA SER A 377 21.05 8.67 24.32
C SER A 377 21.56 9.63 25.37
N PHE A 378 20.93 10.80 25.50
CA PHE A 378 21.37 11.77 26.50
C PHE A 378 21.29 11.18 27.91
N GLU A 379 20.25 10.38 28.18
CA GLU A 379 20.11 9.80 29.50
C GLU A 379 21.21 8.78 29.79
N ALA A 380 21.59 8.00 28.76
CA ALA A 380 22.64 7.01 28.96
C ALA A 380 24.00 7.68 29.19
N VAL A 381 24.31 8.74 28.43
CA VAL A 381 25.58 9.43 28.60
C VAL A 381 25.60 10.16 29.94
N TYR A 382 24.50 10.82 30.31
CA TYR A 382 24.46 11.57 31.56
C TYR A 382 24.68 10.65 32.75
N THR A 383 23.95 9.54 32.82
CA THR A 383 24.10 8.61 33.92
C THR A 383 25.50 8.01 33.96
N THR A 384 26.11 7.80 32.80
CA THR A 384 27.48 7.26 32.76
C THR A 384 28.46 8.26 33.37
N ALA A 385 28.39 9.53 32.95
CA ALA A 385 29.30 10.53 33.48
C ALA A 385 29.02 10.79 34.97
N THR A 386 27.75 10.75 35.37
CA THR A 386 27.40 11.13 36.73
C THR A 386 27.64 10.01 37.73
N THR A 387 27.62 8.76 37.28
CA THR A 387 27.94 7.64 38.17
C THR A 387 29.44 7.52 38.39
N ARG A 388 30.24 7.90 37.39
CA ARG A 388 31.69 7.81 37.48
C ARG A 388 32.36 9.15 37.71
N ASN A 389 31.59 10.23 37.75
CA ASN A 389 32.10 11.58 38.05
C ASN A 389 33.20 11.97 37.07
N ILE A 390 32.83 12.00 35.79
CA ILE A 390 33.70 12.42 34.70
C ILE A 390 32.89 13.31 33.76
N ASP A 391 33.59 13.94 32.82
CA ASP A 391 32.90 14.75 31.82
C ASP A 391 32.05 13.86 30.90
N MET A 392 31.04 14.48 30.29
CA MET A 392 30.17 13.74 29.39
C MET A 392 30.84 13.38 28.07
N ARG A 393 31.97 13.99 27.73
CA ARG A 393 32.68 13.59 26.53
C ARG A 393 33.35 12.23 26.72
N LEU A 394 34.09 12.07 27.80
CA LEU A 394 34.67 10.77 28.11
C LEU A 394 33.58 9.73 28.33
N ALA A 395 32.44 10.14 28.89
CA ALA A 395 31.31 9.22 29.06
C ALA A 395 30.75 8.81 27.70
N ALA A 396 30.56 9.78 26.81
CA ALA A 396 30.01 9.48 25.49
C ALA A 396 30.91 8.54 24.70
N TYR A 397 32.22 8.67 24.87
CA TYR A 397 33.14 7.72 24.25
C TYR A 397 32.92 6.32 24.78
N MET A 398 32.67 6.19 26.08
CA MET A 398 32.48 4.88 26.70
C MET A 398 31.18 4.24 26.23
N VAL A 399 30.08 5.01 26.20
CA VAL A 399 28.80 4.47 25.77
C VAL A 399 28.87 4.05 24.31
N GLY A 400 29.60 4.79 23.49
CA GLY A 400 29.70 4.48 22.08
C GLY A 400 30.56 3.27 21.78
N VAL A 401 31.42 2.85 22.71
CA VAL A 401 32.27 1.70 22.48
C VAL A 401 31.80 0.46 23.26
N ARG A 402 30.84 0.62 24.16
CA ARG A 402 30.45 -0.48 25.05
C ARG A 402 29.83 -1.64 24.28
N ARG A 403 28.95 -1.34 23.32
CA ARG A 403 28.19 -2.40 22.68
C ARG A 403 29.07 -3.24 21.75
N THR A 404 29.98 -2.60 21.01
CA THR A 404 30.89 -3.35 20.16
C THR A 404 31.79 -4.27 20.99
N ALA A 405 32.28 -3.77 22.14
CA ALA A 405 33.12 -4.61 23.00
C ALA A 405 32.33 -5.78 23.57
N GLU A 406 31.11 -5.53 24.05
CA GLU A 406 30.28 -6.62 24.54
C GLU A 406 29.97 -7.63 23.43
N ALA A 407 29.61 -7.14 22.25
CA ALA A 407 29.32 -8.03 21.13
C ALA A 407 30.56 -8.83 20.74
N SER A 408 31.73 -8.17 20.68
CA SER A 408 32.96 -8.89 20.36
C SER A 408 33.23 -9.99 21.38
N ARG A 409 32.98 -9.72 22.66
CA ARG A 409 33.19 -10.72 23.70
C ARG A 409 32.17 -11.85 23.60
N PHE A 410 30.89 -11.51 23.36
CA PHE A 410 29.86 -12.54 23.27
C PHE A 410 30.10 -13.51 22.14
N ARG A 411 30.65 -13.03 21.02
CA ARG A 411 30.80 -13.85 19.83
C ARG A 411 32.08 -14.67 19.82
N GLY A 412 32.88 -14.60 20.88
CA GLY A 412 34.13 -15.32 20.93
C GLY A 412 35.27 -14.67 20.19
N TRP A 413 35.13 -13.40 19.80
CA TRP A 413 36.23 -12.72 19.13
C TRP A 413 37.39 -12.39 20.07
N VAL A 414 37.19 -12.56 21.37
CA VAL A 414 38.23 -12.33 22.37
C VAL A 414 37.77 -12.93 23.69
N LEU B 7 -5.16 -0.82 -27.28
CA LEU B 7 -5.02 0.36 -26.43
C LEU B 7 -3.57 0.62 -26.06
N PHE B 8 -2.66 -0.20 -26.56
CA PHE B 8 -1.24 0.00 -26.28
C PHE B 8 -0.77 1.35 -26.79
N THR B 9 -1.05 1.67 -28.06
CA THR B 9 -0.75 2.99 -28.57
C THR B 9 -1.59 4.06 -27.89
N SER B 10 -2.81 3.72 -27.50
CA SER B 10 -3.63 4.65 -26.72
C SER B 10 -3.01 4.91 -25.37
N THR B 11 -2.43 3.88 -24.75
CA THR B 11 -1.76 4.06 -23.47
C THR B 11 -0.44 4.81 -23.62
N GLN B 12 0.25 4.61 -24.74
CA GLN B 12 1.48 5.37 -25.01
C GLN B 12 1.19 6.86 -25.13
N GLU B 13 0.09 7.21 -25.80
CA GLU B 13 -0.30 8.61 -25.89
C GLU B 13 -0.60 9.19 -24.51
N VAL B 14 -1.13 8.39 -23.60
CA VAL B 14 -1.39 8.85 -22.24
C VAL B 14 -0.08 9.21 -21.55
N VAL B 15 0.94 8.39 -21.72
CA VAL B 15 2.24 8.67 -21.11
C VAL B 15 2.89 9.90 -21.75
N LYS B 16 2.77 10.03 -23.07
CA LYS B 16 3.40 11.15 -23.75
C LYS B 16 2.80 12.48 -23.31
N GLU B 17 1.49 12.52 -23.06
CA GLU B 17 0.85 13.76 -22.66
C GLU B 17 1.17 14.13 -21.22
N ALA B 18 1.26 13.12 -20.34
CA ALA B 18 1.57 13.41 -18.94
C ALA B 18 3.02 13.86 -18.77
N LEU B 19 3.95 13.19 -19.46
CA LEU B 19 5.34 13.61 -19.41
C LEU B 19 5.53 15.00 -20.00
N ASN B 20 4.74 15.35 -21.01
CA ASN B 20 4.91 16.63 -21.67
C ASN B 20 4.50 17.79 -20.76
N LYS B 21 3.31 17.70 -20.15
CA LYS B 21 2.88 18.76 -19.25
C LYS B 21 3.74 18.81 -17.98
N LEU B 22 4.34 17.69 -17.59
CA LEU B 22 5.31 17.72 -16.49
C LEU B 22 6.62 18.38 -16.92
N GLY B 23 6.89 18.46 -18.21
CA GLY B 23 8.02 19.20 -18.72
C GLY B 23 9.22 18.38 -19.19
N TYR B 24 9.09 17.07 -19.31
CA TYR B 24 10.23 16.23 -19.67
C TYR B 24 10.48 16.26 -21.17
N ASP B 25 11.72 15.96 -21.55
CA ASP B 25 12.14 16.01 -22.94
C ASP B 25 11.66 14.75 -23.67
N GLU B 26 12.10 14.57 -24.92
CA GLU B 26 11.63 13.42 -25.69
C GLU B 26 12.24 12.12 -25.18
N ALA B 27 13.51 12.16 -24.74
CA ALA B 27 14.19 10.94 -24.32
C ALA B 27 13.46 10.24 -23.18
N MET B 28 12.77 11.00 -22.32
CA MET B 28 12.01 10.38 -21.24
C MET B 28 10.84 9.57 -21.78
N TYR B 29 10.19 10.04 -22.84
CA TYR B 29 9.11 9.28 -23.45
C TYR B 29 9.63 8.03 -24.14
N GLU B 30 10.80 8.13 -24.81
CA GLU B 30 11.39 6.97 -25.46
C GLU B 30 11.77 5.88 -24.47
N LEU B 31 11.97 6.23 -23.20
CA LEU B 31 12.30 5.26 -22.17
C LEU B 31 11.06 4.61 -21.54
N LEU B 32 9.95 5.34 -21.48
CA LEU B 32 8.73 4.85 -20.84
C LEU B 32 7.67 4.36 -21.81
N LYS B 33 7.84 4.61 -23.12
CA LYS B 33 6.77 4.26 -24.05
C LYS B 33 6.62 2.75 -24.22
N GLU B 34 7.70 1.99 -24.04
CA GLU B 34 7.64 0.55 -24.04
C GLU B 34 8.31 0.01 -22.78
N PRO B 35 7.85 -1.14 -22.27
CA PRO B 35 8.45 -1.69 -21.06
C PRO B 35 9.93 -1.99 -21.26
N LEU B 36 10.69 -1.82 -20.17
CA LEU B 36 12.12 -2.14 -20.22
C LEU B 36 12.33 -3.62 -20.53
N ARG B 37 11.47 -4.49 -20.02
CA ARG B 37 11.61 -5.92 -20.22
C ARG B 37 10.26 -6.54 -20.53
N LEU B 38 10.24 -7.42 -21.53
CA LEU B 38 9.06 -8.20 -21.88
C LEU B 38 9.49 -9.63 -22.16
N LEU B 39 8.96 -10.58 -21.40
CA LEU B 39 9.33 -11.99 -21.55
C LEU B 39 8.14 -12.76 -22.09
N LYS B 40 8.37 -13.49 -23.18
CA LYS B 40 7.36 -14.34 -23.80
C LYS B 40 7.82 -15.78 -23.67
N VAL B 41 6.96 -16.64 -23.13
CA VAL B 41 7.35 -18.00 -22.77
C VAL B 41 6.39 -19.01 -23.38
N ARG B 42 6.90 -20.24 -23.55
CA ARG B 42 6.14 -21.37 -24.03
C ARG B 42 6.14 -22.46 -22.95
N ILE B 43 4.98 -22.77 -22.41
CA ILE B 43 4.83 -23.58 -21.21
C ILE B 43 4.15 -24.89 -21.58
N PRO B 44 4.85 -26.02 -21.51
CA PRO B 44 4.19 -27.32 -21.73
C PRO B 44 3.48 -27.81 -20.47
N VAL B 45 2.26 -28.32 -20.66
CA VAL B 45 1.44 -28.82 -19.57
C VAL B 45 0.84 -30.15 -20.00
N LYS B 46 1.05 -31.18 -19.19
CA LYS B 46 0.43 -32.49 -19.42
C LYS B 46 -1.03 -32.42 -19.02
N MET B 47 -1.93 -32.47 -20.00
CA MET B 47 -3.35 -32.33 -19.73
C MET B 47 -3.91 -33.64 -19.15
N ASP B 48 -5.19 -33.61 -18.77
CA ASP B 48 -5.81 -34.78 -18.18
C ASP B 48 -5.88 -35.95 -19.15
N ASP B 49 -6.03 -35.68 -20.44
CA ASP B 49 -6.12 -36.74 -21.42
C ASP B 49 -4.77 -37.38 -21.73
N GLY B 50 -3.68 -36.91 -21.12
CA GLY B 50 -2.37 -37.47 -21.38
C GLY B 50 -1.64 -36.85 -22.56
N THR B 51 -2.16 -35.76 -23.13
CA THR B 51 -1.55 -35.09 -24.27
C THR B 51 -1.02 -33.74 -23.82
N THR B 52 0.22 -33.45 -24.19
CA THR B 52 0.85 -32.19 -23.79
C THR B 52 0.29 -31.03 -24.61
N GLN B 53 -0.10 -29.97 -23.92
CA GLN B 53 -0.53 -28.72 -24.53
C GLN B 53 0.48 -27.64 -24.18
N VAL B 54 0.84 -26.81 -25.16
CA VAL B 54 1.84 -25.77 -24.97
C VAL B 54 1.15 -24.42 -25.03
N PHE B 55 1.18 -23.70 -23.91
CA PHE B 55 0.54 -22.40 -23.79
C PHE B 55 1.54 -21.27 -23.96
N THR B 56 1.06 -20.12 -24.40
CA THR B 56 1.86 -18.92 -24.53
C THR B 56 1.65 -18.05 -23.30
N GLY B 57 2.74 -17.56 -22.72
CA GLY B 57 2.67 -16.73 -21.54
C GLY B 57 3.47 -15.45 -21.72
N TYR B 58 3.04 -14.42 -21.00
CA TYR B 58 3.65 -13.10 -21.08
C TYR B 58 3.92 -12.58 -19.68
N ARG B 59 5.00 -11.80 -19.55
CA ARG B 59 5.25 -11.04 -18.33
C ARG B 59 5.99 -9.76 -18.74
N ALA B 60 5.35 -8.63 -18.54
CA ALA B 60 5.91 -7.33 -18.91
C ALA B 60 6.37 -6.60 -17.66
N GLN B 61 7.55 -5.98 -17.75
CA GLN B 61 8.12 -5.19 -16.66
C GLN B 61 8.41 -3.81 -17.21
N HIS B 62 7.53 -2.86 -16.88
CA HIS B 62 7.55 -1.55 -17.53
C HIS B 62 8.75 -0.72 -17.08
N SER B 63 8.85 -0.44 -15.79
CA SER B 63 9.96 0.35 -15.26
C SER B 63 10.15 0.01 -13.79
N ASP B 64 11.36 -0.38 -13.43
CA ASP B 64 11.73 -0.65 -12.04
C ASP B 64 12.63 0.46 -11.49
N ALA B 65 12.37 1.71 -11.89
CA ALA B 65 13.16 2.83 -11.41
C ALA B 65 12.79 3.23 -9.99
N VAL B 66 11.52 3.05 -9.61
CA VAL B 66 11.05 3.42 -8.28
C VAL B 66 11.11 2.27 -7.30
N GLY B 67 11.14 1.03 -7.79
CA GLY B 67 11.23 -0.16 -6.97
C GLY B 67 10.92 -1.38 -7.80
N PRO B 68 10.65 -2.51 -7.16
CA PRO B 68 10.22 -3.69 -7.91
C PRO B 68 8.89 -3.44 -8.61
N THR B 69 8.67 -4.15 -9.71
CA THR B 69 7.43 -4.00 -10.45
C THR B 69 6.31 -4.82 -9.80
N LYS B 70 5.07 -4.41 -10.06
CA LYS B 70 3.91 -5.02 -9.43
C LYS B 70 2.76 -5.09 -10.42
N GLY B 71 2.05 -6.22 -10.43
CA GLY B 71 0.89 -6.38 -11.29
C GLY B 71 0.39 -7.81 -11.38
N GLY B 72 -0.89 -7.98 -11.67
CA GLY B 72 -1.52 -9.28 -11.65
C GLY B 72 -1.31 -10.10 -12.91
N VAL B 73 -1.82 -11.33 -12.87
CA VAL B 73 -1.76 -12.26 -13.98
C VAL B 73 -3.17 -12.71 -14.33
N ARG B 74 -3.52 -12.66 -15.61
CA ARG B 74 -4.84 -13.06 -16.06
C ARG B 74 -4.74 -14.27 -16.98
N PHE B 75 -5.69 -15.19 -16.83
CA PHE B 75 -5.85 -16.35 -17.71
C PHE B 75 -7.05 -16.06 -18.60
N HIS B 76 -6.79 -15.76 -19.88
CA HIS B 76 -7.88 -15.41 -20.78
C HIS B 76 -7.50 -15.78 -22.21
N PRO B 77 -8.48 -16.20 -23.01
CA PRO B 77 -8.17 -16.55 -24.42
C PRO B 77 -7.79 -15.34 -25.28
N MET B 78 -8.20 -14.14 -24.91
CA MET B 78 -7.90 -12.94 -25.68
C MET B 78 -6.71 -12.17 -25.13
N VAL B 79 -5.90 -12.80 -24.28
CA VAL B 79 -4.68 -12.15 -23.80
C VAL B 79 -3.74 -11.95 -24.97
N SER B 80 -3.24 -10.73 -25.14
CA SER B 80 -2.34 -10.39 -26.22
C SER B 80 -1.09 -9.73 -25.66
N GLU B 81 -0.03 -9.76 -26.47
CA GLU B 81 1.24 -9.15 -26.07
C GLU B 81 1.05 -7.66 -25.78
N ASP B 82 0.35 -6.96 -26.66
CA ASP B 82 0.15 -5.52 -26.44
C ASP B 82 -0.75 -5.24 -25.24
N GLU B 83 -1.65 -6.17 -24.90
CA GLU B 83 -2.51 -5.96 -23.75
C GLU B 83 -1.71 -5.94 -22.46
N VAL B 84 -0.85 -6.94 -22.25
CA VAL B 84 -0.11 -7.01 -20.98
C VAL B 84 0.96 -5.91 -20.92
N LYS B 85 1.46 -5.45 -22.07
CA LYS B 85 2.41 -4.35 -22.07
C LYS B 85 1.73 -3.05 -21.63
N ALA B 86 0.57 -2.77 -22.20
CA ALA B 86 -0.16 -1.56 -21.83
C ALA B 86 -0.69 -1.63 -20.41
N LEU B 87 -1.10 -2.82 -19.96
CA LEU B 87 -1.62 -2.96 -18.62
C LEU B 87 -0.52 -2.82 -17.57
N SER B 88 0.71 -3.20 -17.90
CA SER B 88 1.82 -2.97 -16.98
C SER B 88 2.10 -1.47 -16.84
N MET B 89 1.93 -0.72 -17.93
CA MET B 89 2.13 0.72 -17.88
C MET B 89 1.06 1.39 -17.04
N TRP B 90 -0.17 0.88 -17.07
CA TRP B 90 -1.22 1.40 -16.19
C TRP B 90 -0.91 1.10 -14.74
N MET B 91 -0.30 -0.06 -14.46
CA MET B 91 0.09 -0.39 -13.10
C MET B 91 1.17 0.57 -12.59
N THR B 92 1.99 1.12 -13.48
CA THR B 92 2.92 2.18 -13.07
C THR B 92 2.14 3.40 -12.59
N LEU B 93 1.15 3.83 -13.37
CA LEU B 93 0.38 5.02 -13.02
C LEU B 93 -0.45 4.80 -11.76
N LYS B 94 -1.09 3.64 -11.64
CA LYS B 94 -1.87 3.33 -10.44
C LYS B 94 -1.00 3.41 -9.19
N CYS B 95 0.15 2.73 -9.20
CA CYS B 95 1.04 2.78 -8.04
C CYS B 95 1.56 4.18 -7.79
N GLY B 96 1.90 4.91 -8.87
CA GLY B 96 2.41 6.26 -8.71
C GLY B 96 1.40 7.21 -8.11
N ILE B 97 0.11 6.99 -8.39
CA ILE B 97 -0.94 7.83 -7.81
C ILE B 97 -1.00 7.64 -6.29
N VAL B 98 -0.92 6.38 -5.83
CA VAL B 98 -0.94 6.11 -4.40
C VAL B 98 0.45 6.21 -3.77
N ASP B 99 1.47 6.59 -4.55
CA ASP B 99 2.82 6.80 -4.04
C ASP B 99 3.38 5.52 -3.41
N LEU B 100 3.37 4.46 -4.18
CA LEU B 100 3.93 3.20 -3.73
C LEU B 100 5.34 3.02 -4.28
N PRO B 101 6.24 2.36 -3.53
CA PRO B 101 7.59 2.12 -4.05
C PRO B 101 7.63 1.02 -5.09
N TYR B 102 6.65 1.04 -5.99
CA TYR B 102 6.47 0.01 -6.99
C TYR B 102 6.64 0.56 -8.40
N GLY B 103 7.11 -0.30 -9.30
CA GLY B 103 6.97 -0.09 -10.72
C GLY B 103 5.77 -0.87 -11.26
N GLY B 104 5.60 -0.79 -12.57
CA GLY B 104 4.49 -1.43 -13.24
C GLY B 104 4.87 -2.78 -13.83
N GLY B 105 4.10 -3.80 -13.45
CA GLY B 105 4.25 -5.11 -14.03
C GLY B 105 2.88 -5.68 -14.38
N LYS B 106 2.89 -6.72 -15.20
CA LYS B 106 1.67 -7.41 -15.59
C LYS B 106 2.03 -8.69 -16.33
N GLY B 107 1.18 -9.70 -16.20
CA GLY B 107 1.38 -10.95 -16.90
C GLY B 107 0.06 -11.52 -17.40
N GLY B 108 0.18 -12.53 -18.25
CA GLY B 108 -1.00 -13.19 -18.79
C GLY B 108 -0.70 -14.46 -19.55
N ILE B 109 -1.63 -15.41 -19.52
CA ILE B 109 -1.51 -16.67 -20.25
C ILE B 109 -2.67 -16.79 -21.22
N ILE B 110 -2.36 -17.14 -22.46
CA ILE B 110 -3.37 -17.35 -23.50
C ILE B 110 -3.96 -18.74 -23.28
N CYS B 111 -5.12 -18.79 -22.63
CA CYS B 111 -5.79 -20.06 -22.33
C CYS B 111 -7.23 -19.75 -21.94
N ASP B 112 -8.07 -20.80 -21.96
CA ASP B 112 -9.45 -20.71 -21.49
C ASP B 112 -9.56 -21.48 -20.19
N PRO B 113 -9.38 -20.82 -19.03
CA PRO B 113 -9.34 -21.56 -17.76
C PRO B 113 -10.64 -22.25 -17.40
N ARG B 114 -11.78 -21.80 -17.95
CA ARG B 114 -13.06 -22.39 -17.57
C ARG B 114 -13.25 -23.79 -18.17
N GLN B 115 -12.52 -24.11 -19.23
CA GLN B 115 -12.53 -25.45 -19.80
C GLN B 115 -11.34 -26.29 -19.33
N MET B 116 -10.74 -25.94 -18.20
CA MET B 116 -9.57 -26.62 -17.69
C MET B 116 -9.86 -27.24 -16.33
N SER B 117 -9.20 -28.37 -16.07
CA SER B 117 -9.32 -29.05 -14.79
C SER B 117 -8.67 -28.23 -13.68
N MET B 118 -8.97 -28.61 -12.44
CA MET B 118 -8.28 -28.01 -11.31
C MET B 118 -6.81 -28.40 -11.31
N GLY B 119 -6.50 -29.64 -11.68
CA GLY B 119 -5.11 -30.05 -11.78
C GLY B 119 -4.41 -29.44 -12.98
N GLU B 120 -5.11 -29.34 -14.11
CA GLU B 120 -4.54 -28.67 -15.28
C GLU B 120 -4.19 -27.22 -14.96
N LEU B 121 -5.05 -26.54 -14.20
CA LEU B 121 -4.78 -25.14 -13.85
C LEU B 121 -3.59 -25.02 -12.92
N GLU B 122 -3.40 -25.99 -12.03
CA GLU B 122 -2.26 -25.94 -11.11
C GLU B 122 -0.95 -26.17 -11.83
N ARG B 123 -0.92 -27.15 -12.75
CA ARG B 123 0.28 -27.41 -13.52
C ARG B 123 0.60 -26.25 -14.46
N LEU B 124 -0.43 -25.61 -15.01
CA LEU B 124 -0.19 -24.41 -15.81
C LEU B 124 0.41 -23.30 -14.97
N SER B 125 -0.14 -23.06 -13.78
CA SER B 125 0.37 -22.00 -12.91
C SER B 125 1.80 -22.27 -12.49
N ARG B 126 2.11 -23.53 -12.14
CA ARG B 126 3.47 -23.87 -11.75
C ARG B 126 4.44 -23.74 -12.92
N GLY B 127 4.03 -24.20 -14.11
CA GLY B 127 4.86 -24.03 -15.28
C GLY B 127 5.08 -22.56 -15.64
N TYR B 128 4.10 -21.71 -15.32
CA TYR B 128 4.26 -20.28 -15.56
C TYR B 128 5.34 -19.69 -14.65
N VAL B 129 5.32 -20.07 -13.37
CA VAL B 129 6.33 -19.59 -12.43
C VAL B 129 7.72 -20.07 -12.84
N ARG B 130 7.81 -21.32 -13.29
CA ARG B 130 9.12 -21.86 -13.68
C ARG B 130 9.67 -21.13 -14.90
N ALA B 131 8.80 -20.76 -15.84
CA ALA B 131 9.27 -20.15 -17.08
C ALA B 131 9.78 -18.73 -16.86
N ILE B 132 9.22 -18.01 -15.89
CA ILE B 132 9.55 -16.60 -15.66
C ILE B 132 10.33 -16.41 -14.36
N SER B 133 10.75 -17.50 -13.71
CA SER B 133 11.35 -17.41 -12.38
C SER B 133 12.60 -16.52 -12.37
N GLN B 134 13.38 -16.54 -13.45
CA GLN B 134 14.65 -15.84 -13.49
C GLN B 134 14.52 -14.33 -13.40
N ILE B 135 13.33 -13.77 -13.60
CA ILE B 135 13.19 -12.32 -13.60
C ILE B 135 12.10 -11.87 -12.65
N VAL B 136 11.63 -12.77 -11.77
CA VAL B 136 10.59 -12.44 -10.81
C VAL B 136 11.03 -12.86 -9.42
N GLY B 137 10.34 -12.31 -8.42
CA GLY B 137 10.64 -12.58 -7.04
C GLY B 137 10.22 -11.44 -6.13
N PRO B 138 10.40 -11.64 -4.81
CA PRO B 138 9.98 -10.59 -3.86
C PRO B 138 10.73 -9.28 -4.01
N THR B 139 11.90 -9.27 -4.65
CA THR B 139 12.67 -8.06 -4.84
C THR B 139 12.67 -7.57 -6.28
N LYS B 140 12.13 -8.35 -7.22
CA LYS B 140 12.14 -8.01 -8.64
C LYS B 140 10.75 -7.67 -9.15
N ASP B 141 9.83 -8.62 -9.10
CA ASP B 141 8.53 -8.50 -9.75
C ASP B 141 7.53 -9.34 -8.99
N ILE B 142 6.47 -8.72 -8.50
CA ILE B 142 5.53 -9.34 -7.57
C ILE B 142 4.17 -9.45 -8.24
N PRO B 143 3.81 -10.65 -8.72
CA PRO B 143 2.49 -10.82 -9.36
C PRO B 143 1.32 -10.78 -8.37
N GLY B 144 0.11 -10.93 -8.90
CA GLY B 144 -1.09 -10.94 -8.10
C GLY B 144 -2.28 -11.50 -8.89
N PRO B 145 -3.47 -11.48 -8.29
CA PRO B 145 -4.65 -11.99 -8.99
C PRO B 145 -5.14 -11.04 -10.08
N ASP B 146 -5.84 -11.63 -11.05
CA ASP B 146 -6.48 -10.84 -12.10
C ASP B 146 -7.62 -11.68 -12.69
N MET B 147 -7.86 -11.53 -14.00
CA MET B 147 -8.97 -12.23 -14.64
C MET B 147 -8.77 -13.75 -14.55
N PHE B 148 -9.74 -14.42 -13.92
CA PHE B 148 -9.78 -15.87 -13.79
C PHE B 148 -8.58 -16.44 -13.03
N THR B 149 -7.89 -15.61 -12.24
CA THR B 149 -6.94 -16.09 -11.24
C THR B 149 -7.40 -15.63 -9.87
N ASN B 150 -7.15 -16.46 -8.86
CA ASN B 150 -7.69 -16.24 -7.53
C ASN B 150 -6.63 -16.62 -6.51
N ALA B 151 -7.03 -16.61 -5.23
CA ALA B 151 -6.10 -16.95 -4.16
C ALA B 151 -5.55 -18.36 -4.32
N GLN B 152 -6.37 -19.29 -4.78
CA GLN B 152 -5.91 -20.67 -4.97
C GLN B 152 -4.77 -20.74 -5.97
N ILE B 153 -4.89 -20.02 -7.09
CA ILE B 153 -3.82 -19.99 -8.07
C ILE B 153 -2.60 -19.26 -7.51
N MET B 154 -2.83 -18.20 -6.73
CA MET B 154 -1.74 -17.52 -6.06
C MET B 154 -1.00 -18.47 -5.12
N ALA B 155 -1.73 -19.34 -4.42
CA ALA B 155 -1.10 -20.28 -3.50
C ALA B 155 -0.25 -21.30 -4.25
N TRP B 156 -0.74 -21.77 -5.39
CA TRP B 156 0.05 -22.69 -6.22
C TRP B 156 1.32 -22.01 -6.72
N MET B 157 1.22 -20.77 -7.18
CA MET B 157 2.37 -20.07 -7.73
C MET B 157 3.38 -19.74 -6.64
N MET B 158 2.91 -19.28 -5.47
CA MET B 158 3.81 -19.05 -4.36
C MET B 158 4.48 -20.35 -3.92
N ASP B 159 3.76 -21.47 -3.99
CA ASP B 159 4.35 -22.75 -3.60
C ASP B 159 5.44 -23.17 -4.58
N GLU B 160 5.20 -22.96 -5.87
CA GLU B 160 6.20 -23.33 -6.87
C GLU B 160 7.45 -22.47 -6.75
N TYR B 161 7.29 -21.16 -6.51
CA TYR B 161 8.46 -20.31 -6.34
C TYR B 161 9.25 -20.69 -5.10
N SER B 162 8.55 -21.00 -4.00
CA SER B 162 9.24 -21.38 -2.77
C SER B 162 10.04 -22.67 -2.96
N ARG B 163 9.56 -23.59 -3.79
CA ARG B 163 10.29 -24.83 -4.01
C ARG B 163 11.59 -24.58 -4.77
N MET B 164 11.58 -23.66 -5.73
CA MET B 164 12.80 -23.35 -6.49
C MET B 164 13.81 -22.61 -5.63
N ASP B 165 13.34 -21.79 -4.70
CA ASP B 165 14.21 -21.03 -3.81
C ASP B 165 14.70 -21.83 -2.62
N GLU B 166 14.09 -23.00 -2.37
CA GLU B 166 14.39 -23.87 -1.23
C GLU B 166 14.00 -23.22 0.11
N PHE B 167 13.16 -22.18 0.08
CA PHE B 167 12.62 -21.59 1.30
C PHE B 167 11.37 -20.80 0.96
N ASN B 168 10.54 -20.56 1.98
CA ASN B 168 9.29 -19.84 1.80
C ASN B 168 9.51 -18.41 1.36
N SER B 169 8.88 -18.03 0.25
CA SER B 169 8.90 -16.64 -0.24
C SER B 169 7.47 -16.14 -0.40
N PRO B 170 6.79 -15.85 0.71
CA PRO B 170 5.42 -15.30 0.59
C PRO B 170 5.38 -13.99 -0.17
N GLY B 171 6.42 -13.16 -0.04
CA GLY B 171 6.44 -11.87 -0.71
C GLY B 171 6.53 -11.91 -2.21
N PHE B 172 6.75 -13.09 -2.79
CA PHE B 172 6.80 -13.22 -4.24
C PHE B 172 5.50 -12.77 -4.90
N ILE B 173 4.36 -13.03 -4.25
CA ILE B 173 3.07 -12.84 -4.90
C ILE B 173 2.03 -12.43 -3.85
N THR B 174 1.12 -11.56 -4.25
CA THR B 174 0.07 -11.06 -3.37
C THR B 174 -1.27 -11.69 -3.76
N GLY B 175 -2.30 -11.38 -2.98
CA GLY B 175 -3.57 -12.05 -3.11
C GLY B 175 -3.59 -13.46 -2.55
N LYS B 176 -2.64 -13.79 -1.68
CA LYS B 176 -2.56 -15.13 -1.12
C LYS B 176 -3.63 -15.34 -0.06
N PRO B 177 -3.98 -16.58 0.23
CA PRO B 177 -4.84 -16.87 1.38
C PRO B 177 -4.20 -16.41 2.68
N LEU B 178 -5.04 -16.23 3.69
CA LEU B 178 -4.59 -15.73 4.99
C LEU B 178 -3.64 -16.70 5.68
N VAL B 179 -3.85 -18.01 5.51
CA VAL B 179 -2.98 -18.99 6.13
C VAL B 179 -1.57 -18.98 5.53
N LEU B 180 -1.42 -18.44 4.32
CA LEU B 180 -0.12 -18.39 3.66
C LEU B 180 0.49 -16.99 3.67
N GLY B 181 -0.03 -16.09 4.50
CA GLY B 181 0.51 -14.75 4.58
C GLY B 181 -0.25 -13.69 3.81
N GLY B 182 -1.50 -13.95 3.42
CA GLY B 182 -2.34 -12.91 2.88
C GLY B 182 -2.59 -11.81 3.90
N SER B 183 -3.22 -10.75 3.42
CA SER B 183 -3.50 -9.58 4.25
C SER B 183 -4.98 -9.47 4.54
N LYS B 184 -5.31 -9.11 5.77
CA LYS B 184 -6.67 -8.78 6.13
C LYS B 184 -7.11 -7.50 5.44
N GLY B 185 -8.42 -7.31 5.33
CA GLY B 185 -8.98 -6.13 4.72
C GLY B 185 -8.80 -6.04 3.22
N ARG B 186 -8.59 -7.18 2.55
CA ARG B 186 -8.30 -7.14 1.12
C ARG B 186 -9.57 -7.16 0.27
N ASP B 187 -10.61 -7.86 0.74
CA ASP B 187 -11.77 -8.14 -0.11
C ASP B 187 -12.51 -6.87 -0.50
N ARG B 188 -12.66 -5.93 0.43
CA ARG B 188 -13.42 -4.71 0.16
C ARG B 188 -12.53 -3.51 -0.14
N ALA B 189 -11.24 -3.74 -0.38
CA ALA B 189 -10.29 -2.64 -0.48
C ALA B 189 -10.58 -1.73 -1.67
N THR B 190 -10.89 -2.31 -2.82
CA THR B 190 -11.19 -1.51 -4.01
C THR B 190 -12.45 -0.67 -3.80
N ALA B 191 -13.52 -1.30 -3.31
CA ALA B 191 -14.78 -0.58 -3.14
C ALA B 191 -14.66 0.47 -2.04
N GLU B 192 -14.00 0.14 -0.93
CA GLU B 192 -13.80 1.14 0.12
C GLU B 192 -12.94 2.30 -0.37
N GLY B 193 -11.99 2.04 -1.27
CA GLY B 193 -11.26 3.14 -1.87
C GLY B 193 -12.16 4.08 -2.66
N VAL B 194 -13.13 3.52 -3.39
CA VAL B 194 -14.10 4.34 -4.11
C VAL B 194 -14.96 5.13 -3.14
N THR B 195 -15.36 4.47 -2.04
CA THR B 195 -16.18 5.13 -1.02
C THR B 195 -15.47 6.35 -0.45
N ILE B 196 -14.16 6.28 -0.28
CA ILE B 196 -13.43 7.39 0.32
C ILE B 196 -13.34 8.55 -0.64
N VAL B 197 -13.17 8.26 -1.94
CA VAL B 197 -13.03 9.32 -2.93
C VAL B 197 -14.36 10.04 -3.14
N ILE B 198 -15.47 9.31 -3.09
CA ILE B 198 -16.79 9.93 -3.23
C ILE B 198 -17.00 10.96 -2.13
N GLN B 199 -16.68 10.59 -0.88
CA GLN B 199 -16.90 11.50 0.23
C GLN B 199 -15.92 12.67 0.21
N GLU B 200 -14.69 12.46 -0.22
CA GLU B 200 -13.74 13.56 -0.34
C GLU B 200 -14.13 14.51 -1.46
N ALA B 201 -14.71 13.99 -2.54
CA ALA B 201 -15.18 14.86 -3.61
C ALA B 201 -16.40 15.66 -3.18
N ALA B 202 -17.33 15.01 -2.46
CA ALA B 202 -18.49 15.73 -1.93
C ALA B 202 -18.05 16.83 -0.97
N LYS B 203 -17.02 16.57 -0.17
CA LYS B 203 -16.52 17.58 0.76
C LYS B 203 -15.92 18.76 0.02
N LYS B 204 -15.27 18.50 -1.12
CA LYS B 204 -14.67 19.57 -1.91
C LYS B 204 -15.72 20.56 -2.38
N ARG B 205 -16.81 20.08 -2.96
CA ARG B 205 -17.89 20.92 -3.45
C ARG B 205 -18.90 21.26 -2.36
N ASN B 206 -18.57 21.00 -1.10
CA ASN B 206 -19.44 21.29 0.04
C ASN B 206 -20.83 20.67 -0.15
N ILE B 207 -20.84 19.39 -0.49
CA ILE B 207 -22.08 18.63 -0.65
C ILE B 207 -22.22 17.72 0.55
N ASP B 208 -23.31 17.89 1.30
CA ASP B 208 -23.59 17.00 2.42
C ASP B 208 -24.19 15.71 1.88
N ILE B 209 -23.59 14.58 2.24
CA ILE B 209 -24.03 13.30 1.69
C ILE B 209 -25.41 12.93 2.18
N LYS B 210 -25.81 13.45 3.34
CA LYS B 210 -27.10 13.07 3.93
C LYS B 210 -28.26 13.46 3.01
N GLY B 211 -28.27 14.68 2.51
CA GLY B 211 -29.33 15.14 1.64
C GLY B 211 -29.04 15.06 0.15
N ALA B 212 -27.94 14.43 -0.25
CA ALA B 212 -27.49 14.51 -1.64
C ALA B 212 -28.29 13.60 -2.55
N ARG B 213 -28.57 14.07 -3.76
CA ARG B 213 -29.20 13.28 -4.80
C ARG B 213 -28.13 12.50 -5.54
N VAL B 214 -28.23 11.17 -5.49
CA VAL B 214 -27.21 10.29 -6.05
C VAL B 214 -27.82 9.43 -7.15
N VAL B 215 -27.11 9.31 -8.26
CA VAL B 215 -27.51 8.48 -9.39
C VAL B 215 -26.37 7.52 -9.70
N ILE B 216 -26.69 6.22 -9.76
CA ILE B 216 -25.70 5.18 -9.98
C ILE B 216 -26.12 4.34 -11.17
N GLN B 217 -25.20 4.16 -12.12
CA GLN B 217 -25.45 3.35 -13.30
C GLN B 217 -24.85 1.97 -13.08
N GLY B 218 -25.68 0.94 -13.21
CA GLY B 218 -25.25 -0.42 -12.94
C GLY B 218 -25.72 -0.90 -11.58
N PHE B 219 -25.96 -2.21 -11.48
CA PHE B 219 -26.47 -2.78 -10.23
C PHE B 219 -25.91 -4.17 -9.98
N GLY B 220 -24.67 -4.44 -10.37
CA GLY B 220 -24.01 -5.69 -10.06
C GLY B 220 -23.30 -5.61 -8.72
N ASN B 221 -22.07 -6.10 -8.65
CA ASN B 221 -21.30 -6.00 -7.42
C ASN B 221 -21.00 -4.53 -7.09
N ALA B 222 -20.48 -3.79 -8.07
CA ALA B 222 -20.06 -2.42 -7.81
C ALA B 222 -21.26 -1.49 -7.64
N GLY B 223 -22.34 -1.73 -8.39
CA GLY B 223 -23.48 -0.84 -8.32
C GLY B 223 -24.29 -1.03 -7.05
N SER B 224 -24.64 -2.28 -6.73
CA SER B 224 -25.47 -2.54 -5.56
C SER B 224 -24.77 -2.17 -4.26
N PHE B 225 -23.45 -2.38 -4.21
CA PHE B 225 -22.69 -1.97 -3.03
C PHE B 225 -22.71 -0.46 -2.85
N LEU B 226 -22.44 0.28 -3.92
CA LEU B 226 -22.41 1.74 -3.83
C LEU B 226 -23.79 2.32 -3.55
N ALA B 227 -24.84 1.67 -4.02
CA ALA B 227 -26.19 2.17 -3.77
C ALA B 227 -26.55 2.04 -2.29
N LYS B 228 -26.27 0.88 -1.69
CA LYS B 228 -26.60 0.67 -0.28
C LYS B 228 -25.74 1.56 0.62
N PHE B 229 -24.45 1.69 0.30
CA PHE B 229 -23.57 2.52 1.12
C PHE B 229 -24.09 3.95 1.20
N MET B 230 -24.56 4.50 0.08
CA MET B 230 -25.08 5.86 0.07
C MET B 230 -26.44 5.94 0.74
N SER B 231 -27.28 4.93 0.55
CA SER B 231 -28.58 4.92 1.23
C SER B 231 -28.42 4.79 2.74
N ASP B 232 -27.46 3.95 3.18
CA ASP B 232 -27.17 3.86 4.61
C ASP B 232 -26.62 5.17 5.15
N LEU B 233 -25.99 5.96 4.30
CA LEU B 233 -25.44 7.26 4.68
C LEU B 233 -26.49 8.37 4.63
N GLY B 234 -27.76 8.01 4.44
CA GLY B 234 -28.83 8.98 4.36
C GLY B 234 -29.08 9.54 2.98
N ALA B 235 -28.15 9.36 2.05
CA ALA B 235 -28.29 9.94 0.72
C ALA B 235 -29.53 9.40 0.02
N LYS B 236 -30.09 10.23 -0.86
CA LYS B 236 -31.24 9.85 -1.67
C LYS B 236 -30.72 9.34 -3.01
N VAL B 237 -30.74 8.03 -3.20
CA VAL B 237 -30.38 7.42 -4.48
C VAL B 237 -31.60 7.49 -5.38
N ILE B 238 -31.67 8.55 -6.20
CA ILE B 238 -32.85 8.80 -7.04
C ILE B 238 -32.82 8.04 -8.35
N GLY B 239 -31.68 7.45 -8.73
CA GLY B 239 -31.59 6.74 -9.99
C GLY B 239 -30.63 5.57 -9.97
N ILE B 240 -31.14 4.38 -10.29
CA ILE B 240 -30.33 3.19 -10.48
C ILE B 240 -30.70 2.58 -11.83
N SER B 241 -29.81 1.74 -12.33
CA SER B 241 -30.02 1.12 -13.64
C SER B 241 -29.30 -0.21 -13.69
N ASP B 242 -29.73 -1.06 -14.61
CA ASP B 242 -29.03 -2.30 -14.91
C ASP B 242 -28.85 -2.36 -16.42
N ALA B 243 -28.68 -3.58 -16.95
CA ALA B 243 -28.45 -3.74 -18.38
C ALA B 243 -29.69 -3.45 -19.20
N TYR B 244 -30.88 -3.52 -18.60
CA TYR B 244 -32.12 -3.44 -19.36
C TYR B 244 -32.86 -2.12 -19.20
N GLY B 245 -32.71 -1.43 -18.07
CA GLY B 245 -33.41 -0.18 -17.90
C GLY B 245 -32.94 0.56 -16.66
N ALA B 246 -33.71 1.58 -16.29
CA ALA B 246 -33.37 2.42 -15.14
C ALA B 246 -34.64 2.81 -14.40
N LEU B 247 -34.49 3.09 -13.11
CA LEU B 247 -35.57 3.55 -12.26
C LEU B 247 -35.27 4.97 -11.78
N HIS B 248 -36.32 5.75 -11.56
CA HIS B 248 -36.18 7.14 -11.13
C HIS B 248 -37.23 7.47 -10.09
N ASP B 249 -36.79 7.95 -8.94
CA ASP B 249 -37.68 8.44 -7.89
C ASP B 249 -37.07 9.69 -7.28
N PRO B 250 -37.66 10.87 -7.51
CA PRO B 250 -37.06 12.11 -6.98
C PRO B 250 -36.88 12.10 -5.47
N ASN B 251 -37.76 11.42 -4.74
CA ASN B 251 -37.63 11.31 -3.29
C ASN B 251 -36.60 10.27 -2.88
N GLY B 252 -36.03 9.52 -3.82
CA GLY B 252 -35.08 8.48 -3.48
C GLY B 252 -35.69 7.10 -3.53
N LEU B 253 -35.06 6.18 -4.24
CA LEU B 253 -35.59 4.83 -4.37
C LEU B 253 -35.40 4.05 -3.08
N ASP B 254 -36.17 2.98 -2.95
CA ASP B 254 -36.05 2.05 -1.82
C ASP B 254 -34.96 1.05 -2.16
N ILE B 255 -33.72 1.40 -1.81
CA ILE B 255 -32.57 0.58 -2.17
C ILE B 255 -32.68 -0.81 -1.54
N ASP B 256 -33.10 -0.87 -0.28
CA ASP B 256 -33.24 -2.16 0.40
C ASP B 256 -34.26 -3.05 -0.30
N TYR B 257 -35.34 -2.46 -0.81
CA TYR B 257 -36.33 -3.25 -1.55
C TYR B 257 -35.76 -3.75 -2.87
N LEU B 258 -34.96 -2.92 -3.54
CA LEU B 258 -34.34 -3.35 -4.79
C LEU B 258 -33.28 -4.41 -4.56
N LEU B 259 -32.65 -4.43 -3.38
CA LEU B 259 -31.67 -5.46 -3.08
C LEU B 259 -32.35 -6.79 -2.76
N ASP B 260 -33.55 -6.76 -2.20
CA ASP B 260 -34.26 -8.00 -1.88
C ASP B 260 -34.79 -8.67 -3.14
N ARG B 261 -35.32 -7.88 -4.08
CA ARG B 261 -35.96 -8.41 -5.27
C ARG B 261 -35.01 -8.49 -6.47
N ARG B 262 -33.71 -8.32 -6.26
CA ARG B 262 -32.80 -8.25 -7.39
C ARG B 262 -32.39 -9.64 -7.85
N ASP B 263 -32.07 -9.75 -9.13
CA ASP B 263 -31.57 -10.97 -9.72
C ASP B 263 -30.28 -11.42 -9.03
N SER B 264 -29.96 -12.71 -9.17
CA SER B 264 -28.63 -13.18 -8.85
C SER B 264 -27.62 -12.77 -9.89
N PHE B 265 -28.03 -11.92 -10.83
CA PHE B 265 -27.20 -11.47 -11.94
C PHE B 265 -27.30 -9.96 -12.13
N GLY B 266 -27.66 -9.22 -11.08
CA GLY B 266 -27.71 -7.77 -11.10
C GLY B 266 -28.75 -7.19 -12.03
N THR B 267 -29.99 -7.69 -11.95
CA THR B 267 -31.08 -7.23 -12.79
C THR B 267 -32.33 -7.00 -11.94
N VAL B 268 -32.89 -5.80 -12.01
CA VAL B 268 -34.06 -5.45 -11.22
C VAL B 268 -35.13 -4.82 -12.10
N THR B 269 -34.70 -4.04 -13.09
CA THR B 269 -35.63 -3.19 -13.84
C THR B 269 -36.65 -3.99 -14.64
N THR B 270 -36.35 -5.24 -14.99
CA THR B 270 -37.31 -6.05 -15.74
C THR B 270 -38.56 -6.36 -14.94
N LEU B 271 -38.53 -6.18 -13.61
CA LEU B 271 -39.71 -6.42 -12.78
C LEU B 271 -40.71 -5.28 -12.82
N PHE B 272 -40.28 -4.08 -13.25
CA PHE B 272 -41.06 -2.87 -13.07
C PHE B 272 -41.66 -2.38 -14.38
N GLU B 273 -42.71 -1.57 -14.24
CA GLU B 273 -43.34 -0.87 -15.35
C GLU B 273 -42.94 0.59 -15.34
N ASN B 274 -43.13 1.24 -16.49
CA ASN B 274 -42.82 2.67 -16.66
C ASN B 274 -41.39 2.97 -16.24
N THR B 275 -40.45 2.21 -16.79
CA THR B 275 -39.04 2.43 -16.51
C THR B 275 -38.46 3.43 -17.51
N ILE B 276 -37.32 4.01 -17.15
CA ILE B 276 -36.63 4.95 -18.00
C ILE B 276 -35.39 4.26 -18.59
N THR B 277 -34.76 4.93 -19.55
CA THR B 277 -33.61 4.37 -20.24
C THR B 277 -32.31 4.79 -19.55
N ASN B 278 -31.24 4.06 -19.88
CA ASN B 278 -29.92 4.41 -19.35
C ASN B 278 -29.50 5.80 -19.80
N GLN B 279 -29.83 6.18 -21.03
CA GLN B 279 -29.44 7.50 -21.52
C GLN B 279 -30.16 8.60 -20.76
N GLU B 280 -31.41 8.36 -20.36
CA GLU B 280 -32.11 9.33 -19.51
C GLU B 280 -31.62 9.24 -18.07
N LEU B 281 -31.10 8.08 -17.66
CA LEU B 281 -30.55 7.92 -16.33
C LEU B 281 -29.33 8.82 -16.11
N LEU B 282 -28.45 8.92 -17.11
CA LEU B 282 -27.23 9.69 -16.97
C LEU B 282 -27.46 11.19 -16.97
N GLU B 283 -28.60 11.65 -17.52
CA GLU B 283 -28.90 13.07 -17.59
C GLU B 283 -29.84 13.53 -16.48
N LEU B 284 -30.05 12.70 -15.47
CA LEU B 284 -30.88 13.11 -14.34
C LEU B 284 -30.20 14.22 -13.55
N ASP B 285 -31.02 15.13 -13.01
CA ASP B 285 -30.51 16.24 -12.21
C ASP B 285 -30.20 15.72 -10.81
N CYS B 286 -28.92 15.73 -10.43
CA CYS B 286 -28.48 15.16 -9.17
C CYS B 286 -27.19 15.83 -8.75
N ASP B 287 -26.66 15.39 -7.61
CA ASP B 287 -25.40 15.90 -7.07
C ASP B 287 -24.22 15.03 -7.47
N ILE B 288 -24.34 13.71 -7.33
CA ILE B 288 -23.25 12.78 -7.57
C ILE B 288 -23.72 11.75 -8.60
N LEU B 289 -23.17 11.79 -9.80
CA LEU B 289 -23.38 10.77 -10.81
C LEU B 289 -22.20 9.79 -10.76
N VAL B 290 -22.49 8.52 -10.55
CA VAL B 290 -21.48 7.48 -10.47
C VAL B 290 -21.75 6.47 -11.59
N PRO B 291 -20.99 6.54 -12.68
CA PRO B 291 -21.04 5.48 -13.70
C PRO B 291 -20.25 4.27 -13.23
N ALA B 292 -20.97 3.18 -12.92
CA ALA B 292 -20.33 1.95 -12.50
C ALA B 292 -20.73 0.82 -13.45
N ALA B 293 -20.60 1.07 -14.76
CA ALA B 293 -21.05 0.11 -15.75
C ALA B 293 -20.07 0.01 -16.92
N ILE B 294 -20.55 0.24 -18.13
CA ILE B 294 -19.78 0.00 -19.35
C ILE B 294 -18.96 1.22 -19.72
N GLU B 295 -18.11 1.09 -20.73
CA GLU B 295 -17.31 2.20 -21.20
C GLU B 295 -18.12 3.10 -22.13
N ASN B 296 -17.64 4.33 -22.28
CA ASN B 296 -18.20 5.29 -23.23
C ASN B 296 -19.68 5.56 -22.97
N GLN B 297 -20.05 5.68 -21.69
CA GLN B 297 -21.42 6.05 -21.34
C GLN B 297 -21.63 7.57 -21.41
N ILE B 298 -20.58 8.34 -21.13
CA ILE B 298 -20.61 9.79 -21.27
C ILE B 298 -19.68 10.14 -22.42
N THR B 299 -20.25 10.61 -23.52
CA THR B 299 -19.51 10.98 -24.72
C THR B 299 -19.74 12.46 -25.02
N ALA B 300 -19.23 12.90 -26.17
CA ALA B 300 -19.46 14.27 -26.61
C ALA B 300 -20.93 14.55 -26.93
N GLU B 301 -21.75 13.51 -27.07
CA GLU B 301 -23.15 13.71 -27.42
C GLU B 301 -24.00 14.08 -26.20
N ASN B 302 -23.67 13.57 -25.01
CA ASN B 302 -24.44 13.85 -23.82
C ASN B 302 -23.65 14.58 -22.74
N ALA B 303 -22.39 14.95 -23.02
CA ALA B 303 -21.57 15.63 -22.02
C ALA B 303 -22.19 16.95 -21.57
N HIS B 304 -22.92 17.63 -22.46
CA HIS B 304 -23.56 18.89 -22.08
C HIS B 304 -24.87 18.69 -21.36
N ASN B 305 -25.36 17.45 -21.25
CA ASN B 305 -26.67 17.19 -20.69
C ASN B 305 -26.65 16.58 -19.29
N ILE B 306 -25.49 16.13 -18.81
CA ILE B 306 -25.40 15.61 -17.45
C ILE B 306 -25.46 16.78 -16.48
N LYS B 307 -26.24 16.62 -15.41
CA LYS B 307 -26.58 17.72 -14.51
C LYS B 307 -26.00 17.51 -13.12
N ALA B 308 -24.97 16.68 -12.99
CA ALA B 308 -24.36 16.37 -11.71
C ALA B 308 -23.20 17.30 -11.42
N THR B 309 -22.99 17.56 -10.13
CA THR B 309 -21.83 18.34 -9.71
C THR B 309 -20.57 17.48 -9.66
N ILE B 310 -20.73 16.20 -9.33
CA ILE B 310 -19.62 15.28 -9.16
C ILE B 310 -19.89 14.05 -10.02
N VAL B 311 -18.88 13.60 -10.76
CA VAL B 311 -18.93 12.37 -11.54
C VAL B 311 -17.77 11.50 -11.08
N VAL B 312 -18.09 10.36 -10.47
CA VAL B 312 -17.08 9.45 -9.94
C VAL B 312 -17.10 8.19 -10.80
N GLU B 313 -16.03 7.98 -11.55
CA GLU B 313 -15.89 6.79 -12.40
C GLU B 313 -15.61 5.58 -11.52
N ALA B 314 -16.65 4.80 -11.23
CA ALA B 314 -16.50 3.51 -10.57
C ALA B 314 -16.30 2.37 -11.56
N ALA B 315 -15.88 2.68 -12.78
CA ALA B 315 -15.56 1.69 -13.79
C ALA B 315 -14.56 2.33 -14.75
N ASN B 316 -13.93 1.49 -15.58
CA ASN B 316 -12.91 1.97 -16.50
C ASN B 316 -13.53 2.35 -17.84
N GLY B 317 -13.20 3.55 -18.31
CA GLY B 317 -13.60 4.04 -19.62
C GLY B 317 -15.01 4.61 -19.78
N PRO B 318 -15.69 5.03 -18.71
CA PRO B 318 -17.08 5.45 -18.88
C PRO B 318 -17.21 6.81 -19.55
N THR B 319 -16.22 7.68 -19.41
CA THR B 319 -16.24 9.01 -20.00
C THR B 319 -15.13 9.12 -21.03
N THR B 320 -15.48 9.58 -22.22
CA THR B 320 -14.50 9.74 -23.28
C THR B 320 -13.62 10.97 -23.02
N SER B 321 -12.57 11.10 -23.84
CA SER B 321 -11.72 12.28 -23.75
C SER B 321 -12.49 13.53 -24.16
N GLU B 322 -13.31 13.42 -25.21
CA GLU B 322 -14.14 14.55 -25.64
C GLU B 322 -15.03 15.04 -24.51
N ALA B 323 -15.77 14.12 -23.89
CA ALA B 323 -16.67 14.49 -22.80
C ALA B 323 -15.91 14.98 -21.58
N THR B 324 -14.71 14.47 -21.34
CA THR B 324 -13.94 14.87 -20.17
C THR B 324 -13.56 16.34 -20.24
N LYS B 325 -13.17 16.82 -21.42
CA LYS B 325 -12.88 18.24 -21.59
C LYS B 325 -14.13 19.07 -21.39
N ILE B 326 -15.28 18.59 -21.87
CA ILE B 326 -16.53 19.32 -21.74
C ILE B 326 -16.96 19.43 -20.28
N LEU B 327 -16.94 18.30 -19.57
CA LEU B 327 -17.34 18.31 -18.16
C LEU B 327 -16.41 19.20 -17.34
N THR B 328 -15.12 19.22 -17.68
CA THR B 328 -14.19 20.09 -16.97
C THR B 328 -14.49 21.55 -17.23
N GLU B 329 -14.72 21.92 -18.49
CA GLU B 329 -15.02 23.30 -18.81
C GLU B 329 -16.40 23.72 -18.31
N ARG B 330 -17.31 22.76 -18.13
CA ARG B 330 -18.57 23.01 -17.46
C ARG B 330 -18.43 23.07 -15.94
N GLY B 331 -17.21 22.95 -15.41
CA GLY B 331 -17.01 23.07 -13.97
C GLY B 331 -17.50 21.89 -13.17
N ILE B 332 -17.49 20.69 -13.73
CA ILE B 332 -17.95 19.49 -13.05
C ILE B 332 -16.75 18.73 -12.51
N LEU B 333 -16.80 18.39 -11.22
CA LEU B 333 -15.72 17.64 -10.59
C LEU B 333 -15.77 16.18 -11.03
N LEU B 334 -14.81 15.78 -11.87
CA LEU B 334 -14.74 14.42 -12.38
C LEU B 334 -13.66 13.65 -11.63
N VAL B 335 -14.00 12.46 -11.18
CA VAL B 335 -13.08 11.61 -10.43
C VAL B 335 -12.67 10.44 -11.33
N PRO B 336 -11.40 10.32 -11.69
CA PRO B 336 -11.00 9.30 -12.66
C PRO B 336 -10.98 7.90 -12.08
N ASP B 337 -11.13 6.92 -12.98
CA ASP B 337 -11.12 5.52 -12.61
C ASP B 337 -9.79 5.11 -11.97
N VAL B 338 -8.68 5.55 -12.56
CA VAL B 338 -7.36 5.11 -12.12
C VAL B 338 -7.09 5.54 -10.68
N LEU B 339 -7.69 6.64 -10.24
CA LEU B 339 -7.54 7.08 -8.86
C LEU B 339 -8.51 6.36 -7.93
N ALA B 340 -9.80 6.32 -8.29
CA ALA B 340 -10.81 5.82 -7.37
C ALA B 340 -10.67 4.33 -7.10
N SER B 341 -10.16 3.57 -8.06
CA SER B 341 -9.98 2.13 -7.91
C SER B 341 -8.64 1.77 -7.26
N ALA B 342 -7.83 2.76 -6.89
CA ALA B 342 -6.47 2.51 -6.43
C ALA B 342 -6.40 1.78 -5.09
N GLY B 343 -7.52 1.64 -4.38
CA GLY B 343 -7.50 0.97 -3.09
C GLY B 343 -7.08 -0.49 -3.18
N GLY B 344 -7.28 -1.12 -4.34
CA GLY B 344 -6.89 -2.51 -4.50
C GLY B 344 -5.38 -2.68 -4.59
N ALA B 345 -4.72 -1.78 -5.33
CA ALA B 345 -3.26 -1.83 -5.39
C ALA B 345 -2.63 -1.51 -4.04
N THR B 346 -3.29 -0.67 -3.24
CA THR B 346 -2.70 -0.27 -1.97
C THR B 346 -2.65 -1.42 -0.98
N VAL B 347 -3.74 -2.20 -0.89
CA VAL B 347 -3.79 -3.28 0.10
C VAL B 347 -2.87 -4.42 -0.30
N SER B 348 -2.78 -4.71 -1.60
CA SER B 348 -1.84 -5.75 -2.03
C SER B 348 -0.40 -5.32 -1.78
N TYR B 349 -0.12 -4.02 -1.82
CA TYR B 349 1.17 -3.53 -1.37
C TYR B 349 1.35 -3.75 0.13
N PHE B 350 0.28 -3.58 0.91
CA PHE B 350 0.37 -3.84 2.34
C PHE B 350 0.65 -5.30 2.64
N GLU B 351 0.07 -6.21 1.85
CA GLU B 351 0.36 -7.62 2.01
C GLU B 351 1.84 -7.92 1.81
N TRP B 352 2.44 -7.29 0.80
CA TRP B 352 3.86 -7.47 0.53
C TRP B 352 4.71 -6.93 1.67
N VAL B 353 4.35 -5.75 2.20
CA VAL B 353 5.09 -5.17 3.31
C VAL B 353 5.06 -6.09 4.52
N GLN B 354 3.90 -6.67 4.80
CA GLN B 354 3.78 -7.61 5.91
C GLN B 354 4.64 -8.85 5.69
N ASN B 355 4.76 -9.31 4.44
CA ASN B 355 5.63 -10.44 4.15
C ASN B 355 7.10 -10.06 4.33
N ASN B 356 7.46 -8.79 4.13
CA ASN B 356 8.84 -8.39 4.33
C ASN B 356 9.21 -8.36 5.80
N MET B 357 8.26 -8.03 6.67
CA MET B 357 8.50 -8.03 8.10
C MET B 357 8.31 -9.40 8.73
N GLY B 358 7.46 -10.24 8.15
CA GLY B 358 6.99 -11.40 8.87
C GLY B 358 5.99 -11.06 9.95
N TYR B 359 5.45 -9.84 9.92
CA TYR B 359 4.52 -9.35 10.92
C TYR B 359 3.25 -8.87 10.22
N TYR B 360 2.10 -9.33 10.70
CA TYR B 360 0.85 -9.18 9.96
C TYR B 360 -0.14 -8.30 10.72
N TRP B 361 -0.80 -7.42 9.98
CA TRP B 361 -1.71 -6.44 10.54
C TRP B 361 -3.13 -6.99 10.66
N GLU B 362 -3.89 -6.40 11.57
CA GLU B 362 -5.29 -6.73 11.75
C GLU B 362 -6.16 -5.87 10.82
N GLU B 363 -7.44 -6.24 10.73
CA GLU B 363 -8.34 -5.59 9.78
C GLU B 363 -8.41 -4.09 10.02
N GLU B 364 -8.61 -3.68 11.27
CA GLU B 364 -8.76 -2.26 11.58
C GLU B 364 -7.53 -1.47 11.13
N GLU B 365 -6.34 -1.97 11.43
CA GLU B 365 -5.12 -1.22 11.11
C GLU B 365 -4.93 -1.09 9.60
N VAL B 366 -5.27 -2.14 8.84
CA VAL B 366 -5.18 -2.05 7.39
C VAL B 366 -6.13 -0.98 6.86
N GLN B 367 -7.32 -0.89 7.45
CA GLN B 367 -8.30 0.10 7.01
C GLN B 367 -7.83 1.51 7.31
N GLU B 368 -7.25 1.74 8.50
CA GLU B 368 -6.73 3.07 8.82
C GLU B 368 -5.61 3.46 7.87
N LYS B 369 -4.76 2.50 7.50
CA LYS B 369 -3.71 2.77 6.54
C LYS B 369 -4.26 2.91 5.12
N LEU B 370 -5.33 2.17 4.81
CA LEU B 370 -5.94 2.29 3.49
C LEU B 370 -6.70 3.60 3.35
N TYR B 371 -7.32 4.08 4.43
CA TYR B 371 -8.05 5.34 4.36
C TYR B 371 -7.11 6.50 4.10
N LYS B 372 -5.97 6.54 4.80
CA LYS B 372 -5.06 7.68 4.67
C LYS B 372 -4.42 7.72 3.29
N LYS B 373 -4.08 6.55 2.73
CA LYS B 373 -3.53 6.51 1.38
C LYS B 373 -4.49 7.13 0.37
N MET B 374 -5.76 6.70 0.40
CA MET B 374 -6.74 7.24 -0.53
C MET B 374 -6.99 8.73 -0.27
N TYR B 375 -7.09 9.12 1.00
CA TYR B 375 -7.27 10.53 1.35
C TYR B 375 -6.12 11.38 0.79
N ASP B 376 -4.88 10.95 1.01
CA ASP B 376 -3.74 11.71 0.52
C ASP B 376 -3.67 11.70 -1.01
N SER B 377 -3.92 10.54 -1.62
CA SER B 377 -3.85 10.44 -3.08
C SER B 377 -4.89 11.32 -3.75
N PHE B 378 -6.07 11.45 -3.16
CA PHE B 378 -7.09 12.33 -3.72
C PHE B 378 -6.66 13.78 -3.68
N GLU B 379 -6.12 14.22 -2.53
CA GLU B 379 -5.64 15.58 -2.41
C GLU B 379 -4.47 15.84 -3.35
N ALA B 380 -3.64 14.84 -3.59
CA ALA B 380 -2.51 15.02 -4.50
C ALA B 380 -2.99 15.29 -5.92
N VAL B 381 -3.96 14.50 -6.39
CA VAL B 381 -4.45 14.67 -7.76
C VAL B 381 -5.27 15.95 -7.88
N TYR B 382 -6.16 16.18 -6.91
CA TYR B 382 -7.03 17.37 -6.97
C TYR B 382 -6.23 18.66 -6.88
N THR B 383 -5.12 18.66 -6.12
CA THR B 383 -4.27 19.84 -6.07
C THR B 383 -3.57 20.07 -7.40
N THR B 384 -3.09 18.99 -8.04
CA THR B 384 -2.40 19.12 -9.32
C THR B 384 -3.34 19.66 -10.40
N ALA B 385 -4.61 19.24 -10.36
CA ALA B 385 -5.58 19.72 -11.34
C ALA B 385 -5.99 21.16 -11.08
N THR B 386 -6.22 21.51 -9.80
CA THR B 386 -6.56 22.89 -9.46
C THR B 386 -5.39 23.82 -9.77
N THR B 387 -4.17 23.41 -9.42
CA THR B 387 -3.00 24.27 -9.62
C THR B 387 -2.76 24.53 -11.10
N ARG B 388 -2.71 23.48 -11.90
CA ARG B 388 -2.38 23.60 -13.32
C ARG B 388 -3.61 23.85 -14.19
N ASN B 389 -4.80 23.99 -13.60
CA ASN B 389 -6.03 24.25 -14.32
C ASN B 389 -6.23 23.24 -15.46
N ILE B 390 -6.32 21.97 -15.08
CA ILE B 390 -6.51 20.88 -16.01
C ILE B 390 -7.57 19.94 -15.43
N ASP B 391 -7.96 18.96 -16.24
CA ASP B 391 -8.90 17.96 -15.76
C ASP B 391 -8.20 17.02 -14.78
N MET B 392 -9.01 16.31 -14.00
CA MET B 392 -8.47 15.40 -13.01
C MET B 392 -7.86 14.14 -13.63
N ARG B 393 -8.28 13.78 -14.84
CA ARG B 393 -7.74 12.59 -15.48
C ARG B 393 -6.30 12.81 -15.90
N LEU B 394 -6.03 13.92 -16.59
CA LEU B 394 -4.65 14.26 -16.94
C LEU B 394 -3.80 14.46 -15.69
N ALA B 395 -4.37 15.08 -14.65
CA ALA B 395 -3.63 15.29 -13.42
C ALA B 395 -3.28 13.96 -12.76
N ALA B 396 -4.21 13.01 -12.78
CA ALA B 396 -3.93 11.67 -12.26
C ALA B 396 -2.82 11.00 -13.04
N TYR B 397 -2.79 11.23 -14.37
CA TYR B 397 -1.72 10.67 -15.18
C TYR B 397 -0.37 11.26 -14.81
N MET B 398 -0.32 12.57 -14.56
CA MET B 398 0.93 13.22 -14.20
C MET B 398 1.41 12.73 -12.84
N VAL B 399 0.53 12.76 -11.83
CA VAL B 399 0.90 12.28 -10.50
C VAL B 399 1.34 10.82 -10.57
N GLY B 400 0.71 10.02 -11.42
CA GLY B 400 1.02 8.62 -11.52
C GLY B 400 2.29 8.30 -12.27
N VAL B 401 2.81 9.25 -13.05
CA VAL B 401 4.03 9.07 -13.81
C VAL B 401 5.17 9.92 -13.28
N ARG B 402 4.88 10.88 -12.39
CA ARG B 402 5.91 11.80 -11.90
C ARG B 402 7.07 11.05 -11.24
N ARG B 403 6.75 10.06 -10.41
CA ARG B 403 7.79 9.41 -9.61
C ARG B 403 8.75 8.61 -10.47
N THR B 404 8.24 7.93 -11.50
CA THR B 404 9.13 7.14 -12.35
C THR B 404 10.04 8.01 -13.18
N ALA B 405 9.55 9.17 -13.65
CA ALA B 405 10.40 10.06 -14.44
C ALA B 405 11.51 10.67 -13.59
N GLU B 406 11.19 11.07 -12.35
CA GLU B 406 12.23 11.59 -11.47
C GLU B 406 13.28 10.52 -11.16
N ALA B 407 12.85 9.29 -10.94
CA ALA B 407 13.78 8.22 -10.62
C ALA B 407 14.70 7.91 -11.80
N SER B 408 14.14 7.86 -13.02
CA SER B 408 14.96 7.58 -14.19
C SER B 408 16.05 8.63 -14.38
N ARG B 409 15.76 9.88 -14.03
CA ARG B 409 16.74 10.95 -14.18
C ARG B 409 17.81 10.88 -13.10
N PHE B 410 17.40 10.69 -11.84
CA PHE B 410 18.36 10.55 -10.75
C PHE B 410 19.35 9.42 -11.03
N ARG B 411 18.84 8.27 -11.45
CA ARG B 411 19.66 7.07 -11.66
C ARG B 411 20.49 7.13 -12.94
N GLY B 412 20.42 8.24 -13.69
CA GLY B 412 21.19 8.37 -14.90
C GLY B 412 20.69 7.58 -16.08
N TRP B 413 19.43 7.13 -16.06
CA TRP B 413 18.89 6.41 -17.21
C TRP B 413 18.63 7.33 -18.39
N VAL B 414 18.46 8.62 -18.13
CA VAL B 414 18.41 9.63 -19.18
C VAL B 414 19.14 10.87 -18.67
N LEU C 5 -20.71 -34.96 -18.08
CA LEU C 5 -21.30 -36.24 -17.68
C LEU C 5 -21.39 -36.38 -16.18
N ASN C 6 -20.59 -35.59 -15.45
CA ASN C 6 -20.57 -35.64 -14.00
C ASN C 6 -21.98 -35.50 -13.43
N LEU C 7 -22.65 -34.39 -13.73
CA LEU C 7 -24.03 -34.22 -13.30
C LEU C 7 -24.99 -35.12 -14.06
N PHE C 8 -24.69 -35.40 -15.33
CA PHE C 8 -25.64 -36.16 -16.16
C PHE C 8 -25.69 -37.62 -15.72
N THR C 9 -24.53 -38.27 -15.53
CA THR C 9 -24.53 -39.65 -15.10
C THR C 9 -25.08 -39.79 -13.69
N SER C 10 -24.80 -38.82 -12.82
CA SER C 10 -25.41 -38.79 -11.50
C SER C 10 -26.93 -38.75 -11.61
N THR C 11 -27.46 -37.91 -12.52
CA THR C 11 -28.89 -37.86 -12.74
C THR C 11 -29.41 -39.17 -13.31
N GLN C 12 -28.63 -39.81 -14.19
CA GLN C 12 -29.05 -41.09 -14.74
C GLN C 12 -29.21 -42.14 -13.65
N GLU C 13 -28.32 -42.13 -12.65
CA GLU C 13 -28.43 -43.09 -11.56
C GLU C 13 -29.63 -42.79 -10.68
N VAL C 14 -29.95 -41.51 -10.48
CA VAL C 14 -31.14 -41.15 -9.72
C VAL C 14 -32.38 -41.76 -10.36
N VAL C 15 -32.48 -41.69 -11.69
CA VAL C 15 -33.62 -42.28 -12.39
C VAL C 15 -33.60 -43.79 -12.25
N LYS C 16 -32.42 -44.41 -12.37
CA LYS C 16 -32.33 -45.86 -12.27
C LYS C 16 -32.71 -46.35 -10.87
N GLU C 17 -32.27 -45.61 -9.85
CA GLU C 17 -32.57 -46.01 -8.47
C GLU C 17 -34.06 -45.89 -8.16
N ALA C 18 -34.70 -44.82 -8.64
CA ALA C 18 -36.12 -44.65 -8.40
C ALA C 18 -36.95 -45.68 -9.17
N LEU C 19 -36.59 -45.94 -10.42
CA LEU C 19 -37.33 -46.92 -11.22
C LEU C 19 -37.16 -48.32 -10.67
N ASN C 20 -35.97 -48.65 -10.17
CA ASN C 20 -35.75 -49.97 -9.59
C ASN C 20 -36.60 -50.17 -8.33
N LYS C 21 -36.71 -49.13 -7.51
CA LYS C 21 -37.50 -49.26 -6.29
C LYS C 21 -38.99 -49.35 -6.59
N LEU C 22 -39.45 -48.64 -7.62
CA LEU C 22 -40.86 -48.69 -8.00
C LEU C 22 -41.23 -50.02 -8.66
N GLY C 23 -40.26 -50.72 -9.25
CA GLY C 23 -40.49 -52.03 -9.81
C GLY C 23 -40.52 -52.12 -11.33
N TYR C 24 -39.91 -51.19 -12.04
CA TYR C 24 -39.88 -51.24 -13.50
C TYR C 24 -38.64 -51.98 -13.98
N ASP C 25 -38.74 -52.54 -15.19
CA ASP C 25 -37.67 -53.37 -15.72
C ASP C 25 -36.63 -52.50 -16.41
N GLU C 26 -35.66 -53.17 -17.05
CA GLU C 26 -34.53 -52.46 -17.66
C GLU C 26 -34.98 -51.57 -18.81
N ALA C 27 -36.02 -51.96 -19.54
CA ALA C 27 -36.44 -51.19 -20.71
C ALA C 27 -36.97 -49.81 -20.31
N MET C 28 -37.60 -49.70 -19.15
CA MET C 28 -38.09 -48.40 -18.72
C MET C 28 -36.94 -47.43 -18.46
N TYR C 29 -35.84 -47.92 -17.87
CA TYR C 29 -34.69 -47.07 -17.64
C TYR C 29 -34.03 -46.68 -18.96
N GLU C 30 -33.97 -47.61 -19.91
CA GLU C 30 -33.38 -47.30 -21.21
C GLU C 30 -34.16 -46.25 -21.97
N LEU C 31 -35.43 -46.06 -21.62
CA LEU C 31 -36.24 -45.03 -22.27
C LEU C 31 -36.07 -43.67 -21.60
N LEU C 32 -35.90 -43.66 -20.27
CA LEU C 32 -35.86 -42.41 -19.51
C LEU C 32 -34.45 -41.93 -19.19
N LYS C 33 -33.42 -42.75 -19.40
CA LYS C 33 -32.07 -42.34 -19.05
C LYS C 33 -31.54 -41.24 -19.98
N GLU C 34 -32.11 -41.11 -21.18
CA GLU C 34 -31.75 -40.08 -22.13
C GLU C 34 -33.02 -39.39 -22.62
N PRO C 35 -32.98 -38.07 -22.84
CA PRO C 35 -34.16 -37.38 -23.37
C PRO C 35 -34.57 -37.93 -24.72
N LEU C 36 -35.88 -37.95 -24.96
CA LEU C 36 -36.39 -38.44 -26.24
C LEU C 36 -35.92 -37.58 -27.41
N ARG C 37 -35.77 -36.28 -27.18
CA ARG C 37 -35.41 -35.34 -28.24
C ARG C 37 -34.42 -34.33 -27.69
N LEU C 38 -33.33 -34.13 -28.43
CA LEU C 38 -32.31 -33.15 -28.09
C LEU C 38 -31.96 -32.38 -29.36
N LEU C 39 -32.13 -31.07 -29.32
CA LEU C 39 -31.92 -30.21 -30.48
C LEU C 39 -30.70 -29.32 -30.22
N LYS C 40 -29.62 -29.56 -30.95
CA LYS C 40 -28.46 -28.70 -30.93
C LYS C 40 -28.55 -27.77 -32.14
N VAL C 41 -28.34 -26.48 -31.91
CA VAL C 41 -28.67 -25.46 -32.91
C VAL C 41 -27.58 -24.39 -32.94
N ARG C 42 -27.39 -23.81 -34.12
CA ARG C 42 -26.44 -22.71 -34.32
C ARG C 42 -27.20 -21.47 -34.77
N ILE C 43 -26.96 -20.36 -34.10
CA ILE C 43 -27.75 -19.14 -34.24
C ILE C 43 -26.84 -18.02 -34.73
N PRO C 44 -27.08 -17.47 -35.92
CA PRO C 44 -26.33 -16.28 -36.35
C PRO C 44 -26.99 -15.00 -35.86
N VAL C 45 -26.19 -14.08 -35.31
CA VAL C 45 -26.68 -12.83 -34.76
C VAL C 45 -25.81 -11.69 -35.27
N LYS C 46 -26.44 -10.64 -35.77
CA LYS C 46 -25.72 -9.42 -36.12
C LYS C 46 -25.33 -8.68 -34.86
N MET C 47 -24.03 -8.47 -34.66
CA MET C 47 -23.56 -7.74 -33.48
C MET C 47 -23.62 -6.24 -33.73
N ASP C 48 -23.46 -5.47 -32.64
CA ASP C 48 -23.62 -4.02 -32.73
C ASP C 48 -22.60 -3.40 -33.67
N ASP C 49 -21.37 -3.93 -33.68
CA ASP C 49 -20.31 -3.34 -34.50
C ASP C 49 -20.52 -3.56 -35.99
N GLY C 50 -21.42 -4.46 -36.37
CA GLY C 50 -21.62 -4.82 -37.76
C GLY C 50 -21.17 -6.23 -38.11
N THR C 51 -20.41 -6.87 -37.23
CA THR C 51 -19.93 -8.22 -37.48
C THR C 51 -21.03 -9.24 -37.13
N THR C 52 -20.72 -10.52 -37.35
CA THR C 52 -21.66 -11.61 -37.13
C THR C 52 -21.03 -12.66 -36.25
N GLN C 53 -21.72 -12.99 -35.16
CA GLN C 53 -21.33 -14.08 -34.27
C GLN C 53 -22.33 -15.22 -34.39
N VAL C 54 -21.86 -16.44 -34.16
CA VAL C 54 -22.70 -17.63 -34.23
C VAL C 54 -22.62 -18.34 -32.90
N PHE C 55 -23.77 -18.51 -32.25
CA PHE C 55 -23.86 -19.08 -30.92
C PHE C 55 -24.44 -20.50 -30.98
N THR C 56 -24.07 -21.32 -30.01
CA THR C 56 -24.55 -22.69 -29.90
C THR C 56 -25.69 -22.72 -28.89
N GLY C 57 -26.86 -23.17 -29.34
CA GLY C 57 -28.00 -23.31 -28.46
C GLY C 57 -28.45 -24.75 -28.29
N TYR C 58 -29.18 -25.02 -27.22
CA TYR C 58 -29.67 -26.36 -26.93
C TYR C 58 -31.12 -26.30 -26.50
N ARG C 59 -31.85 -27.38 -26.80
CA ARG C 59 -33.18 -27.61 -26.22
C ARG C 59 -33.31 -29.10 -26.02
N ALA C 60 -33.50 -29.52 -24.77
CA ALA C 60 -33.71 -30.91 -24.42
C ALA C 60 -35.15 -31.10 -23.98
N GLN C 61 -35.80 -32.12 -24.52
CA GLN C 61 -37.16 -32.49 -24.13
C GLN C 61 -37.11 -33.94 -23.67
N HIS C 62 -37.11 -34.14 -22.35
CA HIS C 62 -36.85 -35.45 -21.77
C HIS C 62 -37.95 -36.45 -22.09
N SER C 63 -39.17 -36.17 -21.65
CA SER C 63 -40.29 -37.07 -21.89
C SER C 63 -41.57 -36.27 -21.90
N ASP C 64 -42.38 -36.47 -22.95
CA ASP C 64 -43.68 -35.83 -23.04
C ASP C 64 -44.82 -36.83 -22.84
N ALA C 65 -44.53 -37.94 -22.14
CA ALA C 65 -45.56 -38.93 -21.86
C ALA C 65 -46.71 -38.33 -21.06
N VAL C 66 -46.38 -37.52 -20.04
CA VAL C 66 -47.40 -36.95 -19.17
C VAL C 66 -48.10 -35.76 -19.83
N GLY C 67 -47.39 -35.03 -20.70
CA GLY C 67 -47.94 -33.90 -21.38
C GLY C 67 -46.85 -33.10 -22.07
N PRO C 68 -47.13 -31.85 -22.41
CA PRO C 68 -46.07 -31.01 -22.98
C PRO C 68 -44.90 -30.86 -22.01
N THR C 69 -43.73 -30.58 -22.58
CA THR C 69 -42.50 -30.50 -21.81
C THR C 69 -42.29 -29.06 -21.33
N LYS C 70 -41.66 -28.92 -20.16
CA LYS C 70 -41.55 -27.61 -19.50
C LYS C 70 -40.19 -27.46 -18.83
N GLY C 71 -39.58 -26.29 -19.03
CA GLY C 71 -38.30 -25.99 -18.42
C GLY C 71 -37.64 -24.73 -18.96
N GLY C 72 -36.71 -24.16 -18.19
CA GLY C 72 -36.19 -22.84 -18.49
C GLY C 72 -35.05 -22.82 -19.50
N VAL C 73 -34.65 -21.60 -19.86
CA VAL C 73 -33.56 -21.35 -20.80
C VAL C 73 -32.52 -20.47 -20.09
N ARG C 74 -31.27 -20.90 -20.10
CA ARG C 74 -30.20 -20.15 -19.45
C ARG C 74 -29.17 -19.68 -20.47
N PHE C 75 -28.73 -18.44 -20.30
CA PHE C 75 -27.64 -17.85 -21.08
C PHE C 75 -26.40 -17.87 -20.20
N HIS C 76 -25.41 -18.70 -20.53
CA HIS C 76 -24.23 -18.80 -19.70
C HIS C 76 -23.06 -19.32 -20.52
N PRO C 77 -21.83 -18.92 -20.20
CA PRO C 77 -20.67 -19.47 -20.92
C PRO C 77 -20.39 -20.93 -20.62
N MET C 78 -20.93 -21.48 -19.53
CA MET C 78 -20.65 -22.85 -19.11
C MET C 78 -21.79 -23.82 -19.45
N VAL C 79 -22.76 -23.39 -20.26
CA VAL C 79 -23.79 -24.30 -20.73
C VAL C 79 -23.16 -25.44 -21.51
N SER C 80 -23.65 -26.65 -21.29
CA SER C 80 -23.15 -27.83 -21.99
C SER C 80 -24.32 -28.74 -22.35
N GLU C 81 -24.09 -29.61 -23.34
CA GLU C 81 -25.13 -30.54 -23.76
C GLU C 81 -25.56 -31.45 -22.61
N ASP C 82 -24.58 -31.99 -21.87
CA ASP C 82 -24.92 -32.87 -20.74
C ASP C 82 -25.64 -32.13 -19.64
N GLU C 83 -25.35 -30.84 -19.45
CA GLU C 83 -26.02 -30.08 -18.40
C GLU C 83 -27.49 -29.87 -18.72
N VAL C 84 -27.81 -29.50 -19.97
CA VAL C 84 -29.21 -29.28 -20.31
C VAL C 84 -29.97 -30.60 -20.36
N LYS C 85 -29.30 -31.68 -20.73
CA LYS C 85 -29.94 -33.00 -20.69
C LYS C 85 -30.25 -33.40 -19.25
N ALA C 86 -29.27 -33.25 -18.36
CA ALA C 86 -29.48 -33.60 -16.95
C ALA C 86 -30.58 -32.73 -16.34
N LEU C 87 -30.54 -31.43 -16.60
CA LEU C 87 -31.47 -30.52 -15.95
C LEU C 87 -32.90 -30.71 -16.45
N SER C 88 -33.09 -31.10 -17.71
CA SER C 88 -34.44 -31.41 -18.19
C SER C 88 -35.00 -32.64 -17.50
N MET C 89 -34.14 -33.63 -17.23
CA MET C 89 -34.59 -34.81 -16.50
C MET C 89 -34.99 -34.46 -15.08
N TRP C 90 -34.35 -33.46 -14.48
CA TRP C 90 -34.77 -33.00 -13.16
C TRP C 90 -36.12 -32.29 -13.21
N MET C 91 -36.40 -31.59 -14.30
CA MET C 91 -37.70 -30.97 -14.47
C MET C 91 -38.81 -32.01 -14.53
N THR C 92 -38.53 -33.20 -15.07
CA THR C 92 -39.51 -34.28 -15.07
C THR C 92 -39.86 -34.69 -13.65
N LEU C 93 -38.85 -34.85 -12.80
CA LEU C 93 -39.11 -35.22 -11.40
C LEU C 93 -39.80 -34.07 -10.66
N LYS C 94 -39.36 -32.84 -10.87
CA LYS C 94 -39.99 -31.70 -10.23
C LYS C 94 -41.49 -31.65 -10.56
N CYS C 95 -41.83 -31.70 -11.84
CA CYS C 95 -43.23 -31.66 -12.25
C CYS C 95 -43.99 -32.86 -11.70
N GLY C 96 -43.33 -34.03 -11.64
CA GLY C 96 -43.97 -35.20 -11.06
C GLY C 96 -44.22 -35.07 -9.58
N ILE C 97 -43.34 -34.37 -8.87
CA ILE C 97 -43.52 -34.18 -7.43
C ILE C 97 -44.77 -33.36 -7.14
N VAL C 98 -45.01 -32.31 -7.92
CA VAL C 98 -46.17 -31.45 -7.70
C VAL C 98 -47.29 -31.86 -8.64
N ASP C 99 -47.14 -33.03 -9.27
CA ASP C 99 -48.19 -33.64 -10.08
C ASP C 99 -48.68 -32.70 -11.19
N LEU C 100 -47.73 -32.09 -11.87
CA LEU C 100 -48.11 -31.23 -12.98
C LEU C 100 -48.27 -32.04 -14.26
N PRO C 101 -49.17 -31.62 -15.16
CA PRO C 101 -49.33 -32.33 -16.43
C PRO C 101 -48.20 -31.98 -17.38
N TYR C 102 -46.95 -32.05 -16.89
CA TYR C 102 -45.78 -31.59 -17.63
C TYR C 102 -44.76 -32.71 -17.75
N GLY C 103 -43.85 -32.55 -18.72
CA GLY C 103 -42.64 -33.32 -18.79
C GLY C 103 -41.43 -32.40 -18.66
N GLY C 104 -40.26 -33.02 -18.61
CA GLY C 104 -39.04 -32.27 -18.41
C GLY C 104 -38.47 -31.63 -19.67
N GLY C 105 -38.30 -30.31 -19.63
CA GLY C 105 -37.60 -29.59 -20.68
C GLY C 105 -36.53 -28.70 -20.11
N LYS C 106 -35.64 -28.25 -21.00
CA LYS C 106 -34.53 -27.41 -20.60
C LYS C 106 -33.81 -26.91 -21.84
N GLY C 107 -33.36 -25.66 -21.79
CA GLY C 107 -32.62 -25.08 -22.90
C GLY C 107 -31.47 -24.24 -22.38
N GLY C 108 -30.56 -23.93 -23.30
CA GLY C 108 -29.38 -23.16 -22.95
C GLY C 108 -28.67 -22.66 -24.18
N ILE C 109 -28.05 -21.49 -24.04
CA ILE C 109 -27.26 -20.89 -25.11
C ILE C 109 -25.89 -20.59 -24.53
N ILE C 110 -24.83 -20.97 -25.24
CA ILE C 110 -23.46 -20.69 -24.81
C ILE C 110 -23.13 -19.26 -25.23
N CYS C 111 -23.12 -18.35 -24.26
CA CYS C 111 -22.83 -16.94 -24.51
C CYS C 111 -22.53 -16.29 -23.17
N ASP C 112 -22.03 -15.06 -23.22
CA ASP C 112 -21.76 -14.28 -22.01
C ASP C 112 -22.62 -13.04 -22.04
N PRO C 113 -23.78 -13.04 -21.36
CA PRO C 113 -24.70 -11.89 -21.48
C PRO C 113 -24.10 -10.58 -21.01
N ARG C 114 -23.18 -10.61 -20.05
CA ARG C 114 -22.58 -9.38 -19.56
C ARG C 114 -21.74 -8.69 -20.63
N GLN C 115 -21.22 -9.44 -21.59
CA GLN C 115 -20.44 -8.88 -22.67
C GLN C 115 -21.27 -8.53 -23.90
N MET C 116 -22.59 -8.61 -23.80
CA MET C 116 -23.49 -8.34 -24.92
C MET C 116 -24.39 -7.15 -24.60
N SER C 117 -24.81 -6.44 -25.63
CA SER C 117 -25.68 -5.29 -25.47
C SER C 117 -27.14 -5.75 -25.32
N MET C 118 -28.04 -4.77 -25.20
CA MET C 118 -29.46 -5.11 -25.07
C MET C 118 -30.06 -5.54 -26.40
N GLY C 119 -29.65 -4.91 -27.50
CA GLY C 119 -30.12 -5.33 -28.80
C GLY C 119 -29.57 -6.68 -29.22
N GLU C 120 -28.31 -6.95 -28.85
CA GLU C 120 -27.71 -8.24 -29.17
C GLU C 120 -28.39 -9.37 -28.40
N LEU C 121 -28.70 -9.15 -27.12
CA LEU C 121 -29.43 -10.14 -26.35
C LEU C 121 -30.83 -10.36 -26.91
N GLU C 122 -31.45 -9.31 -27.45
CA GLU C 122 -32.76 -9.47 -28.09
C GLU C 122 -32.65 -10.30 -29.36
N ARG C 123 -31.72 -9.92 -30.24
CA ARG C 123 -31.58 -10.63 -31.51
C ARG C 123 -31.12 -12.07 -31.29
N LEU C 124 -30.34 -12.30 -30.24
CA LEU C 124 -30.01 -13.68 -29.87
C LEU C 124 -31.24 -14.41 -29.37
N SER C 125 -32.10 -13.71 -28.62
CA SER C 125 -33.32 -14.33 -28.11
C SER C 125 -34.28 -14.70 -29.24
N ARG C 126 -34.37 -13.84 -30.26
CA ARG C 126 -35.28 -14.13 -31.36
C ARG C 126 -34.75 -15.26 -32.24
N GLY C 127 -33.45 -15.26 -32.52
CA GLY C 127 -32.88 -16.31 -33.33
C GLY C 127 -32.97 -17.69 -32.69
N TYR C 128 -32.90 -17.74 -31.36
CA TYR C 128 -33.05 -19.00 -30.64
C TYR C 128 -34.45 -19.57 -30.85
N VAL C 129 -35.48 -18.73 -30.67
CA VAL C 129 -36.85 -19.17 -30.91
C VAL C 129 -37.03 -19.62 -32.34
N ARG C 130 -36.52 -18.84 -33.29
CA ARG C 130 -36.67 -19.20 -34.70
C ARG C 130 -36.02 -20.54 -35.00
N ALA C 131 -34.88 -20.83 -34.36
CA ALA C 131 -34.12 -22.04 -34.65
C ALA C 131 -34.76 -23.29 -34.05
N ILE C 132 -35.54 -23.17 -32.99
CA ILE C 132 -36.15 -24.31 -32.34
C ILE C 132 -37.67 -24.30 -32.42
N SER C 133 -38.24 -23.37 -33.20
CA SER C 133 -39.69 -23.19 -33.20
C SER C 133 -40.42 -24.44 -33.67
N GLN C 134 -39.79 -25.24 -34.53
CA GLN C 134 -40.47 -26.41 -35.08
C GLN C 134 -40.85 -27.43 -34.01
N ILE C 135 -40.22 -27.39 -32.84
CA ILE C 135 -40.45 -28.40 -31.81
C ILE C 135 -40.89 -27.78 -30.49
N VAL C 136 -41.27 -26.50 -30.48
CA VAL C 136 -41.73 -25.85 -29.26
C VAL C 136 -43.07 -25.16 -29.55
N GLY C 137 -43.73 -24.75 -28.48
CA GLY C 137 -45.01 -24.11 -28.56
C GLY C 137 -45.86 -24.36 -27.33
N PRO C 138 -47.00 -23.68 -27.24
CA PRO C 138 -47.84 -23.80 -26.03
C PRO C 138 -48.34 -25.21 -25.77
N THR C 139 -48.35 -26.09 -26.78
CA THR C 139 -48.80 -27.46 -26.61
C THR C 139 -47.68 -28.48 -26.75
N LYS C 140 -46.45 -28.04 -26.99
CA LYS C 140 -45.30 -28.95 -27.15
C LYS C 140 -44.28 -28.78 -26.04
N ASP C 141 -43.64 -27.61 -25.97
CA ASP C 141 -42.49 -27.38 -25.11
C ASP C 141 -42.55 -25.93 -24.64
N ILE C 142 -42.71 -25.73 -23.34
CA ILE C 142 -42.96 -24.42 -22.76
C ILE C 142 -41.72 -23.93 -22.01
N PRO C 143 -40.92 -23.05 -22.60
CA PRO C 143 -39.72 -22.56 -21.92
C PRO C 143 -40.06 -21.55 -20.84
N GLY C 144 -39.02 -21.10 -20.14
CA GLY C 144 -39.15 -20.10 -19.10
C GLY C 144 -37.81 -19.51 -18.72
N PRO C 145 -37.79 -18.68 -17.68
CA PRO C 145 -36.54 -18.05 -17.26
C PRO C 145 -35.62 -19.01 -16.52
N ASP C 146 -34.34 -18.65 -16.51
CA ASP C 146 -33.34 -19.38 -15.74
C ASP C 146 -32.14 -18.48 -15.50
N MET C 147 -30.93 -19.03 -15.54
CA MET C 147 -29.73 -18.22 -15.30
C MET C 147 -29.56 -17.16 -16.39
N PHE C 148 -29.42 -15.91 -15.96
CA PHE C 148 -29.19 -14.75 -16.82
C PHE C 148 -30.37 -14.41 -17.72
N THR C 149 -31.51 -15.06 -17.57
CA THR C 149 -32.72 -14.66 -18.28
C THR C 149 -33.71 -14.05 -17.30
N ASN C 150 -34.63 -13.27 -17.85
CA ASN C 150 -35.56 -12.48 -17.05
C ASN C 150 -36.85 -12.31 -17.84
N ALA C 151 -37.77 -11.50 -17.31
CA ALA C 151 -39.06 -11.30 -17.97
C ALA C 151 -38.91 -10.62 -19.32
N GLN C 152 -37.90 -9.75 -19.46
CA GLN C 152 -37.69 -9.08 -20.74
C GLN C 152 -37.24 -10.07 -21.82
N ILE C 153 -36.35 -11.00 -21.48
CA ILE C 153 -35.94 -12.03 -22.42
C ILE C 153 -37.12 -12.93 -22.76
N MET C 154 -37.98 -13.20 -21.77
CA MET C 154 -39.22 -13.93 -22.05
C MET C 154 -40.15 -13.13 -22.95
N ALA C 155 -40.18 -11.81 -22.77
CA ALA C 155 -41.04 -10.97 -23.60
C ALA C 155 -40.57 -10.96 -25.05
N TRP C 156 -39.25 -10.91 -25.26
CA TRP C 156 -38.71 -10.97 -26.62
C TRP C 156 -39.03 -12.30 -27.28
N MET C 157 -38.97 -13.41 -26.52
CA MET C 157 -39.22 -14.72 -27.10
C MET C 157 -40.70 -14.93 -27.37
N MET C 158 -41.57 -14.44 -26.48
CA MET C 158 -43.00 -14.51 -26.73
C MET C 158 -43.38 -13.74 -27.99
N ASP C 159 -42.73 -12.60 -28.22
CA ASP C 159 -43.04 -11.79 -29.40
C ASP C 159 -42.61 -12.49 -30.68
N GLU C 160 -41.40 -13.05 -30.70
CA GLU C 160 -40.92 -13.71 -31.92
C GLU C 160 -41.77 -14.91 -32.28
N TYR C 161 -42.19 -15.69 -31.27
CA TYR C 161 -43.05 -16.84 -31.55
C TYR C 161 -44.41 -16.40 -32.08
N SER C 162 -44.98 -15.34 -31.49
CA SER C 162 -46.27 -14.85 -31.95
C SER C 162 -46.18 -14.25 -33.35
N ARG C 163 -45.02 -13.70 -33.72
CA ARG C 163 -44.83 -13.23 -35.08
C ARG C 163 -44.84 -14.39 -36.06
N MET C 164 -44.07 -15.44 -35.77
CA MET C 164 -44.04 -16.62 -36.64
C MET C 164 -45.42 -17.24 -36.75
N ASP C 165 -46.20 -17.20 -35.67
CA ASP C 165 -47.51 -17.83 -35.63
C ASP C 165 -48.60 -16.99 -36.27
N GLU C 166 -48.38 -15.68 -36.43
CA GLU C 166 -49.36 -14.72 -36.92
C GLU C 166 -50.50 -14.48 -35.93
N PHE C 167 -50.32 -14.86 -34.67
CA PHE C 167 -51.27 -14.57 -33.62
C PHE C 167 -50.59 -14.71 -32.27
N ASN C 168 -51.13 -13.99 -31.28
CA ASN C 168 -50.51 -13.96 -29.96
C ASN C 168 -50.61 -15.32 -29.27
N SER C 169 -49.46 -15.87 -28.88
CA SER C 169 -49.36 -17.16 -28.20
C SER C 169 -48.66 -16.95 -26.85
N PRO C 170 -49.34 -16.35 -25.87
CA PRO C 170 -48.70 -16.13 -24.57
C PRO C 170 -48.39 -17.41 -23.83
N GLY C 171 -49.12 -18.49 -24.09
CA GLY C 171 -48.85 -19.76 -23.44
C GLY C 171 -47.59 -20.47 -23.90
N PHE C 172 -46.86 -19.90 -24.87
CA PHE C 172 -45.64 -20.53 -25.33
C PHE C 172 -44.57 -20.52 -24.26
N ILE C 173 -44.46 -19.43 -23.50
CA ILE C 173 -43.35 -19.22 -22.57
C ILE C 173 -43.91 -18.61 -21.28
N THR C 174 -43.30 -18.98 -20.16
CA THR C 174 -43.70 -18.47 -18.85
C THR C 174 -42.66 -17.49 -18.33
N GLY C 175 -43.02 -16.78 -17.26
CA GLY C 175 -42.19 -15.71 -16.76
C GLY C 175 -42.36 -14.39 -17.47
N LYS C 176 -43.40 -14.24 -18.30
CA LYS C 176 -43.63 -13.00 -19.02
C LYS C 176 -44.01 -11.88 -18.06
N PRO C 177 -43.92 -10.63 -18.50
CA PRO C 177 -44.49 -9.53 -17.73
C PRO C 177 -45.99 -9.70 -17.58
N LEU C 178 -46.57 -8.95 -16.62
CA LEU C 178 -47.99 -9.10 -16.32
C LEU C 178 -48.88 -8.58 -17.45
N VAL C 179 -48.39 -7.62 -18.24
CA VAL C 179 -49.19 -7.14 -19.37
C VAL C 179 -49.13 -8.05 -20.57
N LEU C 180 -48.26 -9.06 -20.55
CA LEU C 180 -48.16 -10.02 -21.64
C LEU C 180 -48.70 -11.40 -21.27
N GLY C 181 -49.43 -11.49 -20.17
CA GLY C 181 -49.99 -12.76 -19.72
C GLY C 181 -49.26 -13.42 -18.57
N GLY C 182 -48.37 -12.72 -17.91
CA GLY C 182 -47.72 -13.26 -16.73
C GLY C 182 -48.71 -13.48 -15.60
N SER C 183 -48.24 -14.21 -14.59
CA SER C 183 -49.06 -14.58 -13.45
C SER C 183 -48.70 -13.75 -12.23
N LYS C 184 -49.70 -13.39 -11.44
CA LYS C 184 -49.46 -12.79 -10.14
C LYS C 184 -49.02 -13.87 -9.16
N GLY C 185 -48.51 -13.43 -8.02
CA GLY C 185 -48.02 -14.35 -6.99
C GLY C 185 -46.86 -15.21 -7.45
N ARG C 186 -45.91 -14.63 -8.19
CA ARG C 186 -44.81 -15.37 -8.79
C ARG C 186 -43.45 -15.08 -8.16
N ASP C 187 -43.28 -13.90 -7.57
CA ASP C 187 -41.96 -13.47 -7.12
C ASP C 187 -41.38 -14.43 -6.08
N ARG C 188 -42.01 -14.52 -4.91
CA ARG C 188 -41.54 -15.41 -3.85
C ARG C 188 -42.19 -16.78 -3.90
N ALA C 189 -42.46 -17.30 -5.11
CA ALA C 189 -43.16 -18.56 -5.24
C ALA C 189 -42.34 -19.72 -4.68
N THR C 190 -41.05 -19.76 -4.99
CA THR C 190 -40.20 -20.85 -4.50
C THR C 190 -39.97 -20.72 -2.99
N ALA C 191 -39.70 -19.51 -2.52
CA ALA C 191 -39.43 -19.31 -1.10
C ALA C 191 -40.66 -19.59 -0.24
N GLU C 192 -41.81 -19.03 -0.63
CA GLU C 192 -43.04 -19.33 0.10
C GLU C 192 -43.39 -20.81 0.00
N GLY C 193 -42.93 -21.48 -1.06
CA GLY C 193 -43.12 -22.92 -1.15
C GLY C 193 -42.40 -23.67 -0.04
N VAL C 194 -41.15 -23.28 0.23
CA VAL C 194 -40.40 -23.88 1.33
C VAL C 194 -41.11 -23.62 2.65
N THR C 195 -41.76 -22.46 2.78
CA THR C 195 -42.52 -22.15 4.00
C THR C 195 -43.61 -23.19 4.24
N ILE C 196 -44.36 -23.55 3.19
CA ILE C 196 -45.43 -24.52 3.34
C ILE C 196 -44.87 -25.91 3.66
N VAL C 197 -43.65 -26.20 3.20
CA VAL C 197 -43.05 -27.50 3.48
C VAL C 197 -42.55 -27.58 4.92
N ILE C 198 -42.10 -26.45 5.48
CA ILE C 198 -41.66 -26.45 6.88
C ILE C 198 -42.86 -26.67 7.81
N GLN C 199 -43.93 -25.90 7.60
CA GLN C 199 -45.10 -26.00 8.48
C GLN C 199 -45.75 -27.37 8.39
N GLU C 200 -45.72 -27.99 7.21
CA GLU C 200 -46.34 -29.31 7.09
C GLU C 200 -45.48 -30.39 7.74
N ALA C 201 -44.15 -30.24 7.69
CA ALA C 201 -43.29 -31.16 8.42
C ALA C 201 -43.46 -31.01 9.92
N ALA C 202 -43.71 -29.77 10.40
CA ALA C 202 -43.94 -29.56 11.81
C ALA C 202 -45.18 -30.32 12.29
N LYS C 203 -46.25 -30.29 11.50
CA LYS C 203 -47.47 -30.99 11.88
C LYS C 203 -47.30 -32.50 11.80
N LYS C 204 -46.40 -32.98 10.93
CA LYS C 204 -46.14 -34.42 10.87
C LYS C 204 -45.47 -34.92 12.15
N ARG C 205 -44.59 -34.11 12.73
CA ARG C 205 -43.99 -34.41 14.01
C ARG C 205 -44.75 -33.81 15.17
N ASN C 206 -45.95 -33.27 14.92
CA ASN C 206 -46.82 -32.72 15.97
C ASN C 206 -46.11 -31.64 16.77
N ILE C 207 -45.41 -30.74 16.08
CA ILE C 207 -44.63 -29.69 16.70
C ILE C 207 -45.43 -28.40 16.68
N ASP C 208 -45.59 -27.77 17.85
CA ASP C 208 -46.24 -26.47 17.92
C ASP C 208 -45.38 -25.43 17.21
N ILE C 209 -45.99 -24.69 16.29
CA ILE C 209 -45.26 -23.69 15.52
C ILE C 209 -45.04 -22.42 16.34
N LYS C 210 -45.97 -22.08 17.23
CA LYS C 210 -45.88 -20.83 17.96
C LYS C 210 -44.60 -20.76 18.79
N GLY C 211 -44.28 -21.82 19.51
CA GLY C 211 -43.07 -21.89 20.29
C GLY C 211 -41.92 -22.62 19.62
N ALA C 212 -42.03 -22.93 18.34
CA ALA C 212 -41.03 -23.74 17.66
C ALA C 212 -39.69 -23.01 17.57
N ARG C 213 -38.61 -23.78 17.73
CA ARG C 213 -37.26 -23.26 17.62
C ARG C 213 -36.71 -23.58 16.24
N VAL C 214 -36.25 -22.55 15.53
CA VAL C 214 -35.82 -22.66 14.14
C VAL C 214 -34.37 -22.25 14.02
N VAL C 215 -33.61 -22.98 13.21
CA VAL C 215 -32.22 -22.65 12.89
C VAL C 215 -32.09 -22.56 11.38
N ILE C 216 -31.42 -21.51 10.91
CA ILE C 216 -31.31 -21.22 9.48
C ILE C 216 -29.86 -20.86 9.17
N GLN C 217 -29.29 -21.54 8.18
CA GLN C 217 -27.94 -21.25 7.71
C GLN C 217 -28.01 -20.34 6.49
N GLY C 218 -27.04 -19.45 6.37
CA GLY C 218 -27.01 -18.50 5.27
C GLY C 218 -28.00 -17.36 5.46
N PHE C 219 -27.57 -16.14 5.13
CA PHE C 219 -28.40 -14.97 5.36
C PHE C 219 -28.47 -14.05 4.15
N GLY C 220 -28.43 -14.62 2.95
CA GLY C 220 -28.61 -13.84 1.74
C GLY C 220 -30.07 -13.49 1.53
N ASN C 221 -30.49 -13.31 0.27
CA ASN C 221 -31.90 -13.05 0.02
C ASN C 221 -32.76 -14.26 0.34
N ALA C 222 -32.22 -15.47 0.18
CA ALA C 222 -33.00 -16.68 0.40
C ALA C 222 -33.20 -16.94 1.90
N GLY C 223 -32.10 -17.01 2.66
CA GLY C 223 -32.20 -17.38 4.05
C GLY C 223 -32.84 -16.31 4.91
N SER C 224 -32.50 -15.04 4.67
CA SER C 224 -33.05 -13.95 5.46
C SER C 224 -34.57 -13.85 5.28
N PHE C 225 -35.08 -14.17 4.09
CA PHE C 225 -36.52 -14.23 3.90
C PHE C 225 -37.15 -15.28 4.80
N LEU C 226 -36.54 -16.46 4.87
CA LEU C 226 -37.06 -17.52 5.73
C LEU C 226 -37.02 -17.13 7.20
N ALA C 227 -35.97 -16.39 7.61
CA ALA C 227 -35.85 -15.99 9.00
C ALA C 227 -36.99 -15.07 9.42
N LYS C 228 -37.27 -14.05 8.61
CA LYS C 228 -38.37 -13.15 8.92
C LYS C 228 -39.70 -13.90 8.89
N PHE C 229 -39.94 -14.67 7.83
CA PHE C 229 -41.22 -15.37 7.70
C PHE C 229 -41.46 -16.30 8.88
N MET C 230 -40.41 -16.92 9.42
CA MET C 230 -40.58 -17.77 10.60
C MET C 230 -40.91 -16.94 11.83
N SER C 231 -40.12 -15.91 12.11
CA SER C 231 -40.40 -15.05 13.26
C SER C 231 -41.73 -14.34 13.10
N ASP C 232 -42.11 -13.99 11.88
CA ASP C 232 -43.40 -13.36 11.63
C ASP C 232 -44.54 -14.28 12.07
N LEU C 233 -44.46 -15.56 11.74
CA LEU C 233 -45.43 -16.55 12.18
C LEU C 233 -45.33 -16.86 13.69
N GLY C 234 -44.45 -16.17 14.41
CA GLY C 234 -44.28 -16.40 15.82
C GLY C 234 -43.26 -17.44 16.18
N ALA C 235 -42.73 -18.18 15.20
CA ALA C 235 -41.68 -19.15 15.47
C ALA C 235 -40.45 -18.46 16.03
N LYS C 236 -39.74 -19.17 16.90
CA LYS C 236 -38.59 -18.60 17.61
C LYS C 236 -37.31 -19.07 16.92
N VAL C 237 -36.71 -18.20 16.13
CA VAL C 237 -35.48 -18.51 15.42
C VAL C 237 -34.31 -18.24 16.36
N ILE C 238 -33.47 -19.25 16.59
CA ILE C 238 -32.40 -19.18 17.58
C ILE C 238 -31.03 -19.13 16.96
N GLY C 239 -30.92 -19.23 15.63
CA GLY C 239 -29.62 -19.22 15.01
C GLY C 239 -29.60 -18.84 13.54
N ILE C 240 -28.75 -17.89 13.18
CA ILE C 240 -28.54 -17.50 11.80
C ILE C 240 -27.04 -17.62 11.50
N SER C 241 -26.69 -17.42 10.23
CA SER C 241 -25.30 -17.49 9.81
C SER C 241 -25.16 -16.82 8.45
N ASP C 242 -23.92 -16.50 8.10
CA ASP C 242 -23.60 -15.94 6.79
C ASP C 242 -22.28 -16.54 6.32
N ALA C 243 -21.64 -15.88 5.36
CA ALA C 243 -20.43 -16.43 4.76
C ALA C 243 -19.27 -16.47 5.75
N TYR C 244 -19.22 -15.54 6.69
CA TYR C 244 -18.09 -15.43 7.62
C TYR C 244 -18.36 -16.10 8.96
N GLY C 245 -19.41 -15.68 9.65
CA GLY C 245 -19.70 -16.22 10.97
C GLY C 245 -21.14 -16.63 11.19
N ALA C 246 -21.53 -16.73 12.46
CA ALA C 246 -22.88 -17.15 12.82
C ALA C 246 -23.21 -16.59 14.20
N LEU C 247 -24.51 -16.39 14.44
CA LEU C 247 -24.99 -15.86 15.71
C LEU C 247 -26.03 -16.81 16.28
N HIS C 248 -25.86 -17.18 17.56
CA HIS C 248 -26.81 -18.03 18.26
C HIS C 248 -27.26 -17.33 19.53
N ASP C 249 -28.57 -17.18 19.69
CA ASP C 249 -29.17 -16.63 20.90
C ASP C 249 -30.48 -17.38 21.15
N PRO C 250 -30.67 -17.91 22.36
CA PRO C 250 -31.87 -18.70 22.63
C PRO C 250 -33.11 -17.83 22.73
N ASN C 251 -34.27 -18.47 22.53
CA ASN C 251 -35.57 -17.86 22.77
C ASN C 251 -35.80 -16.64 21.89
N GLY C 252 -35.45 -16.76 20.61
CA GLY C 252 -35.57 -15.67 19.66
C GLY C 252 -34.24 -14.99 19.40
N LEU C 253 -34.28 -14.05 18.45
CA LEU C 253 -33.06 -13.37 18.05
C LEU C 253 -33.34 -12.03 17.39
N ASP C 254 -34.62 -11.63 17.30
CA ASP C 254 -35.01 -10.35 16.73
C ASP C 254 -34.50 -10.22 15.29
N ILE C 255 -35.10 -11.04 14.42
CA ILE C 255 -34.69 -11.07 13.02
C ILE C 255 -34.94 -9.72 12.37
N ASP C 256 -36.02 -9.03 12.78
CA ASP C 256 -36.30 -7.70 12.26
C ASP C 256 -35.12 -6.75 12.42
N TYR C 257 -34.34 -6.92 13.49
CA TYR C 257 -33.18 -6.06 13.69
C TYR C 257 -31.98 -6.53 12.88
N LEU C 258 -31.85 -7.84 12.64
CA LEU C 258 -30.76 -8.33 11.81
C LEU C 258 -30.91 -7.89 10.36
N LEU C 259 -32.14 -7.94 9.83
CA LEU C 259 -32.39 -7.43 8.49
C LEU C 259 -32.11 -5.94 8.40
N ASP C 260 -32.31 -5.21 9.51
CA ASP C 260 -32.04 -3.78 9.52
C ASP C 260 -30.57 -3.49 9.27
N ARG C 261 -29.68 -4.16 9.99
CA ARG C 261 -28.24 -3.94 9.90
C ARG C 261 -27.56 -5.01 9.05
N ARG C 262 -28.09 -5.27 7.86
CA ARG C 262 -27.55 -6.27 6.95
C ARG C 262 -26.85 -5.59 5.78
N ASP C 263 -25.76 -6.18 5.32
CA ASP C 263 -24.97 -5.64 4.22
C ASP C 263 -25.55 -6.07 2.87
N SER C 264 -25.20 -5.30 1.83
CA SER C 264 -25.69 -5.60 0.48
C SER C 264 -25.26 -6.97 -0.01
N PHE C 265 -24.23 -7.56 0.61
CA PHE C 265 -23.85 -8.93 0.29
C PHE C 265 -24.48 -9.95 1.22
N GLY C 266 -25.18 -9.51 2.26
CA GLY C 266 -25.73 -10.42 3.25
C GLY C 266 -24.80 -10.74 4.40
N THR C 267 -23.78 -9.92 4.63
CA THR C 267 -22.80 -10.14 5.69
C THR C 267 -23.23 -9.31 6.91
N VAL C 268 -23.60 -10.01 7.98
CA VAL C 268 -24.11 -9.36 9.18
C VAL C 268 -23.28 -9.66 10.42
N THR C 269 -22.36 -10.62 10.36
CA THR C 269 -21.63 -11.09 11.54
C THR C 269 -20.27 -10.42 11.71
N THR C 270 -19.91 -9.46 10.85
CA THR C 270 -18.71 -8.67 11.09
C THR C 270 -18.96 -7.51 12.04
N LEU C 271 -20.17 -7.40 12.58
CA LEU C 271 -20.51 -6.36 13.54
C LEU C 271 -20.68 -6.92 14.96
N PHE C 272 -20.17 -8.12 15.20
CA PHE C 272 -20.23 -8.76 16.52
C PHE C 272 -18.89 -9.41 16.80
N GLU C 273 -18.43 -9.30 18.05
CA GLU C 273 -17.10 -9.75 18.45
C GLU C 273 -17.07 -11.24 18.79
N ASN C 274 -17.95 -11.69 19.67
CA ASN C 274 -18.02 -13.10 20.06
C ASN C 274 -19.12 -13.76 19.23
N THR C 275 -18.73 -14.41 18.13
CA THR C 275 -19.65 -15.05 17.21
C THR C 275 -19.31 -16.54 17.11
N ILE C 276 -20.34 -17.38 17.09
CA ILE C 276 -20.14 -18.81 17.01
C ILE C 276 -19.84 -19.22 15.57
N THR C 277 -19.27 -20.40 15.41
CA THR C 277 -18.86 -20.89 14.11
C THR C 277 -20.06 -21.45 13.34
N ASN C 278 -19.88 -21.60 12.03
CA ASN C 278 -20.94 -22.15 11.19
C ASN C 278 -21.13 -23.64 11.45
N GLN C 279 -20.07 -24.35 11.82
CA GLN C 279 -20.20 -25.77 12.14
C GLN C 279 -21.02 -25.97 13.42
N GLU C 280 -20.91 -25.05 14.37
CA GLU C 280 -21.73 -25.15 15.57
C GLU C 280 -23.18 -24.79 15.28
N LEU C 281 -23.41 -23.93 14.27
CA LEU C 281 -24.77 -23.54 13.90
C LEU C 281 -25.59 -24.74 13.45
N LEU C 282 -24.93 -25.79 12.95
CA LEU C 282 -25.63 -26.93 12.38
C LEU C 282 -26.06 -27.96 13.41
N GLU C 283 -25.67 -27.80 14.67
CA GLU C 283 -25.94 -28.79 15.71
C GLU C 283 -26.61 -28.15 16.92
N LEU C 284 -27.46 -27.16 16.66
CA LEU C 284 -28.10 -26.41 17.74
C LEU C 284 -29.29 -27.20 18.31
N ASP C 285 -29.97 -26.58 19.28
CA ASP C 285 -31.11 -27.18 19.95
C ASP C 285 -32.39 -26.59 19.36
N CYS C 286 -32.82 -27.14 18.23
CA CYS C 286 -33.95 -26.59 17.50
C CYS C 286 -34.90 -27.69 17.08
N ASP C 287 -36.17 -27.32 16.89
CA ASP C 287 -37.14 -28.24 16.33
C ASP C 287 -36.92 -28.41 14.83
N ILE C 288 -36.69 -27.29 14.13
CA ILE C 288 -36.61 -27.27 12.67
C ILE C 288 -35.29 -26.61 12.26
N LEU C 289 -34.56 -27.25 11.35
CA LEU C 289 -33.29 -26.74 10.86
C LEU C 289 -33.33 -26.70 9.33
N VAL C 290 -32.86 -25.59 8.75
CA VAL C 290 -32.87 -25.39 7.30
C VAL C 290 -31.49 -24.96 6.83
N PRO C 291 -30.77 -25.81 6.08
CA PRO C 291 -29.41 -25.45 5.63
C PRO C 291 -29.38 -24.30 4.62
N ALA C 292 -28.17 -23.95 4.16
CA ALA C 292 -27.92 -22.78 3.33
C ALA C 292 -27.69 -23.18 1.87
N ALA C 293 -27.33 -22.17 1.06
CA ALA C 293 -27.18 -22.38 -0.38
C ALA C 293 -26.02 -23.32 -0.69
N ILE C 294 -24.92 -23.19 0.05
CA ILE C 294 -23.74 -24.01 -0.21
C ILE C 294 -24.05 -25.48 0.07
N GLU C 295 -23.31 -26.36 -0.60
CA GLU C 295 -23.52 -27.79 -0.51
C GLU C 295 -22.58 -28.42 0.51
N ASN C 296 -22.91 -29.66 0.91
CA ASN C 296 -22.07 -30.50 1.76
C ASN C 296 -21.93 -29.96 3.18
N GLN C 297 -22.91 -29.21 3.67
CA GLN C 297 -22.84 -28.73 5.06
C GLN C 297 -23.11 -29.86 6.04
N ILE C 298 -24.05 -30.74 5.71
CA ILE C 298 -24.34 -31.92 6.53
C ILE C 298 -23.73 -33.13 5.81
N THR C 299 -22.71 -33.72 6.43
CA THR C 299 -22.03 -34.88 5.89
C THR C 299 -21.96 -35.95 6.98
N ALA C 300 -21.37 -37.10 6.63
CA ALA C 300 -21.24 -38.19 7.59
C ALA C 300 -20.39 -37.82 8.79
N GLU C 301 -19.52 -36.81 8.66
CA GLU C 301 -18.65 -36.44 9.76
C GLU C 301 -19.40 -35.78 10.91
N ASN C 302 -20.51 -35.09 10.61
CA ASN C 302 -21.28 -34.41 11.65
C ASN C 302 -22.74 -34.86 11.66
N ALA C 303 -23.04 -35.99 11.03
CA ALA C 303 -24.44 -36.39 10.85
C ALA C 303 -25.11 -36.72 12.17
N HIS C 304 -24.44 -37.47 13.04
CA HIS C 304 -25.04 -37.83 14.32
C HIS C 304 -25.16 -36.66 15.28
N ASN C 305 -24.53 -35.52 14.98
CA ASN C 305 -24.54 -34.37 15.86
C ASN C 305 -25.75 -33.46 15.66
N ILE C 306 -26.58 -33.71 14.64
CA ILE C 306 -27.75 -32.87 14.42
C ILE C 306 -28.75 -33.09 15.54
N LYS C 307 -29.20 -31.98 16.13
CA LYS C 307 -30.15 -32.03 17.25
C LYS C 307 -31.47 -31.39 16.84
N ALA C 308 -31.98 -31.78 15.67
CA ALA C 308 -33.22 -31.22 15.14
C ALA C 308 -34.13 -32.36 14.69
N THR C 309 -35.41 -32.24 15.03
CA THR C 309 -36.37 -33.26 14.63
C THR C 309 -36.69 -33.18 13.14
N ILE C 310 -36.64 -31.98 12.57
CA ILE C 310 -37.00 -31.75 11.17
C ILE C 310 -35.87 -31.01 10.48
N VAL C 311 -35.54 -31.44 9.27
CA VAL C 311 -34.52 -30.79 8.45
C VAL C 311 -35.12 -30.57 7.06
N VAL C 312 -35.11 -29.31 6.62
CA VAL C 312 -35.65 -28.92 5.31
C VAL C 312 -34.49 -28.45 4.45
N GLU C 313 -34.11 -29.26 3.45
CA GLU C 313 -33.13 -28.83 2.47
C GLU C 313 -33.74 -27.77 1.56
N ALA C 314 -33.15 -26.59 1.53
CA ALA C 314 -33.66 -25.49 0.73
C ALA C 314 -32.69 -25.03 -0.35
N ALA C 315 -31.72 -25.88 -0.72
CA ALA C 315 -30.69 -25.43 -1.66
C ALA C 315 -29.83 -26.54 -2.24
N ASN C 316 -30.32 -27.19 -3.29
CA ASN C 316 -29.61 -28.16 -4.15
C ASN C 316 -28.46 -28.90 -3.47
N GLY C 317 -28.81 -29.89 -2.65
CA GLY C 317 -27.85 -30.82 -2.10
C GLY C 317 -26.93 -30.29 -1.01
N PRO C 318 -27.50 -29.77 0.09
CA PRO C 318 -26.67 -29.39 1.23
C PRO C 318 -26.20 -30.57 2.06
N THR C 319 -26.90 -31.70 1.97
CA THR C 319 -26.55 -32.90 2.71
C THR C 319 -26.13 -34.00 1.73
N THR C 320 -25.10 -34.75 2.10
CA THR C 320 -24.66 -35.87 1.28
C THR C 320 -25.59 -37.06 1.46
N SER C 321 -25.52 -38.00 0.50
CA SER C 321 -26.37 -39.17 0.56
C SER C 321 -26.10 -40.01 1.80
N GLU C 322 -24.84 -40.04 2.27
CA GLU C 322 -24.54 -40.75 3.50
C GLU C 322 -25.09 -40.00 4.71
N ALA C 323 -25.08 -38.67 4.67
CA ALA C 323 -25.72 -37.90 5.74
C ALA C 323 -27.23 -38.14 5.73
N THR C 324 -27.83 -38.23 4.54
CA THR C 324 -29.22 -38.65 4.45
C THR C 324 -29.39 -40.08 4.96
N LYS C 325 -28.44 -40.95 4.62
CA LYS C 325 -28.46 -42.33 5.14
C LYS C 325 -28.45 -42.35 6.66
N ILE C 326 -27.72 -41.42 7.28
CA ILE C 326 -27.62 -41.43 8.74
C ILE C 326 -28.78 -40.70 9.38
N LEU C 327 -29.12 -39.51 8.85
CA LEU C 327 -30.21 -38.72 9.44
C LEU C 327 -31.53 -39.48 9.42
N THR C 328 -31.77 -40.29 8.39
CA THR C 328 -33.04 -41.02 8.31
C THR C 328 -33.04 -42.24 9.21
N GLU C 329 -31.87 -42.83 9.49
CA GLU C 329 -31.79 -43.93 10.45
C GLU C 329 -31.90 -43.45 11.88
N ARG C 330 -31.60 -42.18 12.14
CA ARG C 330 -31.82 -41.58 13.45
C ARG C 330 -33.26 -41.15 13.67
N GLY C 331 -34.13 -41.32 12.67
CA GLY C 331 -35.52 -40.95 12.80
C GLY C 331 -35.82 -39.49 12.53
N ILE C 332 -34.89 -38.75 11.93
CA ILE C 332 -35.10 -37.33 11.67
C ILE C 332 -35.89 -37.16 10.38
N LEU C 333 -36.78 -36.17 10.37
CA LEU C 333 -37.61 -35.88 9.20
C LEU C 333 -36.84 -34.96 8.27
N LEU C 334 -36.31 -35.53 7.19
CA LEU C 334 -35.57 -34.76 6.20
C LEU C 334 -36.47 -34.43 5.01
N VAL C 335 -36.34 -33.20 4.51
CA VAL C 335 -37.10 -32.73 3.37
C VAL C 335 -36.13 -32.43 2.24
N PRO C 336 -36.25 -33.07 1.08
CA PRO C 336 -35.32 -32.82 -0.02
C PRO C 336 -35.56 -31.48 -0.67
N ASP C 337 -34.57 -31.05 -1.47
CA ASP C 337 -34.67 -29.78 -2.17
C ASP C 337 -35.65 -29.85 -3.33
N VAL C 338 -35.75 -31.01 -3.99
CA VAL C 338 -36.63 -31.13 -5.15
C VAL C 338 -38.09 -30.99 -4.75
N LEU C 339 -38.43 -31.32 -3.51
CA LEU C 339 -39.79 -31.16 -3.02
C LEU C 339 -40.03 -29.77 -2.46
N ALA C 340 -39.07 -29.22 -1.70
CA ALA C 340 -39.30 -27.95 -1.03
C ALA C 340 -39.26 -26.77 -2.01
N SER C 341 -38.53 -26.90 -3.11
CA SER C 341 -38.34 -25.79 -4.04
C SER C 341 -39.28 -25.84 -5.23
N ALA C 342 -40.31 -26.69 -5.19
CA ALA C 342 -41.20 -26.88 -6.34
C ALA C 342 -42.23 -25.77 -6.49
N GLY C 343 -42.15 -24.71 -5.68
CA GLY C 343 -43.15 -23.65 -5.77
C GLY C 343 -43.04 -22.85 -7.05
N GLY C 344 -41.80 -22.60 -7.51
CA GLY C 344 -41.62 -21.86 -8.75
C GLY C 344 -42.17 -22.58 -9.96
N ALA C 345 -41.90 -23.89 -10.06
CA ALA C 345 -42.48 -24.67 -11.14
C ALA C 345 -44.00 -24.71 -11.05
N THR C 346 -44.54 -24.71 -9.83
CA THR C 346 -45.99 -24.72 -9.65
C THR C 346 -46.63 -23.45 -10.21
N VAL C 347 -46.10 -22.29 -9.82
CA VAL C 347 -46.71 -21.03 -10.26
C VAL C 347 -46.47 -20.80 -11.74
N SER C 348 -45.34 -21.26 -12.28
CA SER C 348 -45.14 -21.19 -13.72
C SER C 348 -46.17 -22.04 -14.45
N TYR C 349 -46.59 -23.16 -13.84
CA TYR C 349 -47.68 -23.96 -14.39
C TYR C 349 -49.00 -23.19 -14.36
N PHE C 350 -49.23 -22.39 -13.31
CA PHE C 350 -50.47 -21.62 -13.22
C PHE C 350 -50.54 -20.56 -14.31
N GLU C 351 -49.42 -19.90 -14.60
CA GLU C 351 -49.37 -18.93 -15.68
C GLU C 351 -49.83 -19.56 -16.99
N TRP C 352 -49.45 -20.81 -17.23
CA TRP C 352 -49.82 -21.51 -18.45
C TRP C 352 -51.32 -21.82 -18.49
N VAL C 353 -51.88 -22.23 -17.35
CA VAL C 353 -53.31 -22.51 -17.28
C VAL C 353 -54.11 -21.24 -17.52
N GLN C 354 -53.64 -20.11 -16.98
CA GLN C 354 -54.32 -18.85 -17.22
C GLN C 354 -54.18 -18.42 -18.68
N ASN C 355 -53.02 -18.65 -19.27
CA ASN C 355 -52.85 -18.36 -20.70
C ASN C 355 -53.70 -19.30 -21.56
N ASN C 356 -53.92 -20.53 -21.11
CA ASN C 356 -54.79 -21.44 -21.86
C ASN C 356 -56.24 -20.96 -21.87
N MET C 357 -56.69 -20.34 -20.78
CA MET C 357 -58.07 -19.87 -20.69
C MET C 357 -58.26 -18.47 -21.24
N GLY C 358 -57.22 -17.63 -21.21
CA GLY C 358 -57.41 -16.22 -21.46
C GLY C 358 -57.98 -15.48 -20.27
N TYR C 359 -57.93 -16.08 -19.08
CA TYR C 359 -58.49 -15.54 -17.86
C TYR C 359 -57.44 -15.65 -16.78
N TYR C 360 -57.33 -14.63 -15.94
CA TYR C 360 -56.19 -14.50 -15.04
C TYR C 360 -56.66 -14.32 -13.60
N TRP C 361 -55.98 -15.04 -12.70
CA TRP C 361 -56.37 -15.11 -11.30
C TRP C 361 -55.76 -13.98 -10.48
N GLU C 362 -56.43 -13.62 -9.40
CA GLU C 362 -55.88 -12.67 -8.45
C GLU C 362 -54.70 -13.29 -7.71
N GLU C 363 -53.97 -12.43 -6.99
CA GLU C 363 -52.78 -12.90 -6.28
C GLU C 363 -53.16 -13.92 -5.20
N GLU C 364 -54.22 -13.65 -4.45
CA GLU C 364 -54.56 -14.52 -3.32
C GLU C 364 -55.05 -15.88 -3.80
N GLU C 365 -55.79 -15.94 -4.91
CA GLU C 365 -56.20 -17.23 -5.45
C GLU C 365 -55.01 -18.04 -5.91
N VAL C 366 -54.01 -17.37 -6.51
CA VAL C 366 -52.77 -18.06 -6.86
C VAL C 366 -52.12 -18.65 -5.62
N GLN C 367 -52.08 -17.88 -4.52
CA GLN C 367 -51.44 -18.36 -3.30
C GLN C 367 -52.25 -19.49 -2.66
N GLU C 368 -53.58 -19.45 -2.76
CA GLU C 368 -54.39 -20.55 -2.25
C GLU C 368 -54.15 -21.84 -3.04
N LYS C 369 -54.08 -21.73 -4.37
CA LYS C 369 -53.81 -22.91 -5.18
C LYS C 369 -52.38 -23.40 -5.03
N LEU C 370 -51.45 -22.49 -4.73
CA LEU C 370 -50.06 -22.90 -4.49
C LEU C 370 -49.95 -23.70 -3.20
N TYR C 371 -50.72 -23.33 -2.17
CA TYR C 371 -50.65 -24.05 -0.90
C TYR C 371 -51.08 -25.50 -1.07
N LYS C 372 -52.24 -25.72 -1.70
CA LYS C 372 -52.72 -27.09 -1.88
C LYS C 372 -51.73 -27.94 -2.65
N LYS C 373 -51.10 -27.38 -3.69
CA LYS C 373 -50.11 -28.13 -4.46
C LYS C 373 -48.92 -28.51 -3.59
N MET C 374 -48.39 -27.55 -2.84
CA MET C 374 -47.28 -27.87 -1.94
C MET C 374 -47.73 -28.80 -0.82
N TYR C 375 -48.94 -28.59 -0.30
CA TYR C 375 -49.46 -29.45 0.76
C TYR C 375 -49.59 -30.90 0.28
N ASP C 376 -50.29 -31.10 -0.84
CA ASP C 376 -50.49 -32.44 -1.36
C ASP C 376 -49.19 -33.11 -1.78
N SER C 377 -48.24 -32.33 -2.30
CA SER C 377 -46.95 -32.90 -2.70
C SER C 377 -46.20 -33.43 -1.49
N PHE C 378 -46.19 -32.67 -0.40
CA PHE C 378 -45.51 -33.12 0.81
C PHE C 378 -46.12 -34.41 1.33
N GLU C 379 -47.46 -34.47 1.39
CA GLU C 379 -48.12 -35.67 1.90
C GLU C 379 -47.82 -36.88 1.03
N ALA C 380 -47.72 -36.68 -0.29
CA ALA C 380 -47.46 -37.79 -1.19
C ALA C 380 -46.06 -38.36 -0.97
N VAL C 381 -45.05 -37.49 -0.86
CA VAL C 381 -43.69 -37.97 -0.66
C VAL C 381 -43.54 -38.58 0.73
N TYR C 382 -44.10 -37.93 1.76
CA TYR C 382 -44.05 -38.47 3.11
C TYR C 382 -44.72 -39.84 3.18
N THR C 383 -45.89 -39.97 2.55
CA THR C 383 -46.59 -41.25 2.55
C THR C 383 -45.77 -42.33 1.87
N THR C 384 -45.10 -41.98 0.76
CA THR C 384 -44.30 -42.98 0.06
C THR C 384 -43.05 -43.34 0.84
N ALA C 385 -42.39 -42.35 1.44
CA ALA C 385 -41.24 -42.63 2.29
C ALA C 385 -41.65 -43.47 3.50
N THR C 386 -42.84 -43.20 4.05
CA THR C 386 -43.28 -43.92 5.24
C THR C 386 -43.68 -45.35 4.90
N THR C 387 -44.51 -45.53 3.86
CA THR C 387 -45.04 -46.85 3.55
C THR C 387 -43.93 -47.83 3.18
N ARG C 388 -42.94 -47.36 2.42
CA ARG C 388 -41.85 -48.22 1.98
C ARG C 388 -40.64 -48.19 2.91
N ASN C 389 -40.69 -47.35 3.96
CA ASN C 389 -39.62 -47.26 4.95
C ASN C 389 -38.28 -46.92 4.29
N ILE C 390 -38.26 -45.79 3.59
CA ILE C 390 -37.08 -45.27 2.93
C ILE C 390 -36.95 -43.79 3.28
N ASP C 391 -35.78 -43.23 2.99
CA ASP C 391 -35.56 -41.82 3.21
C ASP C 391 -36.38 -40.98 2.24
N MET C 392 -36.75 -39.77 2.66
CA MET C 392 -37.66 -38.94 1.87
C MET C 392 -37.05 -38.49 0.56
N ARG C 393 -35.72 -38.50 0.43
CA ARG C 393 -35.12 -38.10 -0.83
C ARG C 393 -35.41 -39.11 -1.93
N LEU C 394 -35.13 -40.39 -1.67
CA LEU C 394 -35.46 -41.43 -2.63
C LEU C 394 -36.96 -41.46 -2.92
N ALA C 395 -37.78 -41.20 -1.90
CA ALA C 395 -39.22 -41.18 -2.09
C ALA C 395 -39.64 -40.03 -3.01
N ALA C 396 -39.00 -38.87 -2.88
CA ALA C 396 -39.27 -37.76 -3.77
C ALA C 396 -38.90 -38.12 -5.20
N TYR C 397 -37.79 -38.85 -5.38
CA TYR C 397 -37.40 -39.31 -6.71
C TYR C 397 -38.47 -40.22 -7.30
N MET C 398 -39.05 -41.10 -6.47
CA MET C 398 -40.02 -42.06 -6.97
C MET C 398 -41.34 -41.39 -7.32
N VAL C 399 -41.79 -40.43 -6.50
CA VAL C 399 -43.00 -39.69 -6.82
C VAL C 399 -42.80 -38.86 -8.08
N GLY C 400 -41.59 -38.30 -8.25
CA GLY C 400 -41.33 -37.46 -9.40
C GLY C 400 -41.28 -38.22 -10.71
N VAL C 401 -40.82 -39.48 -10.69
CA VAL C 401 -40.66 -40.26 -11.91
C VAL C 401 -41.84 -41.17 -12.19
N ARG C 402 -42.71 -41.42 -11.21
CA ARG C 402 -43.73 -42.46 -11.34
C ARG C 402 -44.70 -42.16 -12.49
N ARG C 403 -45.17 -40.92 -12.59
CA ARG C 403 -46.20 -40.59 -13.57
C ARG C 403 -45.68 -40.76 -14.99
N THR C 404 -44.45 -40.33 -15.25
CA THR C 404 -43.86 -40.52 -16.57
C THR C 404 -43.73 -41.99 -16.92
N ALA C 405 -43.32 -42.82 -15.95
CA ALA C 405 -43.17 -44.25 -16.20
C ALA C 405 -44.53 -44.90 -16.46
N GLU C 406 -45.54 -44.57 -15.65
CA GLU C 406 -46.87 -45.12 -15.86
C GLU C 406 -47.45 -44.66 -17.20
N ALA C 407 -47.24 -43.40 -17.56
CA ALA C 407 -47.76 -42.90 -18.83
C ALA C 407 -47.07 -43.56 -20.01
N SER C 408 -45.76 -43.77 -19.93
CA SER C 408 -45.04 -44.45 -21.00
C SER C 408 -45.55 -45.88 -21.19
N ARG C 409 -45.90 -46.55 -20.10
CA ARG C 409 -46.44 -47.90 -20.19
C ARG C 409 -47.82 -47.88 -20.84
N PHE C 410 -48.69 -46.97 -20.41
CA PHE C 410 -50.04 -46.88 -20.97
C PHE C 410 -50.01 -46.64 -22.48
N ARG C 411 -49.14 -45.74 -22.95
CA ARG C 411 -49.12 -45.37 -24.35
C ARG C 411 -48.37 -46.36 -25.23
N GLY C 412 -47.90 -47.48 -24.68
CA GLY C 412 -47.24 -48.50 -25.47
C GLY C 412 -45.78 -48.23 -25.78
N TRP C 413 -45.17 -47.22 -25.16
CA TRP C 413 -43.78 -46.95 -25.44
C TRP C 413 -42.85 -48.03 -24.90
N VAL C 414 -43.35 -48.88 -24.01
CA VAL C 414 -42.54 -49.95 -23.46
C VAL C 414 -43.40 -51.17 -23.13
N LEU D 5 7.86 -16.46 -48.04
CA LEU D 5 9.21 -15.91 -47.97
C LEU D 5 9.56 -15.47 -46.55
N ASN D 6 8.59 -15.56 -45.65
CA ASN D 6 8.84 -15.23 -44.25
C ASN D 6 9.80 -16.26 -43.64
N LEU D 7 10.89 -15.77 -43.05
CA LEU D 7 11.93 -16.67 -42.56
C LEU D 7 11.47 -17.49 -41.35
N PHE D 8 10.60 -16.91 -40.50
CA PHE D 8 10.16 -17.63 -39.31
C PHE D 8 9.22 -18.77 -39.67
N THR D 9 8.21 -18.50 -40.48
CA THR D 9 7.28 -19.55 -40.86
C THR D 9 7.93 -20.60 -41.75
N SER D 10 8.82 -20.17 -42.66
CA SER D 10 9.56 -21.13 -43.47
C SER D 10 10.42 -22.04 -42.59
N THR D 11 11.01 -21.48 -41.53
CA THR D 11 11.77 -22.30 -40.59
C THR D 11 10.85 -23.25 -39.84
N GLN D 12 9.66 -22.78 -39.46
CA GLN D 12 8.69 -23.65 -38.79
C GLN D 12 8.29 -24.81 -39.68
N GLU D 13 8.12 -24.56 -40.98
CA GLU D 13 7.80 -25.65 -41.90
C GLU D 13 8.96 -26.63 -42.00
N VAL D 14 10.20 -26.14 -41.87
CA VAL D 14 11.36 -27.03 -41.84
C VAL D 14 11.25 -27.99 -40.66
N VAL D 15 10.98 -27.46 -39.48
CA VAL D 15 10.99 -28.29 -38.27
C VAL D 15 9.81 -29.25 -38.26
N LYS D 16 8.64 -28.80 -38.73
CA LYS D 16 7.47 -29.66 -38.72
C LYS D 16 7.68 -30.89 -39.59
N GLU D 17 8.34 -30.73 -40.74
CA GLU D 17 8.58 -31.86 -41.63
C GLU D 17 9.60 -32.83 -41.04
N ALA D 18 10.68 -32.30 -40.47
CA ALA D 18 11.72 -33.16 -39.91
C ALA D 18 11.19 -34.01 -38.77
N LEU D 19 10.34 -33.43 -37.92
CA LEU D 19 9.80 -34.18 -36.79
C LEU D 19 8.83 -35.27 -37.26
N ASN D 20 8.04 -34.98 -38.29
CA ASN D 20 7.07 -35.98 -38.76
C ASN D 20 7.78 -37.19 -39.35
N LYS D 21 8.83 -36.95 -40.14
CA LYS D 21 9.56 -38.06 -40.74
C LYS D 21 10.41 -38.81 -39.74
N LEU D 22 10.84 -38.15 -38.65
CA LEU D 22 11.47 -38.86 -37.54
C LEU D 22 10.45 -39.64 -36.72
N GLY D 23 9.16 -39.33 -36.86
CA GLY D 23 8.12 -40.11 -36.22
C GLY D 23 7.63 -39.61 -34.89
N TYR D 24 7.72 -38.31 -34.64
CA TYR D 24 7.26 -37.76 -33.37
C TYR D 24 5.80 -37.29 -33.51
N ASP D 25 5.17 -37.07 -32.35
CA ASP D 25 3.81 -36.57 -32.31
C ASP D 25 3.79 -35.07 -32.61
N GLU D 26 2.60 -34.57 -32.92
CA GLU D 26 2.46 -33.14 -33.20
C GLU D 26 2.65 -32.29 -31.95
N ALA D 27 2.52 -32.88 -30.75
CA ALA D 27 2.79 -32.14 -29.54
C ALA D 27 4.26 -31.77 -29.42
N MET D 28 5.15 -32.57 -30.03
CA MET D 28 6.57 -32.21 -30.07
C MET D 28 6.80 -30.98 -30.94
N TYR D 29 6.07 -30.86 -32.04
CA TYR D 29 6.21 -29.68 -32.89
C TYR D 29 5.73 -28.43 -32.16
N GLU D 30 4.57 -28.51 -31.49
CA GLU D 30 4.03 -27.35 -30.79
C GLU D 30 4.99 -26.86 -29.71
N LEU D 31 5.79 -27.76 -29.14
CA LEU D 31 6.81 -27.36 -28.17
C LEU D 31 8.02 -26.73 -28.84
N LEU D 32 8.36 -27.16 -30.06
CA LEU D 32 9.57 -26.70 -30.73
C LEU D 32 9.33 -25.63 -31.79
N LYS D 33 8.07 -25.38 -32.17
CA LYS D 33 7.79 -24.42 -33.22
C LYS D 33 8.06 -22.98 -32.79
N GLU D 34 8.23 -22.73 -31.48
CA GLU D 34 8.48 -21.41 -30.95
C GLU D 34 9.50 -21.55 -29.83
N PRO D 35 10.38 -20.57 -29.65
CA PRO D 35 11.35 -20.64 -28.55
C PRO D 35 10.65 -20.69 -27.20
N LEU D 36 11.23 -21.46 -26.28
CA LEU D 36 10.68 -21.55 -24.92
C LEU D 36 10.69 -20.19 -24.24
N ARG D 37 11.69 -19.36 -24.52
CA ARG D 37 11.83 -18.06 -23.90
C ARG D 37 12.32 -17.05 -24.92
N LEU D 38 11.63 -15.92 -25.00
CA LEU D 38 12.03 -14.79 -25.83
C LEU D 38 11.98 -13.53 -24.99
N LEU D 39 13.09 -12.83 -24.88
CA LEU D 39 13.19 -11.62 -24.08
C LEU D 39 13.35 -10.42 -25.00
N LYS D 40 12.43 -9.47 -24.89
CA LYS D 40 12.51 -8.20 -25.60
C LYS D 40 12.82 -7.11 -24.60
N VAL D 41 13.81 -6.28 -24.91
CA VAL D 41 14.36 -5.36 -23.94
C VAL D 41 14.57 -3.99 -24.58
N ARG D 42 14.55 -2.95 -23.75
CA ARG D 42 14.77 -1.58 -24.19
C ARG D 42 15.97 -1.00 -23.44
N ILE D 43 16.95 -0.52 -24.19
CA ILE D 43 18.27 -0.19 -23.65
C ILE D 43 18.57 1.30 -23.77
N PRO D 44 18.57 2.05 -22.67
CA PRO D 44 18.99 3.46 -22.74
C PRO D 44 20.51 3.57 -22.85
N VAL D 45 20.95 4.36 -23.82
CA VAL D 45 22.38 4.56 -24.06
C VAL D 45 22.64 6.06 -24.16
N LYS D 46 23.63 6.54 -23.42
CA LYS D 46 24.03 7.94 -23.48
C LYS D 46 24.93 8.13 -24.69
N MET D 47 24.46 8.92 -25.66
CA MET D 47 25.21 9.12 -26.89
C MET D 47 26.29 10.18 -26.69
N ASP D 48 27.14 10.34 -27.71
CA ASP D 48 28.26 11.26 -27.60
C ASP D 48 27.79 12.71 -27.50
N ASP D 49 26.74 13.07 -28.23
CA ASP D 49 26.23 14.44 -28.20
C ASP D 49 25.54 14.78 -26.89
N GLY D 50 25.51 13.88 -25.91
CA GLY D 50 24.87 14.12 -24.65
C GLY D 50 23.42 13.69 -24.57
N THR D 51 22.79 13.38 -25.70
CA THR D 51 21.41 12.94 -25.70
C THR D 51 21.33 11.44 -25.40
N THR D 52 20.14 11.01 -25.01
CA THR D 52 19.87 9.60 -24.70
C THR D 52 19.06 8.97 -25.83
N GLN D 53 19.46 7.75 -26.20
CA GLN D 53 18.80 6.97 -27.23
C GLN D 53 18.47 5.60 -26.67
N VAL D 54 17.22 5.17 -26.82
CA VAL D 54 16.76 3.89 -26.27
C VAL D 54 16.62 2.90 -27.42
N PHE D 55 17.40 1.83 -27.37
CA PHE D 55 17.43 0.82 -28.41
C PHE D 55 16.62 -0.40 -28.00
N THR D 56 16.11 -1.11 -29.00
CA THR D 56 15.38 -2.36 -28.79
C THR D 56 16.33 -3.54 -29.01
N GLY D 57 16.29 -4.50 -28.09
CA GLY D 57 17.11 -5.69 -28.22
C GLY D 57 16.29 -6.93 -27.94
N TYR D 58 16.69 -8.02 -28.58
CA TYR D 58 16.04 -9.31 -28.40
C TYR D 58 17.06 -10.34 -27.94
N ARG D 59 16.56 -11.32 -27.19
CA ARG D 59 17.34 -12.51 -26.85
C ARG D 59 16.38 -13.70 -26.90
N ALA D 60 16.57 -14.56 -27.90
CA ALA D 60 15.73 -15.74 -28.07
C ALA D 60 16.47 -16.98 -27.60
N GLN D 61 15.75 -17.85 -26.89
CA GLN D 61 16.28 -19.14 -26.43
C GLN D 61 15.30 -20.21 -26.87
N HIS D 62 15.70 -21.00 -27.88
CA HIS D 62 14.77 -21.94 -28.50
C HIS D 62 14.44 -23.10 -27.57
N SER D 63 15.45 -23.89 -27.20
CA SER D 63 15.22 -25.03 -26.33
C SER D 63 16.52 -25.36 -25.60
N ASP D 64 16.44 -25.49 -24.28
CA ASP D 64 17.57 -25.89 -23.47
C ASP D 64 17.46 -27.33 -23.00
N ALA D 65 16.77 -28.18 -23.78
CA ALA D 65 16.61 -29.58 -23.41
C ALA D 65 17.94 -30.33 -23.45
N VAL D 66 18.78 -30.02 -24.44
CA VAL D 66 20.06 -30.71 -24.56
C VAL D 66 21.11 -30.06 -23.66
N GLY D 67 21.05 -28.75 -23.48
CA GLY D 67 21.98 -28.03 -22.64
C GLY D 67 21.77 -26.54 -22.73
N PRO D 68 22.77 -25.76 -22.32
CA PRO D 68 22.66 -24.30 -22.45
C PRO D 68 22.52 -23.90 -23.92
N THR D 69 21.83 -22.79 -24.14
CA THR D 69 21.64 -22.31 -25.50
C THR D 69 22.85 -21.52 -25.98
N LYS D 70 23.04 -21.52 -27.30
CA LYS D 70 24.19 -20.89 -27.94
C LYS D 70 23.72 -20.16 -29.18
N GLY D 71 24.28 -18.96 -29.40
CA GLY D 71 23.92 -18.18 -30.57
C GLY D 71 24.37 -16.73 -30.51
N GLY D 72 24.88 -16.22 -31.62
CA GLY D 72 25.45 -14.89 -31.67
C GLY D 72 24.41 -13.79 -31.56
N VAL D 73 24.93 -12.56 -31.50
CA VAL D 73 24.11 -11.36 -31.41
C VAL D 73 24.48 -10.44 -32.58
N ARG D 74 23.48 -10.02 -33.35
CA ARG D 74 23.72 -9.17 -34.51
C ARG D 74 23.23 -7.75 -34.25
N PHE D 75 24.01 -6.78 -34.74
CA PHE D 75 23.65 -5.36 -34.72
C PHE D 75 23.26 -4.97 -36.14
N HIS D 76 21.98 -4.71 -36.37
CA HIS D 76 21.57 -4.33 -37.72
C HIS D 76 20.25 -3.58 -37.65
N PRO D 77 20.04 -2.56 -38.51
CA PRO D 77 18.78 -1.81 -38.46
C PRO D 77 17.57 -2.63 -38.89
N MET D 78 17.79 -3.77 -39.54
CA MET D 78 16.70 -4.61 -40.01
C MET D 78 16.42 -5.79 -39.10
N VAL D 79 17.09 -5.86 -37.93
CA VAL D 79 16.83 -6.93 -36.99
C VAL D 79 15.36 -6.91 -36.58
N SER D 80 14.73 -8.08 -36.59
CA SER D 80 13.34 -8.22 -36.23
C SER D 80 13.16 -9.40 -35.29
N GLU D 81 12.02 -9.38 -34.58
CA GLU D 81 11.76 -10.44 -33.61
C GLU D 81 11.62 -11.80 -34.28
N ASP D 82 10.97 -11.85 -35.44
CA ASP D 82 10.84 -13.11 -36.15
C ASP D 82 12.18 -13.57 -36.74
N GLU D 83 13.07 -12.62 -37.03
CA GLU D 83 14.39 -13.00 -37.54
C GLU D 83 15.21 -13.70 -36.47
N VAL D 84 15.19 -13.19 -35.24
CA VAL D 84 16.00 -13.79 -34.19
C VAL D 84 15.36 -15.07 -33.67
N LYS D 85 14.02 -15.16 -33.66
CA LYS D 85 13.37 -16.40 -33.26
C LYS D 85 13.74 -17.54 -34.21
N ALA D 86 13.66 -17.29 -35.51
CA ALA D 86 14.01 -18.32 -36.49
C ALA D 86 15.51 -18.60 -36.48
N LEU D 87 16.32 -17.57 -36.27
CA LEU D 87 17.77 -17.76 -36.24
C LEU D 87 18.19 -18.63 -35.06
N SER D 88 17.47 -18.54 -33.93
CA SER D 88 17.79 -19.40 -32.80
C SER D 88 17.47 -20.86 -33.12
N MET D 89 16.39 -21.10 -33.88
CA MET D 89 16.05 -22.46 -34.27
C MET D 89 17.11 -23.05 -35.19
N TRP D 90 17.65 -22.23 -36.09
CA TRP D 90 18.74 -22.73 -36.94
C TRP D 90 19.97 -23.06 -36.12
N MET D 91 20.17 -22.39 -34.97
CA MET D 91 21.28 -22.74 -34.09
C MET D 91 21.03 -24.07 -33.39
N THR D 92 19.79 -24.36 -33.03
CA THR D 92 19.47 -25.68 -32.50
C THR D 92 19.78 -26.77 -33.52
N LEU D 93 19.46 -26.53 -34.78
CA LEU D 93 19.72 -27.52 -35.83
C LEU D 93 21.21 -27.65 -36.10
N LYS D 94 21.92 -26.52 -36.19
CA LYS D 94 23.37 -26.57 -36.40
C LYS D 94 24.05 -27.36 -35.28
N CYS D 95 23.74 -27.04 -34.02
CA CYS D 95 24.36 -27.73 -32.89
C CYS D 95 24.03 -29.21 -32.88
N GLY D 96 22.83 -29.59 -33.32
CA GLY D 96 22.47 -30.99 -33.36
C GLY D 96 23.21 -31.77 -34.43
N ILE D 97 23.58 -31.10 -35.52
CA ILE D 97 24.27 -31.78 -36.61
C ILE D 97 25.68 -32.16 -36.18
N VAL D 98 26.36 -31.27 -35.47
CA VAL D 98 27.69 -31.55 -34.93
C VAL D 98 27.60 -32.15 -33.53
N ASP D 99 26.40 -32.49 -33.07
CA ASP D 99 26.21 -33.24 -31.82
C ASP D 99 26.78 -32.48 -30.64
N LEU D 100 26.61 -31.17 -30.62
CA LEU D 100 27.07 -30.36 -29.49
C LEU D 100 26.07 -30.41 -28.34
N PRO D 101 26.56 -30.37 -27.10
CA PRO D 101 25.69 -30.32 -25.90
C PRO D 101 25.01 -28.96 -25.72
N TYR D 102 24.48 -28.41 -26.81
CA TYR D 102 23.91 -27.07 -26.83
C TYR D 102 22.47 -27.12 -27.33
N GLY D 103 21.68 -26.16 -26.85
CA GLY D 103 20.48 -25.74 -27.54
C GLY D 103 20.75 -24.50 -28.37
N GLY D 104 19.71 -24.02 -29.03
CA GLY D 104 19.83 -22.88 -29.92
C GLY D 104 19.37 -21.58 -29.28
N GLY D 105 20.18 -20.53 -29.48
CA GLY D 105 19.79 -19.18 -29.10
C GLY D 105 20.23 -18.19 -30.16
N LYS D 106 19.83 -16.94 -29.97
CA LYS D 106 20.19 -15.87 -30.88
C LYS D 106 19.73 -14.54 -30.29
N GLY D 107 20.50 -13.49 -30.54
CA GLY D 107 20.16 -12.17 -30.08
C GLY D 107 20.34 -11.15 -31.19
N GLY D 108 19.77 -9.96 -30.97
CA GLY D 108 19.86 -8.89 -31.94
C GLY D 108 19.49 -7.57 -31.31
N ILE D 109 20.07 -6.49 -31.85
CA ILE D 109 19.74 -5.13 -31.44
C ILE D 109 19.41 -4.33 -32.69
N ILE D 110 18.28 -3.65 -32.70
CA ILE D 110 17.88 -2.80 -33.81
C ILE D 110 18.70 -1.51 -33.71
N CYS D 111 19.80 -1.44 -34.46
CA CYS D 111 20.67 -0.27 -34.46
C CYS D 111 21.47 -0.29 -35.75
N ASP D 112 22.08 0.86 -36.06
CA ASP D 112 22.95 0.99 -37.22
C ASP D 112 24.38 1.24 -36.73
N PRO D 113 25.17 0.20 -36.49
CA PRO D 113 26.49 0.40 -35.88
C PRO D 113 27.44 1.23 -36.73
N ARG D 114 27.21 1.30 -38.05
CA ARG D 114 28.10 2.10 -38.90
C ARG D 114 27.95 3.59 -38.62
N GLN D 115 26.79 4.02 -38.13
CA GLN D 115 26.57 5.42 -37.75
C GLN D 115 26.79 5.65 -36.26
N MET D 116 27.48 4.74 -35.58
CA MET D 116 27.71 4.83 -34.15
C MET D 116 29.21 4.87 -33.85
N SER D 117 29.55 5.47 -32.72
CA SER D 117 30.93 5.67 -32.31
C SER D 117 31.47 4.42 -31.61
N MET D 118 32.79 4.43 -31.37
CA MET D 118 33.41 3.35 -30.62
C MET D 118 32.94 3.33 -29.17
N GLY D 119 32.74 4.51 -28.57
CA GLY D 119 32.22 4.57 -27.22
C GLY D 119 30.74 4.24 -27.14
N GLU D 120 29.97 4.66 -28.15
CA GLU D 120 28.55 4.34 -28.17
C GLU D 120 28.32 2.85 -28.35
N LEU D 121 29.14 2.20 -29.17
CA LEU D 121 29.02 0.75 -29.34
C LEU D 121 29.38 0.01 -28.05
N GLU D 122 30.34 0.52 -27.29
CA GLU D 122 30.67 -0.10 -26.01
C GLU D 122 29.53 0.04 -25.01
N ARG D 123 28.97 1.25 -24.90
CA ARG D 123 27.89 1.46 -23.94
C ARG D 123 26.59 0.79 -24.38
N LEU D 124 26.40 0.57 -25.68
CA LEU D 124 25.24 -0.21 -26.12
C LEU D 124 25.42 -1.69 -25.80
N SER D 125 26.63 -2.21 -26.01
CA SER D 125 26.90 -3.60 -25.67
C SER D 125 26.73 -3.84 -24.18
N ARG D 126 27.33 -2.97 -23.35
CA ARG D 126 27.21 -3.13 -21.91
C ARG D 126 25.76 -3.06 -21.46
N GLY D 127 25.00 -2.11 -22.00
CA GLY D 127 23.58 -2.02 -21.67
C GLY D 127 22.79 -3.23 -22.12
N TYR D 128 23.23 -3.89 -23.19
CA TYR D 128 22.59 -5.12 -23.62
C TYR D 128 22.84 -6.25 -22.63
N VAL D 129 24.08 -6.38 -22.15
CA VAL D 129 24.40 -7.42 -21.16
C VAL D 129 23.68 -7.14 -19.85
N ARG D 130 23.73 -5.88 -19.39
CA ARG D 130 22.98 -5.50 -18.19
C ARG D 130 21.52 -5.88 -18.30
N ALA D 131 20.94 -5.72 -19.49
CA ALA D 131 19.50 -5.83 -19.65
C ALA D 131 19.02 -7.27 -19.70
N ILE D 132 19.86 -8.21 -20.17
CA ILE D 132 19.45 -9.60 -20.35
C ILE D 132 20.22 -10.53 -19.41
N SER D 133 20.96 -9.98 -18.45
CA SER D 133 21.87 -10.79 -17.64
C SER D 133 21.15 -11.88 -16.85
N GLN D 134 19.90 -11.63 -16.44
CA GLN D 134 19.15 -12.55 -15.60
C GLN D 134 18.88 -13.90 -16.25
N ILE D 135 19.01 -14.02 -17.57
CA ILE D 135 18.65 -15.27 -18.25
C ILE D 135 19.78 -15.77 -19.13
N VAL D 136 20.98 -15.19 -18.99
CA VAL D 136 22.15 -15.63 -19.73
C VAL D 136 23.27 -15.93 -18.75
N GLY D 137 24.31 -16.59 -19.26
CA GLY D 137 25.44 -16.95 -18.46
C GLY D 137 26.18 -18.17 -18.99
N PRO D 138 27.32 -18.49 -18.38
CA PRO D 138 28.11 -19.64 -18.84
C PRO D 138 27.38 -20.97 -18.76
N THR D 139 26.30 -21.06 -17.98
CA THR D 139 25.54 -22.30 -17.85
C THR D 139 24.12 -22.20 -18.40
N LYS D 140 23.67 -21.01 -18.80
CA LYS D 140 22.32 -20.79 -19.30
C LYS D 140 22.29 -20.53 -20.80
N ASP D 141 23.01 -19.50 -21.24
CA ASP D 141 22.89 -18.99 -22.61
C ASP D 141 24.18 -18.29 -22.96
N ILE D 142 24.85 -18.74 -24.02
CA ILE D 142 26.21 -18.33 -24.34
C ILE D 142 26.19 -17.59 -25.67
N PRO D 143 26.24 -16.25 -25.65
CA PRO D 143 26.21 -15.49 -26.92
C PRO D 143 27.54 -15.55 -27.68
N GLY D 144 27.56 -14.91 -28.84
CA GLY D 144 28.74 -14.83 -29.67
C GLY D 144 28.63 -13.72 -30.68
N PRO D 145 29.57 -13.66 -31.62
CA PRO D 145 29.53 -12.63 -32.65
C PRO D 145 28.61 -13.01 -33.80
N ASP D 146 28.19 -11.98 -34.53
CA ASP D 146 27.32 -12.18 -35.70
C ASP D 146 27.61 -11.16 -36.79
N MET D 147 26.58 -10.44 -37.24
CA MET D 147 26.67 -9.68 -38.49
C MET D 147 27.62 -8.49 -38.37
N PHE D 148 27.35 -7.60 -37.42
CA PHE D 148 28.18 -6.42 -37.21
C PHE D 148 28.76 -6.39 -35.81
N THR D 149 29.05 -7.55 -35.24
CA THR D 149 29.72 -7.67 -33.97
C THR D 149 30.99 -8.49 -34.15
N ASN D 150 31.98 -8.23 -33.31
CA ASN D 150 33.29 -8.85 -33.48
C ASN D 150 33.93 -9.04 -32.11
N ALA D 151 35.24 -9.31 -32.10
CA ALA D 151 35.93 -9.67 -30.88
C ALA D 151 35.91 -8.55 -29.85
N GLN D 152 35.89 -7.29 -30.30
CA GLN D 152 35.88 -6.18 -29.36
C GLN D 152 34.53 -6.06 -28.65
N ILE D 153 33.42 -6.24 -29.38
CA ILE D 153 32.11 -6.22 -28.75
C ILE D 153 31.99 -7.39 -27.78
N MET D 154 32.55 -8.54 -28.14
CA MET D 154 32.56 -9.69 -27.24
C MET D 154 33.36 -9.39 -25.97
N ALA D 155 34.47 -8.66 -26.12
CA ALA D 155 35.27 -8.31 -24.95
C ALA D 155 34.51 -7.36 -24.03
N TRP D 156 33.84 -6.35 -24.59
CA TRP D 156 33.04 -5.44 -23.77
C TRP D 156 31.92 -6.18 -23.06
N MET D 157 31.29 -7.14 -23.73
CA MET D 157 30.22 -7.91 -23.11
C MET D 157 30.78 -8.88 -22.07
N MET D 158 31.92 -9.49 -22.35
CA MET D 158 32.56 -10.35 -21.37
C MET D 158 32.94 -9.54 -20.12
N ASP D 159 33.44 -8.32 -20.32
CA ASP D 159 33.81 -7.49 -19.18
C ASP D 159 32.59 -7.13 -18.34
N GLU D 160 31.48 -6.78 -18.99
CA GLU D 160 30.30 -6.34 -18.26
C GLU D 160 29.70 -7.47 -17.44
N TYR D 161 29.55 -8.66 -18.04
CA TYR D 161 29.02 -9.80 -17.30
C TYR D 161 29.93 -10.13 -16.12
N SER D 162 31.24 -10.03 -16.32
CA SER D 162 32.17 -10.32 -15.24
C SER D 162 32.05 -9.31 -14.10
N ARG D 163 31.82 -8.04 -14.44
CA ARG D 163 31.65 -7.02 -13.41
C ARG D 163 30.40 -7.30 -12.57
N MET D 164 29.29 -7.61 -13.22
CA MET D 164 28.07 -7.96 -12.49
C MET D 164 28.25 -9.23 -11.67
N ASP D 165 29.05 -10.18 -12.18
CA ASP D 165 29.27 -11.43 -11.48
C ASP D 165 30.29 -11.31 -10.35
N GLU D 166 31.10 -10.24 -10.35
CA GLU D 166 32.19 -10.01 -9.40
C GLU D 166 33.33 -11.01 -9.56
N PHE D 167 33.42 -11.68 -10.71
CA PHE D 167 34.55 -12.54 -11.02
C PHE D 167 34.56 -12.80 -12.53
N ASN D 168 35.76 -13.12 -13.03
CA ASN D 168 35.93 -13.36 -14.46
C ASN D 168 35.09 -14.54 -14.93
N SER D 169 34.31 -14.33 -15.98
CA SER D 169 33.45 -15.36 -16.55
C SER D 169 33.69 -15.45 -18.05
N PRO D 170 34.85 -15.99 -18.46
CA PRO D 170 35.12 -16.11 -19.89
C PRO D 170 34.09 -16.92 -20.66
N GLY D 171 33.56 -17.99 -20.03
CA GLY D 171 32.62 -18.87 -20.70
C GLY D 171 31.26 -18.29 -21.00
N PHE D 172 30.98 -17.07 -20.53
CA PHE D 172 29.69 -16.45 -20.82
C PHE D 172 29.50 -16.23 -22.31
N ILE D 173 30.57 -15.92 -23.04
CA ILE D 173 30.46 -15.47 -24.41
C ILE D 173 31.69 -15.95 -25.19
N THR D 174 31.49 -16.24 -26.47
CA THR D 174 32.55 -16.73 -27.34
C THR D 174 32.89 -15.69 -28.40
N GLY D 175 33.89 -16.00 -29.23
CA GLY D 175 34.43 -15.03 -30.14
C GLY D 175 35.35 -14.02 -29.50
N LYS D 176 35.77 -14.25 -28.26
CA LYS D 176 36.60 -13.31 -27.53
C LYS D 176 38.03 -13.30 -28.09
N PRO D 177 38.76 -12.21 -27.88
CA PRO D 177 40.20 -12.21 -28.19
C PRO D 177 40.92 -13.28 -27.39
N LEU D 178 42.10 -13.66 -27.89
CA LEU D 178 42.86 -14.75 -27.27
C LEU D 178 43.24 -14.42 -25.83
N VAL D 179 43.69 -13.19 -25.56
CA VAL D 179 44.14 -12.81 -24.23
C VAL D 179 43.04 -12.86 -23.19
N LEU D 180 41.77 -12.99 -23.60
CA LEU D 180 40.64 -13.04 -22.69
C LEU D 180 40.03 -14.43 -22.61
N GLY D 181 40.76 -15.46 -23.04
CA GLY D 181 40.23 -16.81 -23.06
C GLY D 181 39.63 -17.23 -24.38
N GLY D 182 39.99 -16.56 -25.47
CA GLY D 182 39.54 -16.97 -26.78
C GLY D 182 40.24 -18.22 -27.26
N SER D 183 39.67 -18.82 -28.30
CA SER D 183 40.16 -20.08 -28.84
C SER D 183 41.00 -19.85 -30.07
N LYS D 184 42.06 -20.65 -30.21
CA LYS D 184 42.85 -20.66 -31.42
C LYS D 184 42.12 -21.48 -32.49
N GLY D 185 42.30 -21.08 -33.75
CA GLY D 185 41.61 -21.72 -34.84
C GLY D 185 40.22 -21.21 -35.11
N ARG D 186 39.78 -20.17 -34.39
CA ARG D 186 38.49 -19.56 -34.65
C ARG D 186 38.50 -18.67 -35.89
N ASP D 187 39.68 -18.20 -36.31
CA ASP D 187 39.77 -17.25 -37.41
C ASP D 187 39.14 -17.83 -38.68
N ARG D 188 39.59 -19.01 -39.09
CA ARG D 188 39.11 -19.66 -40.31
C ARG D 188 38.25 -20.87 -39.97
N ALA D 189 37.45 -20.76 -38.92
CA ALA D 189 36.65 -21.89 -38.45
C ALA D 189 35.63 -22.31 -39.50
N THR D 190 34.79 -21.37 -39.94
CA THR D 190 33.79 -21.69 -40.96
C THR D 190 34.46 -22.05 -42.28
N ALA D 191 35.54 -21.34 -42.63
CA ALA D 191 36.23 -21.59 -43.90
C ALA D 191 36.81 -22.99 -43.93
N GLU D 192 37.51 -23.39 -42.85
CA GLU D 192 37.98 -24.77 -42.76
C GLU D 192 36.81 -25.74 -42.68
N GLY D 193 35.67 -25.29 -42.15
CA GLY D 193 34.50 -26.16 -42.10
C GLY D 193 33.97 -26.54 -43.46
N VAL D 194 33.94 -25.57 -44.39
CA VAL D 194 33.50 -25.86 -45.74
C VAL D 194 34.51 -26.74 -46.45
N THR D 195 35.80 -26.61 -46.12
CA THR D 195 36.83 -27.44 -46.74
C THR D 195 36.64 -28.90 -46.38
N ILE D 196 36.33 -29.20 -45.12
CA ILE D 196 36.12 -30.59 -44.70
C ILE D 196 34.99 -31.21 -45.49
N VAL D 197 33.86 -30.49 -45.60
CA VAL D 197 32.68 -31.03 -46.25
C VAL D 197 32.97 -31.44 -47.68
N ILE D 198 33.81 -30.67 -48.37
CA ILE D 198 34.07 -30.94 -49.78
C ILE D 198 34.87 -32.22 -49.95
N GLN D 199 35.81 -32.49 -49.04
CA GLN D 199 36.69 -33.63 -49.19
C GLN D 199 35.95 -34.95 -48.95
N GLU D 200 35.16 -35.02 -47.87
CA GLU D 200 34.41 -36.25 -47.60
C GLU D 200 33.34 -36.51 -48.66
N ALA D 201 32.90 -35.46 -49.37
CA ALA D 201 32.00 -35.67 -50.49
C ALA D 201 32.70 -36.35 -51.66
N ALA D 202 34.02 -36.20 -51.75
CA ALA D 202 34.79 -36.84 -52.82
C ALA D 202 35.01 -38.32 -52.54
N LYS D 203 35.20 -38.70 -51.27
CA LYS D 203 35.38 -40.11 -50.95
C LYS D 203 34.09 -40.90 -51.14
N LYS D 204 32.93 -40.27 -50.89
CA LYS D 204 31.66 -40.96 -51.11
C LYS D 204 31.40 -41.17 -52.60
N ARG D 205 31.84 -40.24 -53.44
CA ARG D 205 31.72 -40.36 -54.89
C ARG D 205 32.93 -41.06 -55.51
N ASN D 206 33.86 -41.54 -54.69
CA ASN D 206 35.04 -42.28 -55.16
C ASN D 206 35.85 -41.45 -56.16
N ILE D 207 36.06 -40.18 -55.81
CA ILE D 207 36.77 -39.24 -56.66
C ILE D 207 38.10 -38.89 -56.03
N ASP D 208 39.18 -39.06 -56.79
CA ASP D 208 40.49 -38.62 -56.34
C ASP D 208 40.55 -37.10 -56.39
N ILE D 209 40.99 -36.48 -55.31
CA ILE D 209 41.04 -35.02 -55.24
C ILE D 209 42.08 -34.46 -56.20
N LYS D 210 43.23 -35.14 -56.32
CA LYS D 210 44.32 -34.61 -57.14
C LYS D 210 43.92 -34.45 -58.59
N GLY D 211 43.19 -35.41 -59.15
CA GLY D 211 42.72 -35.33 -60.51
C GLY D 211 41.35 -34.70 -60.68
N ALA D 212 40.83 -34.06 -59.64
CA ALA D 212 39.50 -33.48 -59.67
C ALA D 212 39.54 -32.01 -60.09
N ARG D 213 38.70 -31.65 -61.06
CA ARG D 213 38.57 -30.27 -61.47
C ARG D 213 37.65 -29.54 -60.50
N VAL D 214 37.92 -28.24 -60.30
CA VAL D 214 37.26 -27.47 -59.25
C VAL D 214 36.64 -26.22 -59.85
N VAL D 215 35.41 -25.91 -59.44
CA VAL D 215 34.68 -24.72 -59.86
C VAL D 215 34.14 -24.01 -58.63
N ILE D 216 34.41 -22.71 -58.51
CA ILE D 216 34.02 -21.91 -57.37
C ILE D 216 33.30 -20.66 -57.85
N GLN D 217 32.23 -20.28 -57.16
CA GLN D 217 31.39 -19.16 -57.56
C GLN D 217 31.41 -17.99 -56.58
N GLY D 218 32.13 -18.11 -55.47
CA GLY D 218 32.19 -17.01 -54.50
C GLY D 218 33.05 -15.86 -54.99
N PHE D 219 32.57 -14.64 -54.73
CA PHE D 219 33.29 -13.42 -55.10
C PHE D 219 33.62 -12.56 -53.90
N GLY D 220 33.37 -13.04 -52.69
CA GLY D 220 33.47 -12.26 -51.47
C GLY D 220 34.77 -12.55 -50.75
N ASN D 221 34.76 -13.53 -49.84
CA ASN D 221 35.87 -13.72 -48.92
C ASN D 221 36.34 -15.18 -48.87
N ALA D 222 35.43 -16.10 -48.54
CA ALA D 222 35.83 -17.48 -48.28
C ALA D 222 36.30 -18.18 -49.55
N GLY D 223 35.77 -17.79 -50.71
CA GLY D 223 36.14 -18.47 -51.95
C GLY D 223 37.62 -18.33 -52.26
N SER D 224 38.20 -17.17 -51.94
CA SER D 224 39.63 -16.98 -52.16
C SER D 224 40.44 -17.96 -51.31
N PHE D 225 40.12 -18.02 -50.01
CA PHE D 225 40.69 -19.07 -49.16
C PHE D 225 40.36 -20.45 -49.71
N LEU D 226 39.14 -20.62 -50.23
CA LEU D 226 38.72 -21.92 -50.74
C LEU D 226 39.56 -22.34 -51.94
N ALA D 227 39.84 -21.40 -52.85
CA ALA D 227 40.65 -21.71 -54.02
C ALA D 227 42.07 -22.06 -53.63
N LYS D 228 42.65 -21.34 -52.67
CA LYS D 228 44.02 -21.61 -52.25
C LYS D 228 44.12 -22.96 -51.53
N PHE D 229 43.11 -23.30 -50.73
CA PHE D 229 43.12 -24.59 -50.05
C PHE D 229 43.06 -25.74 -51.05
N MET D 230 42.23 -25.60 -52.08
CA MET D 230 42.17 -26.62 -53.14
C MET D 230 43.51 -26.72 -53.84
N SER D 231 44.05 -25.58 -54.27
CA SER D 231 45.33 -25.54 -54.97
C SER D 231 46.50 -25.62 -53.99
N THR D 320 17.22 -24.61 -54.37
CA THR D 320 16.01 -23.95 -53.87
C THR D 320 14.95 -24.99 -53.53
N SER D 321 13.69 -24.55 -53.51
CA SER D 321 12.58 -25.46 -53.28
C SER D 321 12.50 -26.51 -54.40
N GLU D 322 12.41 -26.06 -55.65
CA GLU D 322 12.36 -26.99 -56.77
C GLU D 322 13.74 -27.43 -57.22
N ALA D 323 14.76 -26.61 -57.00
CA ALA D 323 16.09 -26.93 -57.51
C ALA D 323 16.75 -28.06 -56.73
N THR D 324 16.49 -28.14 -55.42
CA THR D 324 17.10 -29.20 -54.62
C THR D 324 16.63 -30.57 -55.07
N LYS D 325 15.34 -30.69 -55.39
CA LYS D 325 14.83 -31.98 -55.86
C LYS D 325 15.28 -32.29 -57.28
N ILE D 326 15.67 -31.28 -58.06
CA ILE D 326 16.19 -31.52 -59.39
C ILE D 326 17.54 -32.24 -59.31
N LEU D 327 18.42 -31.79 -58.40
CA LEU D 327 19.73 -32.41 -58.27
C LEU D 327 19.64 -33.83 -57.73
N THR D 328 18.62 -34.13 -56.92
CA THR D 328 18.48 -35.48 -56.39
C THR D 328 18.11 -36.47 -57.50
N GLU D 329 17.36 -36.03 -58.51
CA GLU D 329 17.06 -36.89 -59.64
C GLU D 329 18.31 -37.23 -60.45
N ARG D 330 19.20 -36.25 -60.64
CA ARG D 330 20.42 -36.43 -61.42
C ARG D 330 21.49 -37.21 -60.67
N GLY D 331 21.30 -37.51 -59.40
CA GLY D 331 22.29 -38.22 -58.62
C GLY D 331 23.37 -37.36 -58.01
N ILE D 332 23.21 -36.05 -58.02
CA ILE D 332 24.20 -35.15 -57.46
C ILE D 332 24.10 -35.15 -55.94
N LEU D 333 25.23 -34.89 -55.28
CA LEU D 333 25.30 -34.86 -53.83
C LEU D 333 25.39 -33.41 -53.37
N LEU D 334 24.30 -32.91 -52.78
CA LEU D 334 24.22 -31.53 -52.32
C LEU D 334 24.45 -31.45 -50.82
N VAL D 335 25.26 -30.49 -50.39
CA VAL D 335 25.54 -30.27 -48.98
C VAL D 335 24.84 -28.97 -48.56
N PRO D 336 23.99 -29.01 -47.54
CA PRO D 336 23.25 -27.80 -47.14
C PRO D 336 24.14 -26.81 -46.43
N ASP D 337 23.61 -25.60 -46.26
CA ASP D 337 24.32 -24.55 -45.54
C ASP D 337 24.46 -24.89 -44.06
N VAL D 338 23.42 -25.47 -43.47
CA VAL D 338 23.40 -25.74 -42.04
C VAL D 338 24.44 -26.77 -41.61
N LEU D 339 25.01 -27.51 -42.56
CA LEU D 339 26.07 -28.48 -42.27
C LEU D 339 27.47 -27.94 -42.57
N ALA D 340 27.65 -27.34 -43.75
CA ALA D 340 28.97 -26.88 -44.15
C ALA D 340 29.45 -25.68 -43.33
N SER D 341 28.53 -24.93 -42.72
CA SER D 341 28.89 -23.76 -41.93
C SER D 341 29.01 -24.06 -40.44
N ALA D 342 28.80 -25.31 -40.02
CA ALA D 342 28.80 -25.65 -38.60
C ALA D 342 30.16 -25.52 -37.95
N GLY D 343 31.23 -25.32 -38.74
CA GLY D 343 32.55 -25.14 -38.15
C GLY D 343 32.64 -23.92 -37.26
N GLY D 344 31.79 -22.91 -37.51
CA GLY D 344 31.75 -21.77 -36.61
C GLY D 344 31.20 -22.12 -35.25
N ALA D 345 30.09 -22.87 -35.23
CA ALA D 345 29.53 -23.30 -33.95
C ALA D 345 30.42 -24.32 -33.27
N THR D 346 31.23 -25.06 -34.03
CA THR D 346 32.06 -26.11 -33.45
C THR D 346 33.24 -25.51 -32.68
N VAL D 347 33.89 -24.49 -33.24
CA VAL D 347 35.06 -23.91 -32.58
C VAL D 347 34.64 -23.01 -31.42
N SER D 348 33.50 -22.32 -31.53
CA SER D 348 33.01 -21.54 -30.39
C SER D 348 32.58 -22.45 -29.25
N TYR D 349 32.16 -23.68 -29.57
CA TYR D 349 31.94 -24.67 -28.51
C TYR D 349 33.25 -25.11 -27.87
N PHE D 350 34.31 -25.21 -28.67
CA PHE D 350 35.62 -25.54 -28.11
C PHE D 350 36.11 -24.44 -27.18
N GLU D 351 35.92 -23.18 -27.58
CA GLU D 351 36.28 -22.06 -26.71
C GLU D 351 35.56 -22.17 -25.37
N TRP D 352 34.29 -22.55 -25.38
CA TRP D 352 33.52 -22.69 -24.15
C TRP D 352 34.05 -23.83 -23.29
N VAL D 353 34.40 -24.95 -23.92
CA VAL D 353 34.95 -26.09 -23.18
C VAL D 353 36.28 -25.70 -22.52
N GLN D 354 37.10 -24.92 -23.22
CA GLN D 354 38.36 -24.47 -22.64
C GLN D 354 38.11 -23.50 -21.49
N ASN D 355 37.10 -22.63 -21.60
CA ASN D 355 36.76 -21.75 -20.50
C ASN D 355 36.22 -22.52 -19.30
N ASN D 356 35.60 -23.67 -19.54
CA ASN D 356 35.13 -24.50 -18.43
C ASN D 356 36.30 -25.10 -17.67
N MET D 357 37.34 -25.54 -18.38
CA MET D 357 38.51 -26.14 -17.73
C MET D 357 39.50 -25.09 -17.25
N GLY D 358 39.50 -23.89 -17.81
CA GLY D 358 40.60 -22.98 -17.59
C GLY D 358 41.89 -23.47 -18.22
N TYR D 359 41.78 -24.31 -19.25
CA TYR D 359 42.92 -24.90 -19.93
C TYR D 359 42.67 -24.80 -21.43
N TYR D 360 43.69 -24.39 -22.19
CA TYR D 360 43.49 -23.96 -23.56
C TYR D 360 44.35 -24.77 -24.52
N TRP D 361 43.76 -25.09 -25.67
CA TRP D 361 44.37 -25.97 -26.66
C TRP D 361 45.12 -25.18 -27.72
N GLU D 362 46.16 -25.80 -28.26
CA GLU D 362 46.91 -25.19 -29.35
C GLU D 362 46.16 -25.38 -30.66
N GLU D 363 46.65 -24.69 -31.71
CA GLU D 363 45.88 -24.57 -32.94
C GLU D 363 45.71 -25.92 -33.63
N GLU D 364 46.77 -26.73 -33.69
CA GLU D 364 46.67 -28.02 -34.35
C GLU D 364 45.70 -28.95 -33.64
N GLU D 365 45.63 -28.87 -32.31
CA GLU D 365 44.67 -29.70 -31.57
C GLU D 365 43.24 -29.29 -31.88
N VAL D 366 43.00 -27.99 -32.06
CA VAL D 366 41.65 -27.53 -32.41
C VAL D 366 41.29 -27.99 -33.81
N GLN D 367 42.23 -27.92 -34.75
CA GLN D 367 41.99 -28.44 -36.10
C GLN D 367 41.73 -29.93 -36.09
N GLU D 368 42.38 -30.66 -35.18
CA GLU D 368 42.16 -32.10 -35.07
C GLU D 368 40.73 -32.41 -34.68
N LYS D 369 40.24 -31.77 -33.62
CA LYS D 369 38.86 -31.98 -33.19
C LYS D 369 37.87 -31.41 -34.19
N LEU D 370 38.23 -30.31 -34.87
CA LEU D 370 37.34 -29.72 -35.86
C LEU D 370 37.17 -30.64 -37.06
N TYR D 371 38.23 -31.35 -37.45
CA TYR D 371 38.11 -32.31 -38.56
C TYR D 371 37.16 -33.44 -38.20
N LYS D 372 37.35 -34.04 -37.03
CA LYS D 372 36.54 -35.19 -36.64
C LYS D 372 35.06 -34.83 -36.55
N LYS D 373 34.75 -33.63 -36.04
CA LYS D 373 33.37 -33.23 -35.88
C LYS D 373 32.67 -33.08 -37.24
N MET D 374 33.32 -32.43 -38.19
CA MET D 374 32.72 -32.29 -39.53
C MET D 374 32.77 -33.60 -40.29
N TYR D 375 33.77 -34.45 -40.00
CA TYR D 375 33.81 -35.81 -40.52
C TYR D 375 32.53 -36.56 -40.16
N ASP D 376 32.28 -36.71 -38.85
CA ASP D 376 31.11 -37.44 -38.39
C ASP D 376 29.81 -36.78 -38.85
N SER D 377 29.75 -35.44 -38.75
CA SER D 377 28.52 -34.74 -39.07
C SER D 377 28.11 -34.96 -40.52
N PHE D 378 29.08 -34.88 -41.44
CA PHE D 378 28.78 -35.18 -42.84
C PHE D 378 28.38 -36.64 -43.00
N GLU D 379 29.07 -37.54 -42.30
CA GLU D 379 28.72 -38.96 -42.36
C GLU D 379 27.32 -39.20 -41.81
N ALA D 380 26.98 -38.54 -40.71
CA ALA D 380 25.65 -38.70 -40.13
C ALA D 380 24.57 -38.23 -41.08
N VAL D 381 24.78 -37.06 -41.71
CA VAL D 381 23.81 -36.56 -42.67
C VAL D 381 23.84 -37.41 -43.95
N TYR D 382 25.01 -37.96 -44.30
CA TYR D 382 25.09 -38.82 -45.47
C TYR D 382 24.34 -40.13 -45.23
N THR D 383 24.54 -40.74 -44.07
CA THR D 383 23.78 -41.93 -43.71
C THR D 383 22.28 -41.66 -43.76
N THR D 384 21.86 -40.54 -43.16
CA THR D 384 20.43 -40.21 -43.12
C THR D 384 19.88 -39.95 -44.52
N ALA D 385 20.67 -39.31 -45.38
CA ALA D 385 20.18 -39.00 -46.73
C ALA D 385 19.99 -40.26 -47.56
N THR D 386 20.87 -41.24 -47.42
CA THR D 386 20.78 -42.46 -48.22
C THR D 386 19.88 -43.51 -47.57
N THR D 387 20.13 -43.81 -46.29
CA THR D 387 19.34 -44.83 -45.60
C THR D 387 17.85 -44.52 -45.66
N ARG D 388 17.49 -43.25 -45.52
CA ARG D 388 16.10 -42.84 -45.52
C ARG D 388 15.61 -42.37 -46.89
N ASN D 389 16.50 -42.32 -47.89
CA ASN D 389 16.11 -42.04 -49.28
C ASN D 389 15.42 -40.68 -49.40
N ILE D 390 16.09 -39.64 -48.92
CA ILE D 390 15.58 -38.27 -48.98
C ILE D 390 16.71 -37.34 -49.39
N ASP D 391 16.35 -36.12 -49.79
CA ASP D 391 17.35 -35.12 -50.10
C ASP D 391 18.12 -34.73 -48.84
N MET D 392 19.30 -34.16 -49.06
CA MET D 392 20.21 -33.85 -47.95
C MET D 392 19.78 -32.64 -47.13
N ARG D 393 19.00 -31.72 -47.71
CA ARG D 393 18.54 -30.58 -46.94
C ARG D 393 17.64 -31.03 -45.79
N LEU D 394 16.67 -31.90 -46.10
CA LEU D 394 15.80 -32.42 -45.05
C LEU D 394 16.53 -33.40 -44.14
N ALA D 395 17.52 -34.11 -44.68
CA ALA D 395 18.31 -35.02 -43.86
C ALA D 395 19.03 -34.28 -42.74
N ALA D 396 19.58 -33.11 -43.05
CA ALA D 396 20.28 -32.34 -42.03
C ALA D 396 19.33 -31.78 -40.98
N TYR D 397 18.10 -31.45 -41.38
CA TYR D 397 17.12 -30.98 -40.41
C TYR D 397 16.75 -32.08 -39.42
N MET D 398 16.76 -33.33 -39.87
CA MET D 398 16.41 -34.44 -38.99
C MET D 398 17.54 -34.76 -38.02
N VAL D 399 18.79 -34.64 -38.46
CA VAL D 399 19.92 -34.90 -37.57
C VAL D 399 20.01 -33.80 -36.51
N GLY D 400 19.76 -32.55 -36.91
CA GLY D 400 19.92 -31.45 -35.98
C GLY D 400 18.84 -31.38 -34.92
N VAL D 401 17.60 -31.74 -35.29
CA VAL D 401 16.50 -31.67 -34.35
C VAL D 401 16.32 -32.95 -33.54
N ARG D 402 16.97 -34.05 -33.94
CA ARG D 402 16.75 -35.33 -33.27
C ARG D 402 17.11 -35.26 -31.80
N ARG D 403 18.30 -34.74 -31.47
CA ARG D 403 18.77 -34.76 -30.09
C ARG D 403 17.89 -33.90 -29.19
N THR D 404 17.32 -32.82 -29.72
CA THR D 404 16.43 -31.98 -28.92
C THR D 404 15.11 -32.68 -28.65
N ALA D 405 14.53 -33.32 -29.67
CA ALA D 405 13.28 -34.04 -29.48
C ALA D 405 13.44 -35.18 -28.49
N GLU D 406 14.59 -35.87 -28.54
CA GLU D 406 14.82 -36.98 -27.62
C GLU D 406 15.01 -36.49 -26.19
N ALA D 407 15.81 -35.43 -26.02
CA ALA D 407 16.01 -34.86 -24.70
C ALA D 407 14.70 -34.37 -24.10
N SER D 408 13.85 -33.75 -24.92
CA SER D 408 12.57 -33.25 -24.41
C SER D 408 11.67 -34.38 -23.97
N ARG D 409 11.69 -35.51 -24.69
CA ARG D 409 10.90 -36.66 -24.28
C ARG D 409 11.40 -37.24 -22.97
N PHE D 410 12.73 -37.30 -22.80
CA PHE D 410 13.32 -37.89 -21.60
C PHE D 410 13.02 -37.06 -20.36
N ARG D 411 13.12 -35.74 -20.46
CA ARG D 411 12.90 -34.87 -19.32
C ARG D 411 11.43 -34.71 -18.94
N GLY D 412 10.52 -35.28 -19.72
CA GLY D 412 9.10 -35.21 -19.41
C GLY D 412 8.41 -33.93 -19.84
N TRP D 413 8.89 -33.29 -20.91
CA TRP D 413 8.29 -32.03 -21.35
C TRP D 413 7.10 -32.25 -22.26
N VAL D 414 7.03 -33.39 -22.95
CA VAL D 414 5.93 -33.67 -23.86
C VAL D 414 5.60 -35.16 -23.86
N ALA E 2 0.89 -51.35 31.85
CA ALA E 2 1.81 -50.47 31.15
C ALA E 2 1.05 -49.45 30.31
N GLU E 3 1.71 -48.34 30.01
CA GLU E 3 1.11 -47.28 29.22
C GLU E 3 2.14 -46.77 28.22
N ASN E 4 1.65 -46.13 27.17
CA ASN E 4 2.53 -45.59 26.13
C ASN E 4 3.30 -44.39 26.68
N LEU E 5 4.59 -44.56 26.92
CA LEU E 5 5.46 -43.49 27.38
C LEU E 5 6.30 -42.89 26.27
N ASN E 6 6.15 -43.38 25.04
CA ASN E 6 6.88 -42.83 23.90
C ASN E 6 6.24 -41.50 23.48
N LEU E 7 7.02 -40.42 23.58
CA LEU E 7 6.47 -39.09 23.30
C LEU E 7 6.06 -38.95 21.83
N PHE E 8 6.74 -39.64 20.92
CA PHE E 8 6.47 -39.47 19.50
C PHE E 8 5.16 -40.13 19.10
N THR E 9 4.98 -41.40 19.49
CA THR E 9 3.76 -42.11 19.12
C THR E 9 2.56 -41.62 19.92
N SER E 10 2.79 -41.09 21.12
CA SER E 10 1.71 -40.47 21.88
C SER E 10 1.13 -39.26 21.15
N THR E 11 2.01 -38.40 20.63
CA THR E 11 1.55 -37.23 19.91
C THR E 11 0.83 -37.60 18.62
N GLN E 12 1.33 -38.64 17.93
CA GLN E 12 0.74 -39.03 16.65
C GLN E 12 -0.74 -39.37 16.80
N GLU E 13 -1.12 -40.04 17.89
CA GLU E 13 -2.52 -40.42 18.07
C GLU E 13 -3.38 -39.20 18.36
N VAL E 14 -2.89 -38.27 19.19
CA VAL E 14 -3.65 -37.05 19.44
C VAL E 14 -3.71 -36.20 18.18
N VAL E 15 -2.65 -36.19 17.38
CA VAL E 15 -2.69 -35.48 16.11
C VAL E 15 -3.65 -36.14 15.14
N LYS E 16 -3.69 -37.48 15.13
CA LYS E 16 -4.64 -38.18 14.27
C LYS E 16 -6.08 -37.89 14.68
N GLU E 17 -6.34 -37.87 15.99
CA GLU E 17 -7.70 -37.61 16.47
C GLU E 17 -8.11 -36.16 16.24
N ALA E 18 -7.15 -35.22 16.35
CA ALA E 18 -7.48 -33.82 16.12
C ALA E 18 -7.80 -33.56 14.65
N LEU E 19 -6.99 -34.10 13.74
CA LEU E 19 -7.27 -33.94 12.31
C LEU E 19 -8.56 -34.64 11.91
N ASN E 20 -8.92 -35.73 12.60
CA ASN E 20 -10.18 -36.41 12.32
C ASN E 20 -11.36 -35.51 12.68
N LYS E 21 -11.35 -34.95 13.89
CA LYS E 21 -12.44 -34.08 14.32
C LYS E 21 -12.56 -32.84 13.45
N LEU E 22 -11.45 -32.37 12.89
CA LEU E 22 -11.49 -31.24 11.98
C LEU E 22 -12.00 -31.62 10.59
N GLY E 23 -12.19 -32.91 10.32
CA GLY E 23 -12.75 -33.33 9.06
C GLY E 23 -11.76 -33.48 7.93
N TYR E 24 -10.52 -33.81 8.23
CA TYR E 24 -9.52 -34.02 7.19
C TYR E 24 -9.42 -35.50 6.84
N ASP E 25 -8.90 -35.76 5.64
CA ASP E 25 -8.73 -37.11 5.14
C ASP E 25 -7.52 -37.77 5.80
N GLU E 26 -7.41 -39.09 5.62
CA GLU E 26 -6.30 -39.83 6.21
C GLU E 26 -4.96 -39.41 5.63
N ALA E 27 -4.94 -38.81 4.43
CA ALA E 27 -3.68 -38.38 3.84
C ALA E 27 -3.06 -37.24 4.62
N MET E 28 -3.89 -36.35 5.17
CA MET E 28 -3.36 -35.22 5.94
C MET E 28 -2.60 -35.70 7.17
N TYR E 29 -3.10 -36.77 7.81
CA TYR E 29 -2.36 -37.34 8.93
C TYR E 29 -1.05 -37.97 8.47
N GLU E 30 -1.07 -38.64 7.31
CA GLU E 30 0.16 -39.24 6.79
C GLU E 30 1.19 -38.16 6.44
N LEU E 31 0.75 -36.94 6.14
CA LEU E 31 1.69 -35.87 5.85
C LEU E 31 2.27 -35.25 7.12
N LEU E 32 1.50 -35.23 8.21
CA LEU E 32 1.89 -34.54 9.43
C LEU E 32 2.32 -35.46 10.56
N LYS E 33 2.27 -36.78 10.37
CA LYS E 33 2.61 -37.69 11.46
C LYS E 33 4.11 -37.79 11.69
N GLU E 34 4.91 -37.54 10.66
CA GLU E 34 6.37 -37.49 10.77
C GLU E 34 6.86 -36.18 10.18
N PRO E 35 7.98 -35.66 10.66
CA PRO E 35 8.52 -34.43 10.10
C PRO E 35 8.87 -34.59 8.62
N LEU E 36 8.64 -33.53 7.85
CA LEU E 36 9.01 -33.54 6.44
C LEU E 36 10.49 -33.78 6.25
N ARG E 37 11.32 -33.24 7.15
CA ARG E 37 12.76 -33.34 7.06
C ARG E 37 13.32 -33.67 8.43
N LEU E 38 14.24 -34.63 8.47
CA LEU E 38 14.96 -34.99 9.69
C LEU E 38 16.42 -35.21 9.32
N LEU E 39 17.30 -34.37 9.85
CA LEU E 39 18.74 -34.45 9.59
C LEU E 39 19.45 -34.99 10.83
N LYS E 40 20.07 -36.16 10.67
CA LYS E 40 20.92 -36.76 11.70
C LYS E 40 22.37 -36.51 11.33
N VAL E 41 23.17 -36.06 12.29
CA VAL E 41 24.48 -35.50 11.99
C VAL E 41 25.51 -35.93 13.05
N ARG E 42 26.75 -36.10 12.60
CA ARG E 42 27.88 -36.42 13.48
C ARG E 42 28.85 -35.24 13.50
N ILE E 43 29.15 -34.74 14.70
CA ILE E 43 29.95 -33.53 14.87
C ILE E 43 31.26 -33.83 15.59
N PRO E 44 32.41 -33.74 14.92
CA PRO E 44 33.68 -33.90 15.63
C PRO E 44 34.10 -32.62 16.33
N VAL E 45 34.67 -32.79 17.53
CA VAL E 45 35.07 -31.66 18.38
C VAL E 45 36.40 -31.99 19.04
N LYS E 46 37.38 -31.08 18.90
CA LYS E 46 38.63 -31.20 19.63
C LYS E 46 38.40 -30.79 21.08
N MET E 47 38.65 -31.70 22.00
CA MET E 47 38.47 -31.44 23.43
C MET E 47 39.72 -30.77 24.01
N ASP E 48 39.61 -30.35 25.26
CA ASP E 48 40.69 -29.57 25.89
C ASP E 48 41.98 -30.36 26.02
N ASP E 49 41.89 -31.68 26.20
CA ASP E 49 43.08 -32.51 26.34
C ASP E 49 43.72 -32.85 25.01
N GLY E 50 43.24 -32.29 23.90
CA GLY E 50 43.78 -32.55 22.59
C GLY E 50 43.11 -33.69 21.84
N THR E 51 42.35 -34.53 22.52
CA THR E 51 41.67 -35.64 21.85
C THR E 51 40.46 -35.11 21.07
N THR E 52 39.79 -36.02 20.37
CA THR E 52 38.65 -35.69 19.53
C THR E 52 37.46 -36.55 19.91
N GLN E 53 36.37 -35.91 20.30
CA GLN E 53 35.08 -36.58 20.48
C GLN E 53 34.18 -36.27 19.30
N VAL E 54 33.33 -37.24 18.95
CA VAL E 54 32.36 -37.11 17.86
C VAL E 54 30.98 -37.20 18.49
N PHE E 55 30.18 -36.16 18.29
CA PHE E 55 28.85 -36.07 18.89
C PHE E 55 27.77 -36.28 17.84
N THR E 56 26.61 -36.71 18.31
CA THR E 56 25.46 -36.93 17.45
C THR E 56 24.48 -35.77 17.60
N GLY E 57 24.05 -35.20 16.48
CA GLY E 57 23.11 -34.11 16.50
C GLY E 57 21.85 -34.40 15.71
N TYR E 58 20.79 -33.63 15.98
CA TYR E 58 19.53 -33.78 15.26
C TYR E 58 18.98 -32.40 14.95
N ARG E 59 18.25 -32.33 13.84
CA ARG E 59 17.45 -31.14 13.50
C ARG E 59 16.22 -31.65 12.77
N ALA E 60 15.08 -31.61 13.45
CA ALA E 60 13.81 -32.03 12.87
C ALA E 60 13.06 -30.80 12.36
N GLN E 61 12.53 -30.89 11.15
CA GLN E 61 11.72 -29.85 10.55
C GLN E 61 10.37 -30.46 10.22
N HIS E 62 9.38 -30.24 11.08
CA HIS E 62 8.08 -30.89 10.96
C HIS E 62 7.40 -30.51 9.67
N SER E 63 6.95 -29.26 9.58
CA SER E 63 6.25 -28.78 8.39
C SER E 63 6.58 -27.30 8.21
N ASP E 64 6.89 -26.92 6.96
CA ASP E 64 7.10 -25.53 6.61
C ASP E 64 6.00 -25.02 5.68
N ALA E 65 4.79 -25.59 5.80
CA ALA E 65 3.68 -25.15 4.98
C ALA E 65 3.25 -23.73 5.34
N VAL E 66 3.30 -23.38 6.62
CA VAL E 66 2.88 -22.05 7.03
C VAL E 66 4.00 -21.03 6.86
N GLY E 67 5.25 -21.44 7.05
CA GLY E 67 6.37 -20.56 6.89
C GLY E 67 7.65 -21.24 7.30
N PRO E 68 8.66 -20.46 7.68
CA PRO E 68 9.91 -21.05 8.16
C PRO E 68 9.69 -21.81 9.46
N THR E 69 10.47 -22.86 9.64
CA THR E 69 10.35 -23.75 10.79
C THR E 69 11.06 -23.16 12.01
N LYS E 70 10.45 -23.31 13.19
CA LYS E 70 10.93 -22.65 14.40
C LYS E 70 11.03 -23.64 15.56
N GLY E 71 12.14 -23.59 16.30
CA GLY E 71 12.33 -24.43 17.47
C GLY E 71 13.76 -24.47 17.98
N GLY E 72 13.93 -24.72 19.27
CA GLY E 72 15.23 -24.62 19.90
C GLY E 72 16.08 -25.87 19.79
N VAL E 73 17.24 -25.82 20.45
CA VAL E 73 18.20 -26.91 20.49
C VAL E 73 18.55 -27.19 21.95
N ARG E 74 18.46 -28.45 22.36
CA ARG E 74 18.79 -28.84 23.72
C ARG E 74 20.05 -29.71 23.75
N PHE E 75 20.79 -29.61 24.86
CA PHE E 75 22.03 -30.36 25.09
C PHE E 75 21.78 -31.30 26.26
N HIS E 76 21.60 -32.60 25.98
CA HIS E 76 21.32 -33.52 27.08
C HIS E 76 21.77 -34.93 26.69
N PRO E 77 22.36 -35.69 27.61
CA PRO E 77 22.83 -37.04 27.26
C PRO E 77 21.71 -38.02 26.97
N MET E 78 20.45 -37.65 27.21
CA MET E 78 19.31 -38.54 26.98
C MET E 78 18.47 -38.11 25.78
N VAL E 79 18.94 -37.18 24.96
CA VAL E 79 18.17 -36.77 23.80
C VAL E 79 18.13 -37.93 22.80
N SER E 80 16.95 -38.16 22.23
CA SER E 80 16.73 -39.25 21.29
C SER E 80 16.10 -38.68 20.02
N GLU E 81 16.12 -39.50 18.96
CA GLU E 81 15.52 -39.07 17.70
C GLU E 81 14.01 -38.88 17.84
N ASP E 82 13.35 -39.81 18.55
CA ASP E 82 11.91 -39.67 18.77
C ASP E 82 11.60 -38.41 19.58
N GLU E 83 12.46 -38.06 20.54
CA GLU E 83 12.20 -36.89 21.38
C GLU E 83 12.16 -35.61 20.56
N VAL E 84 13.18 -35.37 19.74
CA VAL E 84 13.21 -34.13 18.97
C VAL E 84 12.17 -34.13 17.86
N LYS E 85 11.71 -35.31 17.44
CA LYS E 85 10.59 -35.35 16.49
C LYS E 85 9.31 -34.90 17.16
N ALA E 86 8.99 -35.47 18.32
CA ALA E 86 7.83 -35.02 19.08
C ALA E 86 7.99 -33.58 19.53
N LEU E 87 9.23 -33.15 19.83
CA LEU E 87 9.45 -31.76 20.19
C LEU E 87 9.15 -30.83 19.02
N SER E 88 9.55 -31.21 17.81
CA SER E 88 9.24 -30.39 16.64
C SER E 88 7.75 -30.35 16.40
N MET E 89 7.05 -31.47 16.63
CA MET E 89 5.60 -31.49 16.49
C MET E 89 4.93 -30.63 17.56
N TRP E 90 5.48 -30.62 18.77
CA TRP E 90 5.02 -29.65 19.77
C TRP E 90 5.02 -28.24 19.17
N MET E 91 6.12 -27.88 18.50
CA MET E 91 6.32 -26.52 18.05
C MET E 91 5.32 -26.12 16.97
N THR E 92 5.03 -27.03 16.03
CA THR E 92 4.00 -26.75 15.03
C THR E 92 2.70 -26.36 15.70
N LEU E 93 2.25 -27.17 16.66
CA LEU E 93 1.01 -26.89 17.36
C LEU E 93 1.13 -25.66 18.24
N LYS E 94 2.31 -25.40 18.81
CA LYS E 94 2.51 -24.17 19.58
C LYS E 94 2.32 -22.94 18.70
N CYS E 95 2.95 -22.93 17.52
CA CYS E 95 2.85 -21.78 16.64
C CYS E 95 1.43 -21.58 16.12
N GLY E 96 0.72 -22.68 15.86
CA GLY E 96 -0.66 -22.56 15.42
C GLY E 96 -1.57 -22.00 16.50
N ILE E 97 -1.32 -22.36 17.76
CA ILE E 97 -2.18 -21.94 18.85
C ILE E 97 -2.09 -20.43 19.04
N VAL E 98 -0.86 -19.89 19.06
CA VAL E 98 -0.66 -18.45 19.21
C VAL E 98 -0.58 -17.76 17.85
N ASP E 99 -0.84 -18.49 16.76
CA ASP E 99 -0.96 -17.93 15.40
C ASP E 99 0.32 -17.22 14.98
N LEU E 100 1.40 -17.93 15.00
CA LEU E 100 2.66 -17.41 14.47
C LEU E 100 2.86 -17.89 13.02
N PRO E 101 3.51 -17.10 12.18
CA PRO E 101 3.75 -17.52 10.80
C PRO E 101 4.88 -18.54 10.69
N TYR E 102 4.92 -19.49 11.63
CA TYR E 102 5.96 -20.49 11.70
C TYR E 102 5.39 -21.89 11.55
N GLY E 103 6.27 -22.83 11.23
CA GLY E 103 6.04 -24.23 11.44
C GLY E 103 6.91 -24.75 12.58
N GLY E 104 6.81 -26.05 12.83
CA GLY E 104 7.52 -26.67 13.93
C GLY E 104 8.90 -27.19 13.54
N GLY E 105 9.83 -27.09 14.49
CA GLY E 105 11.15 -27.66 14.35
C GLY E 105 11.81 -27.78 15.70
N LYS E 106 12.90 -28.53 15.75
CA LYS E 106 13.62 -28.73 16.99
C LYS E 106 14.95 -29.39 16.70
N GLY E 107 15.88 -29.24 17.64
CA GLY E 107 17.18 -29.87 17.52
C GLY E 107 17.67 -30.34 18.88
N GLY E 108 18.69 -31.19 18.85
CA GLY E 108 19.31 -31.67 20.06
C GLY E 108 20.65 -32.29 19.76
N ILE E 109 21.52 -32.30 20.76
CA ILE E 109 22.83 -32.94 20.67
C ILE E 109 22.97 -33.85 21.88
N ILE E 110 23.44 -35.07 21.65
CA ILE E 110 23.71 -36.03 22.71
C ILE E 110 25.05 -35.66 23.35
N CYS E 111 25.00 -35.00 24.50
CA CYS E 111 26.20 -34.58 25.20
C CYS E 111 25.82 -34.19 26.62
N ASP E 112 26.82 -34.04 27.47
CA ASP E 112 26.62 -33.61 28.86
C ASP E 112 27.36 -32.30 29.10
N PRO E 113 26.68 -31.16 29.03
CA PRO E 113 27.37 -29.87 29.24
C PRO E 113 28.00 -29.72 30.60
N ARG E 114 27.45 -30.39 31.62
CA ARG E 114 28.03 -30.31 32.96
C ARG E 114 29.44 -30.88 33.02
N GLN E 115 29.83 -31.69 32.03
CA GLN E 115 31.15 -32.29 31.97
C GLN E 115 32.04 -31.63 30.92
N MET E 116 31.60 -30.54 30.30
CA MET E 116 32.33 -29.89 29.23
C MET E 116 32.66 -28.46 29.63
N SER E 117 33.79 -27.96 29.12
CA SER E 117 34.23 -26.60 29.42
C SER E 117 33.53 -25.60 28.50
N MET E 118 33.79 -24.31 28.77
CA MET E 118 33.27 -23.25 27.92
C MET E 118 33.78 -23.39 26.49
N GLY E 119 35.07 -23.67 26.33
CA GLY E 119 35.62 -23.80 24.99
C GLY E 119 35.07 -25.00 24.26
N GLU E 120 34.80 -26.09 24.97
CA GLU E 120 34.26 -27.28 24.32
C GLU E 120 32.81 -27.10 23.90
N LEU E 121 32.05 -26.31 24.66
CA LEU E 121 30.67 -26.02 24.27
C LEU E 121 30.62 -25.06 23.09
N GLU E 122 31.57 -24.14 22.99
CA GLU E 122 31.64 -23.25 21.84
C GLU E 122 31.96 -24.05 20.57
N ARG E 123 32.97 -24.90 20.63
CA ARG E 123 33.35 -25.67 19.45
C ARG E 123 32.26 -26.66 19.05
N LEU E 124 31.49 -27.17 20.03
CA LEU E 124 30.35 -28.02 19.71
C LEU E 124 29.22 -27.21 19.10
N SER E 125 28.91 -26.04 19.67
CA SER E 125 27.87 -25.19 19.11
C SER E 125 28.21 -24.79 17.67
N ARG E 126 29.46 -24.38 17.44
CA ARG E 126 29.89 -24.04 16.08
C ARG E 126 29.85 -25.27 15.19
N GLY E 127 30.28 -26.42 15.71
CA GLY E 127 30.21 -27.64 14.92
C GLY E 127 28.80 -28.03 14.55
N TYR E 128 27.82 -27.69 15.41
CA TYR E 128 26.44 -28.03 15.12
C TYR E 128 25.88 -27.15 14.00
N VAL E 129 26.25 -25.87 13.96
CA VAL E 129 25.80 -24.98 12.89
C VAL E 129 26.42 -25.39 11.57
N ARG E 130 27.73 -25.68 11.55
CA ARG E 130 28.38 -26.12 10.32
C ARG E 130 27.76 -27.40 9.79
N ALA E 131 27.28 -28.27 10.68
CA ALA E 131 26.76 -29.55 10.25
C ALA E 131 25.38 -29.44 9.60
N ILE E 132 24.55 -28.48 10.02
CA ILE E 132 23.18 -28.38 9.53
C ILE E 132 22.95 -27.09 8.73
N SER E 133 24.01 -26.35 8.42
CA SER E 133 23.87 -25.03 7.83
C SER E 133 23.15 -25.04 6.49
N GLN E 134 23.15 -26.17 5.78
CA GLN E 134 22.54 -26.22 4.46
C GLN E 134 21.01 -26.15 4.51
N ILE E 135 20.39 -26.44 5.65
CA ILE E 135 18.94 -26.51 5.75
C ILE E 135 18.38 -25.52 6.75
N VAL E 136 19.20 -24.64 7.31
CA VAL E 136 18.74 -23.68 8.29
C VAL E 136 19.09 -22.26 7.80
N GLY E 137 18.49 -21.27 8.45
CA GLY E 137 18.67 -19.89 8.08
C GLY E 137 17.48 -19.05 8.49
N PRO E 138 17.63 -17.72 8.41
CA PRO E 138 16.52 -16.83 8.80
C PRO E 138 15.25 -17.03 8.00
N THR E 139 15.32 -17.58 6.79
CA THR E 139 14.14 -17.84 5.99
C THR E 139 13.77 -19.32 5.93
N LYS E 140 14.56 -20.20 6.56
CA LYS E 140 14.35 -21.65 6.46
C LYS E 140 13.98 -22.26 7.81
N ASP E 141 14.84 -22.11 8.81
CA ASP E 141 14.70 -22.83 10.08
C ASP E 141 15.41 -22.01 11.14
N ILE E 142 14.66 -21.59 12.15
CA ILE E 142 15.16 -20.63 13.13
C ILE E 142 15.33 -21.28 14.49
N PRO E 143 16.55 -21.67 14.87
CA PRO E 143 16.75 -22.28 16.20
C PRO E 143 16.53 -21.32 17.36
N GLY E 144 16.75 -21.80 18.58
CA GLY E 144 16.57 -21.01 19.77
C GLY E 144 16.99 -21.74 21.03
N PRO E 145 16.79 -21.11 22.19
CA PRO E 145 17.20 -21.73 23.45
C PRO E 145 16.29 -22.88 23.86
N ASP E 146 16.87 -23.84 24.57
CA ASP E 146 16.14 -25.00 25.07
C ASP E 146 16.87 -25.49 26.31
N MET E 147 16.61 -26.74 26.71
CA MET E 147 17.21 -27.29 27.91
C MET E 147 18.73 -27.32 27.79
N PHE E 148 19.40 -26.73 28.79
CA PHE E 148 20.87 -26.67 28.89
C PHE E 148 21.52 -25.86 27.77
N THR E 149 20.76 -24.98 27.10
CA THR E 149 21.35 -23.97 26.23
C THR E 149 20.81 -22.62 26.65
N ASN E 150 21.50 -21.57 26.22
CA ASN E 150 21.25 -20.23 26.74
C ASN E 150 21.67 -19.19 25.71
N ALA E 151 21.61 -17.92 26.10
CA ALA E 151 21.91 -16.84 25.18
C ALA E 151 23.37 -16.86 24.71
N GLN E 152 24.27 -17.39 25.55
CA GLN E 152 25.67 -17.47 25.15
C GLN E 152 25.88 -18.48 24.03
N ILE E 153 25.24 -19.66 24.13
CA ILE E 153 25.34 -20.65 23.06
C ILE E 153 24.63 -20.15 21.81
N MET E 154 23.52 -19.44 21.98
CA MET E 154 22.89 -18.78 20.84
C MET E 154 23.83 -17.79 20.20
N ALA E 155 24.59 -17.06 21.02
CA ALA E 155 25.53 -16.07 20.48
C ALA E 155 26.63 -16.74 19.67
N TRP E 156 27.16 -17.87 20.17
CA TRP E 156 28.18 -18.60 19.43
C TRP E 156 27.63 -19.15 18.12
N MET E 157 26.41 -19.69 18.14
CA MET E 157 25.81 -20.21 16.92
C MET E 157 25.47 -19.11 15.94
N MET E 158 25.07 -17.94 16.45
CA MET E 158 24.78 -16.81 15.58
C MET E 158 26.07 -16.31 14.90
N ASP E 159 27.17 -16.25 15.64
CA ASP E 159 28.42 -15.81 15.04
C ASP E 159 28.88 -16.78 13.97
N GLU E 160 28.72 -18.09 14.21
CA GLU E 160 29.19 -19.09 13.27
C GLU E 160 28.41 -19.02 11.96
N TYR E 161 27.09 -18.81 12.04
CA TYR E 161 26.29 -18.72 10.82
C TYR E 161 26.59 -17.44 10.06
N SER E 162 26.85 -16.34 10.78
CA SER E 162 27.12 -15.07 10.11
C SER E 162 28.44 -15.12 9.34
N ARG E 163 29.45 -15.79 9.90
CA ARG E 163 30.72 -15.92 9.19
C ARG E 163 30.56 -16.74 7.91
N MET E 164 29.74 -17.81 7.96
CA MET E 164 29.52 -18.63 6.78
C MET E 164 28.78 -17.86 5.69
N ASP E 165 27.84 -16.99 6.07
CA ASP E 165 27.11 -16.20 5.10
C ASP E 165 27.89 -14.96 4.65
N GLU E 166 28.94 -14.60 5.37
CA GLU E 166 29.78 -13.43 5.13
C GLU E 166 29.09 -12.12 5.45
N PHE E 167 28.02 -12.16 6.25
CA PHE E 167 27.39 -10.97 6.79
C PHE E 167 26.56 -11.35 8.01
N ASN E 168 26.18 -10.34 8.80
CA ASN E 168 25.42 -10.57 10.01
C ASN E 168 24.02 -11.09 9.68
N SER E 169 23.64 -12.19 10.34
CA SER E 169 22.32 -12.80 10.19
C SER E 169 21.72 -13.00 11.57
N PRO E 170 21.28 -11.92 12.23
CA PRO E 170 20.66 -12.08 13.55
C PRO E 170 19.38 -12.90 13.53
N GLY E 171 18.61 -12.82 12.44
CA GLY E 171 17.38 -13.58 12.33
C GLY E 171 17.56 -15.08 12.17
N PHE E 172 18.80 -15.57 12.14
CA PHE E 172 19.03 -17.00 12.04
C PHE E 172 18.55 -17.72 13.30
N ILE E 173 18.72 -17.10 14.46
CA ILE E 173 18.51 -17.80 15.73
C ILE E 173 18.04 -16.79 16.76
N THR E 174 17.15 -17.23 17.65
CA THR E 174 16.57 -16.36 18.66
C THR E 174 17.07 -16.74 20.04
N GLY E 175 16.69 -15.93 21.03
CA GLY E 175 17.30 -16.02 22.34
C GLY E 175 18.67 -15.40 22.41
N LYS E 176 19.01 -14.51 21.46
CA LYS E 176 20.31 -13.87 21.41
C LYS E 176 20.45 -12.84 22.53
N PRO E 177 21.69 -12.54 22.93
CA PRO E 177 21.91 -11.39 23.83
C PRO E 177 21.39 -10.12 23.19
N LEU E 178 21.04 -9.15 24.04
CA LEU E 178 20.46 -7.91 23.54
C LEU E 178 21.43 -7.17 22.62
N VAL E 179 22.73 -7.24 22.92
CA VAL E 179 23.71 -6.55 22.10
C VAL E 179 23.84 -7.17 20.72
N LEU E 180 23.41 -8.41 20.54
CA LEU E 180 23.50 -9.10 19.26
C LEU E 180 22.16 -9.15 18.53
N GLY E 181 21.21 -8.28 18.90
CA GLY E 181 19.92 -8.27 18.25
C GLY E 181 18.86 -9.11 18.91
N GLY E 182 19.04 -9.47 20.18
CA GLY E 182 18.00 -10.15 20.91
C GLY E 182 16.86 -9.19 21.25
N SER E 183 15.83 -9.75 21.87
CA SER E 183 14.63 -9.01 22.22
C SER E 183 14.50 -8.87 23.73
N LYS E 184 14.02 -7.71 24.17
CA LYS E 184 13.64 -7.55 25.56
C LYS E 184 12.54 -8.53 25.93
N GLY E 185 12.58 -9.02 27.16
CA GLY E 185 11.59 -9.95 27.65
C GLY E 185 11.74 -11.38 27.19
N ARG E 186 12.75 -11.70 26.37
CA ARG E 186 12.90 -13.07 25.90
C ARG E 186 13.41 -14.00 26.99
N ASP E 187 14.22 -13.48 27.92
CA ASP E 187 14.80 -14.33 28.95
C ASP E 187 13.73 -14.98 29.82
N ARG E 188 12.69 -14.21 30.15
CA ARG E 188 11.62 -14.70 31.02
C ARG E 188 10.33 -14.99 30.26
N ALA E 189 10.41 -15.12 28.93
CA ALA E 189 9.21 -15.26 28.11
C ALA E 189 8.42 -16.51 28.47
N THR E 190 9.11 -17.63 28.71
CA THR E 190 8.41 -18.88 28.98
C THR E 190 7.61 -18.78 30.28
N ALA E 191 8.25 -18.34 31.37
CA ALA E 191 7.55 -18.21 32.64
C ALA E 191 6.46 -17.15 32.59
N GLU E 192 6.64 -16.10 31.79
CA GLU E 192 5.63 -15.05 31.71
C GLU E 192 4.40 -15.53 30.97
N GLY E 193 4.58 -16.33 29.92
CA GLY E 193 3.43 -16.91 29.26
C GLY E 193 2.70 -17.91 30.14
N VAL E 194 3.46 -18.72 30.88
CA VAL E 194 2.85 -19.65 31.85
C VAL E 194 2.10 -18.86 32.91
N THR E 195 2.66 -17.74 33.35
CA THR E 195 2.00 -16.91 34.35
C THR E 195 0.66 -16.39 33.84
N ILE E 196 0.63 -15.88 32.61
CA ILE E 196 -0.61 -15.37 32.03
C ILE E 196 -1.64 -16.49 31.91
N VAL E 197 -1.19 -17.70 31.61
CA VAL E 197 -2.11 -18.83 31.50
C VAL E 197 -2.66 -19.22 32.87
N ILE E 198 -1.82 -19.14 33.90
CA ILE E 198 -2.26 -19.47 35.26
C ILE E 198 -3.32 -18.48 35.74
N GLN E 199 -3.12 -17.19 35.44
CA GLN E 199 -4.13 -16.19 35.80
C GLN E 199 -5.45 -16.46 35.10
N GLU E 200 -5.40 -16.91 33.86
CA GLU E 200 -6.64 -17.20 33.13
C GLU E 200 -7.33 -18.45 33.65
N ALA E 201 -6.56 -19.47 33.99
CA ALA E 201 -7.14 -20.67 34.59
C ALA E 201 -7.68 -20.40 35.99
N ALA E 202 -7.01 -19.52 36.74
CA ALA E 202 -7.48 -19.19 38.08
C ALA E 202 -8.82 -18.48 38.05
N LYS E 203 -9.03 -17.63 37.05
CA LYS E 203 -10.31 -16.93 36.92
C LYS E 203 -11.46 -17.92 36.72
N LYS E 204 -11.29 -18.83 35.76
CA LYS E 204 -12.37 -19.75 35.42
C LYS E 204 -12.64 -20.77 36.51
N ARG E 205 -11.69 -20.96 37.44
CA ARG E 205 -11.91 -21.76 38.63
C ARG E 205 -12.25 -20.91 39.85
N ASN E 206 -12.31 -19.59 39.68
CA ASN E 206 -12.61 -18.65 40.77
C ASN E 206 -11.65 -18.86 41.95
N ILE E 207 -10.36 -18.83 41.64
CA ILE E 207 -9.29 -18.93 42.64
C ILE E 207 -8.47 -17.66 42.56
N ASP E 208 -8.40 -16.92 43.66
CA ASP E 208 -7.56 -15.73 43.68
C ASP E 208 -6.10 -16.14 43.72
N ILE E 209 -5.28 -15.43 42.95
CA ILE E 209 -3.84 -15.73 42.92
C ILE E 209 -3.21 -15.41 44.27
N LYS E 210 -3.52 -14.24 44.83
CA LYS E 210 -2.99 -13.86 46.12
C LYS E 210 -3.45 -14.83 47.19
N GLY E 211 -2.53 -15.64 47.72
CA GLY E 211 -2.84 -16.63 48.71
C GLY E 211 -3.01 -18.04 48.18
N ALA E 212 -3.01 -18.23 46.86
CA ALA E 212 -3.14 -19.55 46.29
C ALA E 212 -1.89 -20.38 46.55
N ARG E 213 -2.07 -21.67 46.76
CA ARG E 213 -0.97 -22.60 46.98
C ARG E 213 -0.53 -23.16 45.64
N VAL E 214 0.73 -22.89 45.28
CA VAL E 214 1.30 -23.27 43.99
C VAL E 214 2.56 -24.08 44.27
N VAL E 215 2.71 -25.20 43.56
CA VAL E 215 3.94 -25.98 43.58
C VAL E 215 4.44 -26.12 42.15
N ILE E 216 5.76 -26.09 42.00
CA ILE E 216 6.41 -26.10 40.69
C ILE E 216 7.50 -27.17 40.72
N GLN E 217 7.43 -28.10 39.77
CA GLN E 217 8.49 -29.09 39.60
C GLN E 217 9.51 -28.51 38.62
N GLY E 218 10.76 -28.42 39.06
CA GLY E 218 11.80 -27.88 38.21
C GLY E 218 12.21 -26.48 38.59
N PHE E 219 13.50 -26.17 38.47
CA PHE E 219 14.03 -24.87 38.89
C PHE E 219 14.95 -24.29 37.82
N GLY E 220 14.74 -24.65 36.56
CA GLY E 220 15.51 -24.12 35.46
C GLY E 220 15.04 -22.73 35.06
N ASN E 221 15.24 -22.38 33.79
CA ASN E 221 14.83 -21.07 33.33
C ASN E 221 13.34 -20.83 33.54
N ALA E 222 12.51 -21.82 33.20
CA ALA E 222 11.07 -21.66 33.37
C ALA E 222 10.68 -21.70 34.85
N GLY E 223 11.18 -22.71 35.58
CA GLY E 223 10.77 -22.87 36.97
C GLY E 223 11.26 -21.74 37.87
N SER E 224 12.50 -21.28 37.67
CA SER E 224 13.04 -20.20 38.49
C SER E 224 12.19 -18.94 38.37
N PHE E 225 12.00 -18.46 37.14
CA PHE E 225 11.27 -17.21 36.94
C PHE E 225 9.81 -17.36 37.39
N LEU E 226 9.21 -18.51 37.11
CA LEU E 226 7.81 -18.70 37.48
C LEU E 226 7.62 -18.67 38.99
N ALA E 227 8.61 -19.19 39.74
CA ALA E 227 8.51 -19.13 41.20
C ALA E 227 8.49 -17.69 41.70
N LYS E 228 9.32 -16.82 41.11
CA LYS E 228 9.30 -15.42 41.53
C LYS E 228 8.09 -14.69 40.97
N PHE E 229 7.67 -15.02 39.75
CA PHE E 229 6.47 -14.42 39.19
C PHE E 229 5.26 -14.68 40.07
N MET E 230 5.19 -15.87 40.68
CA MET E 230 4.04 -16.21 41.51
C MET E 230 4.13 -15.59 42.90
N SER E 231 5.32 -15.58 43.50
CA SER E 231 5.47 -14.97 44.82
C SER E 231 5.29 -13.46 44.77
N ASP E 232 5.70 -12.82 43.67
CA ASP E 232 5.43 -11.39 43.51
C ASP E 232 3.94 -11.12 43.42
N LEU E 233 3.20 -12.00 42.74
CA LEU E 233 1.75 -11.87 42.63
C LEU E 233 1.02 -12.24 43.91
N GLY E 234 1.72 -12.55 44.99
CA GLY E 234 1.09 -12.86 46.26
C GLY E 234 0.71 -14.31 46.47
N ALA E 235 1.20 -15.22 45.63
CA ALA E 235 0.91 -16.64 45.78
C ALA E 235 1.94 -17.30 46.68
N LYS E 236 1.50 -18.33 47.39
CA LYS E 236 2.40 -19.11 48.24
C LYS E 236 3.00 -20.24 47.42
N VAL E 237 4.29 -20.10 47.08
CA VAL E 237 5.01 -21.16 46.39
C VAL E 237 5.47 -22.18 47.43
N ILE E 238 4.60 -23.14 47.74
CA ILE E 238 4.90 -24.09 48.80
C ILE E 238 5.76 -25.25 48.33
N GLY E 239 5.88 -25.46 47.02
CA GLY E 239 6.64 -26.58 46.49
C GLY E 239 7.59 -26.20 45.39
N ILE E 240 8.87 -26.55 45.56
CA ILE E 240 9.91 -26.32 44.58
C ILE E 240 10.76 -27.56 44.48
N SER E 241 11.31 -27.82 43.30
CA SER E 241 12.11 -29.02 43.10
C SER E 241 13.14 -28.78 41.99
N ASP E 242 14.18 -29.62 42.00
CA ASP E 242 15.19 -29.63 40.96
C ASP E 242 15.50 -31.08 40.62
N ALA E 243 16.59 -31.31 39.88
CA ALA E 243 16.93 -32.65 39.42
C ALA E 243 17.37 -33.59 40.53
N TYR E 244 17.43 -33.14 41.79
CA TYR E 244 17.91 -33.99 42.87
C TYR E 244 16.99 -34.08 44.07
N GLY E 245 15.99 -33.21 44.19
CA GLY E 245 15.10 -33.26 45.34
C GLY E 245 14.05 -32.18 45.25
N ALA E 246 13.33 -31.99 46.36
CA ALA E 246 12.25 -31.02 46.41
C ALA E 246 12.17 -30.42 47.80
N LEU E 247 11.58 -29.22 47.86
CA LEU E 247 11.41 -28.49 49.11
C LEU E 247 9.93 -28.17 49.32
N HIS E 248 9.49 -28.26 50.57
CA HIS E 248 8.09 -28.07 50.91
C HIS E 248 7.99 -27.14 52.11
N ASP E 249 7.06 -26.19 52.05
CA ASP E 249 6.79 -25.26 53.13
C ASP E 249 5.38 -24.69 52.97
N PRO E 250 4.43 -25.11 53.80
CA PRO E 250 3.04 -24.64 53.63
C PRO E 250 2.89 -23.12 53.68
N ASN E 251 3.78 -22.41 54.36
CA ASN E 251 3.71 -20.95 54.40
C ASN E 251 4.17 -20.31 53.09
N GLY E 252 4.76 -21.07 52.19
CA GLY E 252 5.37 -20.52 51.01
C GLY E 252 6.87 -20.42 51.16
N LEU E 253 7.61 -21.00 50.21
CA LEU E 253 9.06 -20.95 50.27
C LEU E 253 9.58 -19.55 49.99
N ASP E 254 10.77 -19.26 50.50
CA ASP E 254 11.45 -18.00 50.23
C ASP E 254 12.16 -18.14 48.88
N ILE E 255 11.54 -17.61 47.83
CA ILE E 255 12.05 -17.82 46.48
C ILE E 255 13.35 -17.05 46.28
N ASP E 256 13.41 -15.80 46.75
CA ASP E 256 14.62 -15.00 46.58
C ASP E 256 15.82 -15.64 47.26
N TYR E 257 15.60 -16.26 48.42
CA TYR E 257 16.67 -17.01 49.07
C TYR E 257 17.19 -18.13 48.18
N LEU E 258 16.28 -18.92 47.61
CA LEU E 258 16.68 -20.03 46.74
C LEU E 258 17.34 -19.51 45.46
N LEU E 259 16.80 -18.44 44.88
CA LEU E 259 17.39 -17.89 43.67
C LEU E 259 18.81 -17.39 43.91
N ASP E 260 19.10 -16.91 45.12
CA ASP E 260 20.45 -16.44 45.44
C ASP E 260 21.45 -17.57 45.54
N ARG E 261 21.00 -18.81 45.72
CA ARG E 261 21.88 -19.94 45.97
C ARG E 261 21.76 -21.01 44.89
N ARG E 262 21.34 -20.62 43.69
CA ARG E 262 21.03 -21.58 42.63
C ARG E 262 22.26 -21.85 41.77
N ASP E 263 22.43 -23.13 41.39
CA ASP E 263 23.49 -23.51 40.50
C ASP E 263 23.29 -22.90 39.11
N SER E 264 24.33 -22.99 38.29
CA SER E 264 24.20 -22.59 36.89
C SER E 264 23.13 -23.41 36.18
N PHE E 265 22.86 -24.62 36.66
CA PHE E 265 21.91 -25.54 36.04
C PHE E 265 20.60 -25.64 36.81
N GLY E 266 20.34 -24.72 37.73
CA GLY E 266 19.10 -24.74 38.46
C GLY E 266 19.01 -25.78 39.56
N THR E 267 20.08 -25.97 40.33
CA THR E 267 20.11 -26.91 41.44
C THR E 267 20.28 -26.14 42.73
N VAL E 268 19.47 -26.46 43.74
CA VAL E 268 19.51 -25.73 45.00
C VAL E 268 19.20 -26.66 46.17
N THR E 269 18.47 -27.74 45.92
CA THR E 269 17.99 -28.58 47.01
C THR E 269 19.10 -29.39 47.68
N THR E 270 20.27 -29.51 47.05
CA THR E 270 21.38 -30.22 47.67
C THR E 270 21.89 -29.51 48.92
N LEU E 271 21.54 -28.24 49.10
CA LEU E 271 21.94 -27.47 50.27
C LEU E 271 21.10 -27.78 51.51
N PHE E 272 20.05 -28.58 51.38
CA PHE E 272 19.09 -28.80 52.45
C PHE E 272 19.14 -30.23 52.93
N GLU E 273 19.11 -30.41 54.26
CA GLU E 273 19.08 -31.74 54.84
C GLU E 273 17.72 -32.40 54.63
N ASN E 274 16.64 -31.67 54.93
CA ASN E 274 15.29 -32.22 54.92
C ASN E 274 14.64 -31.86 53.59
N THR E 275 14.65 -32.81 52.66
CA THR E 275 14.00 -32.66 51.36
C THR E 275 13.02 -33.81 51.15
N ILE E 276 12.08 -33.60 50.25
CA ILE E 276 11.20 -34.66 49.76
C ILE E 276 11.60 -34.98 48.33
N THR E 277 11.06 -36.08 47.81
CA THR E 277 11.32 -36.48 46.44
C THR E 277 10.40 -35.74 45.48
N ASN E 278 10.64 -35.95 44.18
CA ASN E 278 9.79 -35.34 43.17
C ASN E 278 8.42 -36.00 43.12
N GLN E 279 8.32 -37.27 43.50
CA GLN E 279 7.02 -37.94 43.50
C GLN E 279 6.12 -37.38 44.60
N GLU E 280 6.69 -37.06 45.77
CA GLU E 280 5.91 -36.40 46.81
C GLU E 280 5.63 -34.95 46.45
N LEU E 281 6.52 -34.32 45.68
CA LEU E 281 6.29 -32.95 45.24
C LEU E 281 5.05 -32.87 44.38
N LEU E 282 4.87 -33.82 43.46
CA LEU E 282 3.72 -33.81 42.56
C LEU E 282 2.41 -34.10 43.26
N GLU E 283 2.44 -34.79 44.40
CA GLU E 283 1.22 -35.17 45.10
C GLU E 283 0.92 -34.27 46.29
N LEU E 284 1.60 -33.13 46.40
CA LEU E 284 1.29 -32.19 47.46
C LEU E 284 -0.12 -31.63 47.30
N ASP E 285 -0.74 -31.29 48.42
CA ASP E 285 -2.00 -30.57 48.39
C ASP E 285 -1.73 -29.12 48.03
N CYS E 286 -2.45 -28.61 47.04
CA CYS E 286 -2.24 -27.25 46.55
C CYS E 286 -3.42 -26.90 45.66
N ASP E 287 -3.37 -25.69 45.09
CA ASP E 287 -4.33 -25.24 44.11
C ASP E 287 -3.83 -25.42 42.68
N ILE E 288 -2.55 -25.13 42.42
CA ILE E 288 -2.00 -25.09 41.07
C ILE E 288 -0.70 -25.89 41.07
N LEU E 289 -0.65 -26.92 40.25
CA LEU E 289 0.55 -27.74 40.07
C LEU E 289 1.17 -27.43 38.72
N VAL E 290 2.44 -27.06 38.71
CA VAL E 290 3.08 -26.68 37.45
C VAL E 290 4.30 -27.56 37.17
N PRO E 291 4.19 -28.59 36.33
CA PRO E 291 5.38 -29.35 35.94
C PRO E 291 6.24 -28.58 34.96
N ALA E 292 7.45 -28.23 35.38
CA ALA E 292 8.41 -27.50 34.55
C ALA E 292 9.76 -28.19 34.53
N ALA E 293 9.75 -29.53 34.55
CA ALA E 293 10.99 -30.31 34.61
C ALA E 293 11.05 -31.18 33.36
N ILE E 294 11.04 -32.49 33.51
CA ILE E 294 11.22 -33.40 32.38
C ILE E 294 9.89 -34.02 31.96
N GLU E 295 9.94 -34.96 31.03
CA GLU E 295 8.73 -35.56 30.47
C GLU E 295 8.23 -36.69 31.36
N ASN E 296 6.93 -36.98 31.21
CA ASN E 296 6.28 -38.15 31.81
C ASN E 296 6.42 -38.16 33.33
N GLN E 297 6.16 -37.01 33.96
CA GLN E 297 6.17 -36.92 35.41
C GLN E 297 4.82 -37.25 36.01
N ILE E 298 3.74 -36.89 35.33
CA ILE E 298 2.39 -37.28 35.71
C ILE E 298 2.01 -38.46 34.83
N THR E 299 1.95 -39.65 35.41
CA THR E 299 1.66 -40.88 34.70
C THR E 299 0.39 -41.52 35.27
N ALA E 300 0.03 -42.67 34.72
CA ALA E 300 -1.13 -43.39 35.23
C ALA E 300 -0.96 -43.82 36.68
N GLU E 301 0.28 -43.94 37.15
CA GLU E 301 0.52 -44.39 38.51
C GLU E 301 0.36 -43.30 39.55
N ASN E 302 0.40 -42.02 39.15
CA ASN E 302 0.24 -40.91 40.08
C ASN E 302 -0.86 -39.94 39.68
N ALA E 303 -1.52 -40.13 38.54
CA ALA E 303 -2.55 -39.20 38.11
C ALA E 303 -3.71 -39.15 39.10
N HIS E 304 -4.05 -40.29 39.71
CA HIS E 304 -5.16 -40.30 40.66
C HIS E 304 -4.80 -39.64 41.99
N ASN E 305 -3.52 -39.39 42.24
CA ASN E 305 -3.07 -38.85 43.52
C ASN E 305 -2.80 -37.35 43.47
N ILE E 306 -3.03 -36.70 42.35
CA ILE E 306 -2.79 -35.26 42.24
C ILE E 306 -3.94 -34.52 42.90
N LYS E 307 -3.60 -33.58 43.78
CA LYS E 307 -4.58 -32.89 44.62
C LYS E 307 -4.80 -31.44 44.19
N ALA E 308 -4.09 -30.96 43.18
CA ALA E 308 -4.34 -29.62 42.66
C ALA E 308 -5.60 -29.59 41.83
N THR E 309 -6.21 -28.41 41.73
CA THR E 309 -7.38 -28.24 40.88
C THR E 309 -7.01 -27.75 39.49
N ILE E 310 -5.83 -27.14 39.33
CA ILE E 310 -5.36 -26.63 38.05
C ILE E 310 -3.95 -27.15 37.83
N VAL E 311 -3.72 -27.78 36.68
CA VAL E 311 -2.40 -28.27 36.29
C VAL E 311 -2.00 -27.54 35.02
N VAL E 312 -0.86 -26.84 35.06
CA VAL E 312 -0.36 -26.05 33.94
C VAL E 312 0.99 -26.63 33.54
N GLU E 313 1.08 -27.15 32.32
CA GLU E 313 2.30 -27.81 31.84
C GLU E 313 3.25 -26.77 31.27
N ALA E 314 4.29 -26.42 32.03
CA ALA E 314 5.29 -25.50 31.52
C ALA E 314 6.36 -26.22 30.71
N ALA E 315 6.73 -27.43 31.14
CA ALA E 315 7.68 -28.24 30.39
C ALA E 315 6.99 -28.92 29.22
N ASN E 316 7.79 -29.54 28.35
CA ASN E 316 7.26 -30.28 27.22
C ASN E 316 6.85 -31.68 27.66
N GLY E 317 5.59 -32.02 27.40
CA GLY E 317 5.05 -33.34 27.66
C GLY E 317 5.34 -33.92 29.03
N PRO E 318 4.91 -33.23 30.10
CA PRO E 318 5.13 -33.78 31.45
C PRO E 318 4.09 -34.82 31.88
N THR E 319 2.92 -34.87 31.24
CA THR E 319 1.88 -35.81 31.60
C THR E 319 1.58 -36.73 30.41
N THR E 320 1.29 -37.98 30.72
CA THR E 320 1.04 -38.99 29.70
C THR E 320 -0.39 -38.92 29.21
N SER E 321 -0.66 -39.66 28.12
CA SER E 321 -2.00 -39.68 27.55
C SER E 321 -3.01 -40.26 28.54
N GLU E 322 -2.65 -41.36 29.21
CA GLU E 322 -3.55 -41.95 30.20
C GLU E 322 -3.75 -41.00 31.37
N ALA E 323 -2.70 -40.29 31.77
CA ALA E 323 -2.83 -39.32 32.86
C ALA E 323 -3.67 -38.12 32.44
N THR E 324 -3.66 -37.78 31.15
CA THR E 324 -4.53 -36.70 30.68
C THR E 324 -5.99 -37.08 30.84
N LYS E 325 -6.35 -38.30 30.44
CA LYS E 325 -7.73 -38.75 30.58
C LYS E 325 -8.15 -38.78 32.04
N ILE E 326 -7.29 -39.28 32.92
CA ILE E 326 -7.62 -39.35 34.34
C ILE E 326 -7.79 -37.95 34.91
N LEU E 327 -6.83 -37.05 34.66
CA LEU E 327 -6.93 -35.69 35.17
C LEU E 327 -8.21 -35.01 34.71
N THR E 328 -8.60 -35.22 33.44
CA THR E 328 -9.82 -34.60 32.94
C THR E 328 -11.05 -35.12 33.65
N GLU E 329 -11.17 -36.45 33.76
CA GLU E 329 -12.35 -37.05 34.38
C GLU E 329 -12.49 -36.67 35.84
N ARG E 330 -11.40 -36.30 36.51
CA ARG E 330 -11.49 -35.83 37.88
C ARG E 330 -11.84 -34.36 37.98
N GLY E 331 -12.20 -33.71 36.87
CA GLY E 331 -12.55 -32.31 36.90
C GLY E 331 -11.38 -31.36 37.02
N ILE E 332 -10.15 -31.86 36.94
CA ILE E 332 -8.99 -30.98 37.00
C ILE E 332 -8.90 -30.16 35.73
N LEU E 333 -8.62 -28.86 35.88
CA LEU E 333 -8.44 -27.97 34.74
C LEU E 333 -6.98 -28.07 34.28
N LEU E 334 -6.74 -28.83 33.23
CA LEU E 334 -5.41 -29.02 32.68
C LEU E 334 -5.17 -28.03 31.55
N VAL E 335 -4.06 -27.30 31.61
CA VAL E 335 -3.64 -26.43 30.52
C VAL E 335 -2.47 -27.09 29.81
N PRO E 336 -2.64 -27.53 28.56
CA PRO E 336 -1.60 -28.34 27.91
C PRO E 336 -0.30 -27.57 27.70
N ASP E 337 0.79 -28.34 27.61
CA ASP E 337 2.10 -27.76 27.40
C ASP E 337 2.14 -26.93 26.13
N VAL E 338 1.46 -27.39 25.08
CA VAL E 338 1.51 -26.73 23.79
C VAL E 338 0.89 -25.35 23.83
N LEU E 339 0.04 -25.08 24.83
CA LEU E 339 -0.50 -23.74 25.04
C LEU E 339 0.32 -22.97 26.08
N ALA E 340 0.54 -23.58 27.24
CA ALA E 340 1.12 -22.85 28.37
C ALA E 340 2.54 -22.38 28.09
N SER E 341 3.31 -23.17 27.36
CA SER E 341 4.72 -22.88 27.11
C SER E 341 4.96 -22.15 25.80
N ALA E 342 3.95 -21.46 25.28
CA ALA E 342 4.06 -20.76 24.00
C ALA E 342 4.70 -19.39 24.12
N GLY E 343 4.91 -18.89 25.34
CA GLY E 343 5.50 -17.57 25.51
C GLY E 343 6.91 -17.48 24.97
N GLY E 344 7.70 -18.55 25.14
CA GLY E 344 9.06 -18.52 24.63
C GLY E 344 9.12 -18.37 23.13
N ALA E 345 8.36 -19.22 22.40
CA ALA E 345 8.33 -19.11 20.95
C ALA E 345 7.69 -17.80 20.49
N THR E 346 6.75 -17.27 21.28
CA THR E 346 6.10 -16.01 20.92
C THR E 346 7.08 -14.85 20.94
N VAL E 347 7.80 -14.67 22.05
CA VAL E 347 8.77 -13.58 22.11
C VAL E 347 9.95 -13.84 21.18
N SER E 348 10.33 -15.11 20.98
CA SER E 348 11.32 -15.44 19.96
C SER E 348 10.85 -14.96 18.59
N TYR E 349 9.55 -15.08 18.32
CA TYR E 349 9.00 -14.59 17.06
C TYR E 349 9.11 -13.08 16.96
N PHE E 350 8.81 -12.38 18.06
CA PHE E 350 9.02 -10.92 18.10
C PHE E 350 10.47 -10.58 17.80
N GLU E 351 11.41 -11.32 18.40
CA GLU E 351 12.82 -11.10 18.14
C GLU E 351 13.13 -11.24 16.65
N TRP E 352 12.54 -12.25 16.01
CA TRP E 352 12.77 -12.48 14.58
C TRP E 352 12.22 -11.34 13.74
N VAL E 353 11.03 -10.84 14.05
CA VAL E 353 10.46 -9.71 13.34
C VAL E 353 11.37 -8.48 13.49
N GLN E 354 11.89 -8.26 14.70
CA GLN E 354 12.81 -7.15 14.92
C GLN E 354 14.11 -7.35 14.15
N ASN E 355 14.53 -8.59 13.94
CA ASN E 355 15.71 -8.82 13.10
C ASN E 355 15.38 -8.57 11.63
N ASN E 356 14.16 -8.89 11.21
CA ASN E 356 13.75 -8.65 9.84
C ASN E 356 13.80 -7.16 9.50
N MET E 357 13.35 -6.31 10.42
CA MET E 357 13.28 -4.88 10.18
C MET E 357 14.57 -4.15 10.53
N GLY E 358 15.43 -4.73 11.36
CA GLY E 358 16.53 -3.97 11.92
C GLY E 358 16.07 -2.92 12.90
N TYR E 359 14.87 -3.06 13.46
CA TYR E 359 14.29 -2.11 14.39
C TYR E 359 13.76 -2.87 15.61
N TYR E 360 14.00 -2.33 16.79
CA TYR E 360 13.80 -3.09 18.01
C TYR E 360 12.80 -2.41 18.94
N TRP E 361 12.08 -3.23 19.69
CA TRP E 361 11.04 -2.78 20.60
C TRP E 361 11.57 -2.79 22.03
N GLU E 362 10.83 -2.13 22.91
CA GLU E 362 11.15 -2.11 24.32
C GLU E 362 10.23 -3.06 25.07
N GLU E 363 10.50 -3.21 26.37
CA GLU E 363 9.81 -4.22 27.17
C GLU E 363 8.30 -4.07 27.11
N GLU E 364 7.80 -2.86 27.35
CA GLU E 364 6.35 -2.66 27.40
C GLU E 364 5.70 -3.03 26.07
N GLU E 365 6.35 -2.71 24.95
CA GLU E 365 5.80 -3.09 23.66
C GLU E 365 5.79 -4.60 23.49
N VAL E 366 6.90 -5.26 23.79
CA VAL E 366 6.95 -6.71 23.74
C VAL E 366 5.95 -7.32 24.71
N GLN E 367 5.86 -6.76 25.92
CA GLN E 367 4.99 -7.32 26.95
C GLN E 367 3.52 -7.18 26.56
N GLU E 368 3.16 -6.08 25.90
CA GLU E 368 1.78 -5.90 25.48
C GLU E 368 1.40 -6.88 24.38
N LYS E 369 2.30 -7.11 23.43
CA LYS E 369 2.03 -8.07 22.36
C LYS E 369 1.94 -9.49 22.90
N LEU E 370 2.77 -9.83 23.88
CA LEU E 370 2.78 -11.18 24.42
C LEU E 370 1.48 -11.49 25.15
N TYR E 371 0.98 -10.54 25.95
CA TYR E 371 -0.24 -10.79 26.72
C TYR E 371 -1.44 -10.99 25.80
N LYS E 372 -1.53 -10.21 24.72
CA LYS E 372 -2.64 -10.37 23.78
C LYS E 372 -2.64 -11.78 23.18
N LYS E 373 -1.47 -12.27 22.78
CA LYS E 373 -1.37 -13.61 22.22
C LYS E 373 -1.81 -14.66 23.25
N MET E 374 -1.19 -14.66 24.43
CA MET E 374 -1.48 -15.69 25.42
C MET E 374 -2.93 -15.62 25.90
N TYR E 375 -3.48 -14.41 26.03
CA TYR E 375 -4.87 -14.27 26.45
C TYR E 375 -5.81 -14.82 25.38
N ASP E 376 -5.64 -14.39 24.13
CA ASP E 376 -6.49 -14.89 23.06
C ASP E 376 -6.35 -16.39 22.88
N SER E 377 -5.13 -16.92 23.05
CA SER E 377 -4.92 -18.35 22.84
C SER E 377 -5.51 -19.19 23.96
N PHE E 378 -5.49 -18.71 25.21
CA PHE E 378 -6.16 -19.44 26.27
C PHE E 378 -7.66 -19.51 26.00
N GLU E 379 -8.25 -18.39 25.56
CA GLU E 379 -9.68 -18.36 25.31
C GLU E 379 -10.07 -19.31 24.19
N ALA E 380 -9.31 -19.32 23.10
CA ALA E 380 -9.65 -20.18 21.97
C ALA E 380 -9.57 -21.66 22.34
N VAL E 381 -8.52 -22.05 23.05
CA VAL E 381 -8.37 -23.45 23.44
C VAL E 381 -9.43 -23.83 24.47
N TYR E 382 -9.75 -22.93 25.38
CA TYR E 382 -10.77 -23.22 26.39
C TYR E 382 -12.15 -23.34 25.74
N THR E 383 -12.47 -22.40 24.84
CA THR E 383 -13.78 -22.45 24.17
C THR E 383 -13.91 -23.71 23.33
N THR E 384 -12.83 -24.13 22.66
CA THR E 384 -12.86 -25.37 21.89
C THR E 384 -13.15 -26.57 22.78
N ALA E 385 -12.50 -26.63 23.95
CA ALA E 385 -12.69 -27.76 24.84
C ALA E 385 -14.08 -27.77 25.44
N THR E 386 -14.63 -26.59 25.71
CA THR E 386 -15.97 -26.49 26.28
C THR E 386 -17.04 -26.75 25.22
N THR E 387 -16.92 -26.10 24.06
CA THR E 387 -17.92 -26.24 23.02
C THR E 387 -18.00 -27.67 22.50
N ARG E 388 -16.86 -28.31 22.27
CA ARG E 388 -16.83 -29.65 21.70
C ARG E 388 -16.83 -30.74 22.76
N ASN E 389 -16.71 -30.38 24.04
CA ASN E 389 -16.73 -31.33 25.16
C ASN E 389 -15.64 -32.39 25.00
N ILE E 390 -14.39 -31.91 24.98
CA ILE E 390 -13.21 -32.76 24.89
C ILE E 390 -12.18 -32.21 25.86
N ASP E 391 -11.14 -33.02 26.10
CA ASP E 391 -10.08 -32.57 27.00
C ASP E 391 -9.29 -31.43 26.35
N MET E 392 -8.58 -30.68 27.20
CA MET E 392 -7.90 -29.47 26.74
C MET E 392 -6.76 -29.76 25.79
N ARG E 393 -6.07 -30.90 25.96
CA ARG E 393 -4.97 -31.20 25.05
C ARG E 393 -5.48 -31.44 23.63
N LEU E 394 -6.53 -32.26 23.49
CA LEU E 394 -7.11 -32.50 22.17
C LEU E 394 -7.62 -31.19 21.56
N ALA E 395 -8.26 -30.34 22.37
CA ALA E 395 -8.71 -29.04 21.86
C ALA E 395 -7.54 -28.18 21.42
N ALA E 396 -6.43 -28.22 22.17
CA ALA E 396 -5.26 -27.43 21.81
C ALA E 396 -4.62 -27.93 20.53
N TYR E 397 -4.66 -29.24 20.28
CA TYR E 397 -4.11 -29.77 19.04
C TYR E 397 -4.96 -29.35 17.84
N MET E 398 -6.28 -29.39 18.00
CA MET E 398 -7.17 -28.96 16.92
C MET E 398 -6.92 -27.50 16.57
N VAL E 399 -6.78 -26.64 17.58
CA VAL E 399 -6.49 -25.23 17.34
C VAL E 399 -5.11 -25.06 16.71
N GLY E 400 -4.13 -25.83 17.18
CA GLY E 400 -2.76 -25.64 16.71
C GLY E 400 -2.44 -26.30 15.39
N VAL E 401 -3.12 -27.41 15.07
CA VAL E 401 -2.88 -28.09 13.80
C VAL E 401 -3.67 -27.48 12.66
N ARG E 402 -4.60 -26.57 12.96
CA ARG E 402 -5.55 -26.09 11.96
C ARG E 402 -4.85 -25.38 10.80
N ARG E 403 -3.97 -24.42 11.10
CA ARG E 403 -3.37 -23.62 10.04
C ARG E 403 -2.43 -24.43 9.16
N THR E 404 -1.69 -25.39 9.73
CA THR E 404 -0.78 -26.19 8.92
C THR E 404 -1.55 -27.07 7.94
N ALA E 405 -2.70 -27.61 8.36
CA ALA E 405 -3.50 -28.43 7.47
C ALA E 405 -4.11 -27.60 6.35
N GLU E 406 -4.62 -26.41 6.67
CA GLU E 406 -5.16 -25.52 5.65
C GLU E 406 -4.09 -25.16 4.63
N ALA E 407 -2.89 -24.80 5.10
CA ALA E 407 -1.81 -24.41 4.19
C ALA E 407 -1.38 -25.59 3.32
N SER E 408 -1.22 -26.77 3.91
CA SER E 408 -0.88 -27.96 3.14
C SER E 408 -1.88 -28.19 2.01
N ARG E 409 -3.17 -28.04 2.31
CA ARG E 409 -4.19 -28.17 1.28
C ARG E 409 -4.02 -27.11 0.19
N PHE E 410 -3.84 -25.84 0.59
CA PHE E 410 -3.76 -24.76 -0.38
C PHE E 410 -2.54 -24.90 -1.28
N ARG E 411 -1.41 -25.34 -0.73
CA ARG E 411 -0.17 -25.44 -1.49
C ARG E 411 -0.11 -26.69 -2.35
N GLY E 412 -1.18 -27.47 -2.42
CA GLY E 412 -1.20 -28.65 -3.26
C GLY E 412 -0.47 -29.85 -2.71
N TRP E 413 -0.15 -29.85 -1.41
CA TRP E 413 0.61 -30.95 -0.84
C TRP E 413 -0.26 -32.17 -0.55
N VAL E 414 -1.58 -31.99 -0.42
CA VAL E 414 -2.51 -33.07 -0.13
C VAL E 414 -3.66 -33.01 -1.13
N LEU E 415 -4.36 -34.14 -1.24
CA LEU E 415 -5.46 -34.30 -2.18
C LEU E 415 -6.60 -33.32 -1.88
N GLU E 416 -7.48 -33.17 -2.88
CA GLU E 416 -8.76 -32.49 -2.72
C GLU E 416 -8.64 -31.10 -2.10
N ALA F 2 -9.96 32.08 -8.98
CA ALA F 2 -8.93 33.10 -9.15
C ALA F 2 -8.33 33.50 -7.82
N GLU F 3 -8.36 34.80 -7.52
CA GLU F 3 -7.81 35.34 -6.30
C GLU F 3 -8.91 35.62 -5.28
N ASN F 4 -8.50 35.75 -4.02
CA ASN F 4 -9.45 35.91 -2.92
C ASN F 4 -9.93 37.35 -2.86
N LEU F 5 -11.22 37.56 -3.11
CA LEU F 5 -11.84 38.86 -2.96
C LEU F 5 -12.64 39.00 -1.67
N ASN F 6 -12.73 37.92 -0.90
CA ASN F 6 -13.38 37.95 0.41
C ASN F 6 -12.64 38.91 1.34
N LEU F 7 -13.36 39.89 1.88
CA LEU F 7 -12.72 40.89 2.73
C LEU F 7 -12.38 40.31 4.10
N PHE F 8 -13.25 39.46 4.64
CA PHE F 8 -13.09 38.97 6.00
C PHE F 8 -11.92 37.99 6.11
N THR F 9 -11.86 37.01 5.19
CA THR F 9 -10.80 36.02 5.27
C THR F 9 -9.45 36.59 4.85
N SER F 10 -9.44 37.57 3.94
CA SER F 10 -8.20 38.24 3.59
C SER F 10 -7.59 38.94 4.80
N THR F 11 -8.41 39.67 5.55
CA THR F 11 -7.92 40.37 6.74
C THR F 11 -7.34 39.39 7.75
N GLN F 12 -8.02 38.26 7.96
CA GLN F 12 -7.53 37.24 8.89
C GLN F 12 -6.18 36.71 8.46
N GLU F 13 -5.98 36.48 7.16
CA GLU F 13 -4.75 35.89 6.68
C GLU F 13 -3.57 36.82 6.91
N VAL F 14 -3.78 38.13 6.76
CA VAL F 14 -2.70 39.08 7.04
C VAL F 14 -2.50 39.24 8.53
N VAL F 15 -3.57 39.20 9.32
CA VAL F 15 -3.45 39.31 10.77
C VAL F 15 -2.71 38.10 11.33
N LYS F 16 -2.96 36.91 10.77
CA LYS F 16 -2.22 35.73 11.21
C LYS F 16 -0.73 35.89 10.98
N GLU F 17 -0.36 36.48 9.84
CA GLU F 17 1.06 36.66 9.55
C GLU F 17 1.66 37.79 10.38
N ALA F 18 0.89 38.85 10.64
CA ALA F 18 1.36 39.89 11.53
C ALA F 18 1.66 39.34 12.91
N LEU F 19 0.71 38.60 13.48
CA LEU F 19 0.91 38.00 14.81
C LEU F 19 2.05 36.99 14.80
N ASN F 20 2.24 36.29 13.69
CA ASN F 20 3.35 35.33 13.60
C ASN F 20 4.69 36.04 13.61
N LYS F 21 4.83 37.11 12.81
CA LYS F 21 6.08 37.84 12.77
C LYS F 21 6.38 38.59 14.06
N LEU F 22 5.36 38.86 14.87
CA LEU F 22 5.56 39.48 16.17
C LEU F 22 5.89 38.48 17.26
N GLY F 23 5.87 37.19 16.96
CA GLY F 23 6.29 36.16 17.89
C GLY F 23 5.20 35.52 18.73
N TYR F 24 3.93 35.74 18.40
CA TYR F 24 2.84 35.15 19.16
C TYR F 24 2.51 33.76 18.61
N ASP F 25 2.01 32.90 19.50
CA ASP F 25 1.67 31.53 19.15
C ASP F 25 0.24 31.48 18.63
N GLU F 26 -0.30 30.26 18.50
CA GLU F 26 -1.59 30.09 17.84
C GLU F 26 -2.75 30.62 18.69
N ALA F 27 -2.59 30.61 20.02
CA ALA F 27 -3.68 31.05 20.89
C ALA F 27 -4.04 32.50 20.63
N MET F 28 -3.04 33.36 20.43
CA MET F 28 -3.31 34.79 20.22
C MET F 28 -4.10 35.02 18.94
N TYR F 29 -3.82 34.25 17.89
CA TYR F 29 -4.59 34.38 16.66
C TYR F 29 -6.03 33.89 16.85
N GLU F 30 -6.21 32.80 17.60
CA GLU F 30 -7.55 32.30 17.86
C GLU F 30 -8.39 33.30 18.64
N LEU F 31 -7.74 34.15 19.44
CA LEU F 31 -8.45 35.17 20.19
C LEU F 31 -8.79 36.39 19.34
N LEU F 32 -8.02 36.65 18.28
CA LEU F 32 -8.17 37.86 17.49
C LEU F 32 -8.78 37.62 16.11
N LYS F 33 -8.85 36.37 15.65
CA LYS F 33 -9.37 36.10 14.31
C LYS F 33 -10.87 36.38 14.20
N GLU F 34 -11.57 36.51 15.31
CA GLU F 34 -12.99 36.83 15.33
C GLU F 34 -13.24 37.82 16.45
N PRO F 35 -14.24 38.68 16.31
CA PRO F 35 -14.56 39.62 17.39
C PRO F 35 -15.04 38.89 18.65
N LEU F 36 -14.68 39.46 19.80
CA LEU F 36 -15.13 38.89 21.08
C LEU F 36 -16.65 38.91 21.20
N ARG F 37 -17.30 39.91 20.59
CA ARG F 37 -18.74 40.05 20.67
C ARG F 37 -19.30 40.43 19.31
N LEU F 38 -20.40 39.79 18.94
CA LEU F 38 -21.15 40.17 17.74
C LEU F 38 -22.63 40.07 18.08
N LEU F 39 -23.34 41.19 17.97
CA LEU F 39 -24.76 41.26 18.31
C LEU F 39 -25.55 41.47 17.03
N LYS F 40 -26.34 40.46 16.64
CA LYS F 40 -27.31 40.60 15.56
C LYS F 40 -28.66 40.99 16.16
N VAL F 41 -29.33 41.94 15.51
CA VAL F 41 -30.45 42.65 16.11
C VAL F 41 -31.53 42.87 15.07
N ARG F 42 -32.80 42.78 15.51
CA ARG F 42 -33.95 43.04 14.64
C ARG F 42 -34.70 44.25 15.18
N ILE F 43 -34.87 45.27 14.33
CA ILE F 43 -35.43 46.55 14.73
C ILE F 43 -36.76 46.78 14.03
N PRO F 44 -37.89 46.75 14.73
CA PRO F 44 -39.17 47.11 14.10
C PRO F 44 -39.29 48.63 14.00
N VAL F 45 -39.68 49.11 12.83
CA VAL F 45 -39.78 50.55 12.55
C VAL F 45 -41.12 50.82 11.89
N LYS F 46 -41.85 51.80 12.41
CA LYS F 46 -43.12 52.21 11.83
C LYS F 46 -42.86 53.20 10.70
N MET F 47 -43.24 52.82 9.49
CA MET F 47 -43.00 53.62 8.30
C MET F 47 -44.09 54.66 8.11
N ASP F 48 -43.89 55.54 7.11
CA ASP F 48 -44.80 56.66 6.91
C ASP F 48 -46.19 56.20 6.49
N ASP F 49 -46.31 55.08 5.78
CA ASP F 49 -47.61 54.56 5.37
C ASP F 49 -48.32 53.80 6.49
N GLY F 50 -47.80 53.82 7.70
CA GLY F 50 -48.39 53.10 8.80
C GLY F 50 -47.95 51.66 8.93
N THR F 51 -47.38 51.08 7.87
CA THR F 51 -46.91 49.71 7.93
C THR F 51 -45.67 49.62 8.83
N THR F 52 -45.34 48.38 9.20
CA THR F 52 -44.19 48.10 10.04
C THR F 52 -43.15 47.33 9.23
N GLN F 53 -41.92 47.84 9.22
CA GLN F 53 -40.78 47.16 8.64
C GLN F 53 -39.82 46.75 9.75
N VAL F 54 -39.22 45.57 9.60
CA VAL F 54 -38.26 45.03 10.55
C VAL F 54 -36.91 44.98 9.85
N PHE F 55 -35.92 45.65 10.43
CA PHE F 55 -34.59 45.77 9.83
C PHE F 55 -33.58 44.94 10.62
N THR F 56 -32.59 44.40 9.89
CA THR F 56 -31.51 43.65 10.50
C THR F 56 -30.33 44.58 10.75
N GLY F 57 -29.84 44.59 11.99
CA GLY F 57 -28.71 45.42 12.35
C GLY F 57 -27.61 44.61 12.99
N TYR F 58 -26.39 45.13 12.87
CA TYR F 58 -25.21 44.49 13.44
C TYR F 58 -24.41 45.49 14.26
N ARG F 59 -23.88 45.03 15.38
CA ARG F 59 -22.84 45.76 16.11
C ARG F 59 -21.77 44.75 16.49
N ALA F 60 -20.58 44.91 15.93
CA ALA F 60 -19.44 44.04 16.21
C ALA F 60 -18.47 44.76 17.13
N GLN F 61 -17.87 43.99 18.05
CA GLN F 61 -16.88 44.51 18.98
C GLN F 61 -15.71 43.53 18.98
N HIS F 62 -14.59 43.95 18.37
CA HIS F 62 -13.49 43.04 18.10
C HIS F 62 -12.71 42.71 19.38
N SER F 63 -12.19 43.72 20.06
CA SER F 63 -11.40 43.51 21.26
C SER F 63 -11.38 44.79 22.07
N ASP F 64 -11.74 44.70 23.35
CA ASP F 64 -11.66 45.83 24.26
C ASP F 64 -10.50 45.68 25.23
N ALA F 65 -9.43 45.00 24.80
CA ALA F 65 -8.26 44.85 25.65
C ALA F 65 -7.59 46.19 25.92
N VAL F 66 -7.43 47.00 24.88
CA VAL F 66 -6.72 48.26 25.01
C VAL F 66 -7.63 49.34 25.59
N GLY F 67 -8.94 49.23 25.38
CA GLY F 67 -9.89 50.19 25.89
C GLY F 67 -11.26 49.97 25.28
N PRO F 68 -12.13 50.99 25.34
CA PRO F 68 -13.43 50.87 24.68
C PRO F 68 -13.27 50.75 23.17
N THR F 69 -14.27 50.12 22.54
CA THR F 69 -14.25 49.91 21.10
C THR F 69 -14.79 51.13 20.36
N LYS F 70 -14.33 51.28 19.11
CA LYS F 70 -14.65 52.45 18.31
C LYS F 70 -14.91 52.02 16.87
N GLY F 71 -15.90 52.64 16.23
CA GLY F 71 -16.22 52.32 14.86
C GLY F 71 -17.60 52.75 14.41
N GLY F 72 -17.73 53.20 13.17
CA GLY F 72 -18.96 53.79 12.72
C GLY F 72 -20.04 52.78 12.35
N VAL F 73 -21.23 53.30 12.11
CA VAL F 73 -22.39 52.53 11.69
C VAL F 73 -22.77 52.97 10.29
N ARG F 74 -22.94 52.01 9.38
CA ARG F 74 -23.28 52.30 8.00
C ARG F 74 -24.65 51.72 7.66
N PHE F 75 -25.39 52.45 6.84
CA PHE F 75 -26.70 52.02 6.35
C PHE F 75 -26.56 51.71 4.86
N HIS F 76 -26.62 50.44 4.50
CA HIS F 76 -26.52 50.08 3.09
C HIS F 76 -27.24 48.76 2.84
N PRO F 77 -27.89 48.61 1.68
CA PRO F 77 -28.60 47.34 1.41
C PRO F 77 -27.68 46.13 1.34
N MET F 78 -26.40 46.34 1.03
CA MET F 78 -25.44 45.26 0.88
C MET F 78 -24.62 45.03 2.14
N VAL F 79 -25.03 45.60 3.27
CA VAL F 79 -24.36 45.32 4.54
C VAL F 79 -24.49 43.84 4.86
N SER F 80 -23.37 43.20 5.20
CA SER F 80 -23.33 41.80 5.54
C SER F 80 -22.63 41.59 6.87
N GLU F 81 -22.87 40.44 7.48
CA GLU F 81 -22.25 40.12 8.76
C GLU F 81 -20.73 40.09 8.65
N ASP F 82 -20.22 39.37 7.65
CA ASP F 82 -18.77 39.24 7.50
C ASP F 82 -18.08 40.57 7.22
N GLU F 83 -18.78 41.49 6.54
CA GLU F 83 -18.18 42.80 6.27
C GLU F 83 -18.08 43.64 7.54
N VAL F 84 -19.09 43.54 8.41
CA VAL F 84 -19.04 44.25 9.68
C VAL F 84 -17.91 43.72 10.56
N LYS F 85 -17.74 42.39 10.59
CA LYS F 85 -16.65 41.81 11.38
C LYS F 85 -15.29 42.29 10.87
N ALA F 86 -15.08 42.23 9.56
CA ALA F 86 -13.80 42.65 8.99
C ALA F 86 -13.51 44.11 9.29
N LEU F 87 -14.49 44.99 9.11
CA LEU F 87 -14.29 46.41 9.33
C LEU F 87 -13.97 46.73 10.79
N SER F 88 -14.46 45.93 11.73
CA SER F 88 -14.16 46.18 13.14
C SER F 88 -12.71 45.84 13.45
N MET F 89 -12.17 44.81 12.80
CA MET F 89 -10.75 44.49 12.94
C MET F 89 -9.88 45.60 12.36
N TRP F 90 -10.27 46.13 11.21
CA TRP F 90 -9.55 47.28 10.65
C TRP F 90 -9.53 48.45 11.63
N MET F 91 -10.60 48.60 12.41
CA MET F 91 -10.64 49.67 13.40
C MET F 91 -9.66 49.39 14.54
N THR F 92 -9.53 48.13 14.95
CA THR F 92 -8.46 47.77 15.88
C THR F 92 -7.10 48.14 15.30
N LEU F 93 -6.88 47.82 14.03
CA LEU F 93 -5.60 48.10 13.39
C LEU F 93 -5.38 49.59 13.22
N LYS F 94 -6.41 50.31 12.77
CA LYS F 94 -6.34 51.77 12.69
C LYS F 94 -5.90 52.36 14.03
N CYS F 95 -6.63 52.05 15.10
CA CYS F 95 -6.36 52.63 16.40
C CYS F 95 -4.97 52.25 16.91
N GLY F 96 -4.54 51.01 16.64
CA GLY F 96 -3.20 50.62 17.03
C GLY F 96 -2.13 51.42 16.29
N ILE F 97 -2.41 51.78 15.03
CA ILE F 97 -1.41 52.48 14.24
C ILE F 97 -1.21 53.90 14.74
N VAL F 98 -2.30 54.59 15.06
CA VAL F 98 -2.22 55.94 15.62
C VAL F 98 -2.21 55.91 17.14
N ASP F 99 -2.08 54.72 17.74
CA ASP F 99 -1.85 54.55 19.18
C ASP F 99 -2.99 55.15 20.00
N LEU F 100 -4.21 54.79 19.67
CA LEU F 100 -5.33 55.30 20.45
C LEU F 100 -5.71 54.30 21.53
N PRO F 101 -6.26 54.77 22.66
CA PRO F 101 -6.70 53.82 23.71
C PRO F 101 -8.02 53.17 23.32
N TYR F 102 -8.12 52.70 22.09
CA TYR F 102 -9.35 52.14 21.55
C TYR F 102 -9.13 50.72 21.04
N GLY F 103 -10.18 49.91 21.13
CA GLY F 103 -10.29 48.70 20.35
C GLY F 103 -11.17 48.93 19.14
N GLY F 104 -11.31 47.88 18.34
CA GLY F 104 -12.07 47.97 17.11
C GLY F 104 -13.54 47.62 17.31
N GLY F 105 -14.40 48.39 16.64
CA GLY F 105 -15.82 48.11 16.60
C GLY F 105 -16.39 48.55 15.27
N LYS F 106 -17.57 48.03 14.95
CA LYS F 106 -18.26 48.42 13.72
C LYS F 106 -19.73 48.04 13.83
N GLY F 107 -20.54 48.75 13.04
CA GLY F 107 -21.97 48.49 13.00
C GLY F 107 -22.52 48.69 11.60
N GLY F 108 -23.72 48.14 11.40
CA GLY F 108 -24.36 48.24 10.10
C GLY F 108 -25.83 47.85 10.14
N ILE F 109 -26.63 48.45 9.26
CA ILE F 109 -28.06 48.16 9.16
C ILE F 109 -28.38 47.87 7.70
N ILE F 110 -28.96 46.70 7.45
CA ILE F 110 -29.36 46.31 6.11
C ILE F 110 -30.60 47.11 5.72
N CYS F 111 -30.39 48.23 5.01
CA CYS F 111 -31.48 49.11 4.63
C CYS F 111 -30.98 50.03 3.52
N ASP F 112 -31.93 50.63 2.81
CA ASP F 112 -31.61 51.61 1.77
C ASP F 112 -32.12 52.98 2.21
N PRO F 113 -31.25 53.86 2.74
CA PRO F 113 -31.73 55.20 3.13
C PRO F 113 -32.18 56.05 1.96
N ARG F 114 -31.64 55.81 0.75
CA ARG F 114 -32.06 56.56 -0.43
C ARG F 114 -33.56 56.42 -0.68
N GLN F 115 -34.18 55.36 -0.17
CA GLN F 115 -35.61 55.12 -0.33
C GLN F 115 -36.39 55.44 0.94
N MET F 116 -35.81 56.18 1.88
CA MET F 116 -36.44 56.44 3.16
C MET F 116 -36.51 57.95 3.42
N SER F 117 -37.41 58.34 4.31
CA SER F 117 -37.62 59.73 4.66
C SER F 117 -36.83 60.09 5.93
N MET F 118 -36.81 61.39 6.24
CA MET F 118 -36.14 61.84 7.45
C MET F 118 -36.79 61.28 8.70
N GLY F 119 -38.13 61.17 8.70
CA GLY F 119 -38.81 60.62 9.85
C GLY F 119 -38.57 59.13 10.01
N GLU F 120 -38.48 58.40 8.90
CA GLU F 120 -38.24 56.96 8.98
C GLU F 120 -36.80 56.67 9.39
N LEU F 121 -35.83 57.41 8.85
CA LEU F 121 -34.44 57.21 9.23
C LEU F 121 -34.20 57.54 10.70
N GLU F 122 -34.91 58.55 11.23
CA GLU F 122 -34.76 58.88 12.65
C GLU F 122 -35.26 57.75 13.53
N ARG F 123 -36.43 57.18 13.20
CA ARG F 123 -36.96 56.09 14.01
C ARG F 123 -36.13 54.82 13.88
N LEU F 124 -35.59 54.55 12.69
CA LEU F 124 -34.64 53.46 12.55
C LEU F 124 -33.36 53.75 13.35
N SER F 125 -32.92 55.01 13.36
CA SER F 125 -31.72 55.37 14.11
C SER F 125 -31.94 55.20 15.60
N ARG F 126 -33.10 55.64 16.11
CA ARG F 126 -33.38 55.48 17.53
C ARG F 126 -33.60 54.02 17.89
N GLY F 127 -34.29 53.27 17.02
CA GLY F 127 -34.48 51.86 17.28
C GLY F 127 -33.19 51.06 17.28
N TYR F 128 -32.18 51.56 16.56
CA TYR F 128 -30.89 50.89 16.56
C TYR F 128 -30.19 51.06 17.91
N VAL F 129 -30.21 52.27 18.46
CA VAL F 129 -29.61 52.51 19.77
C VAL F 129 -30.36 51.73 20.85
N ARG F 130 -31.69 51.69 20.74
CA ARG F 130 -32.48 50.91 21.70
C ARG F 130 -32.09 49.45 21.68
N ALA F 131 -31.92 48.87 20.50
CA ALA F 131 -31.69 47.44 20.39
C ALA F 131 -30.31 47.02 20.86
N ILE F 132 -29.32 47.91 20.84
CA ILE F 132 -27.94 47.56 21.19
C ILE F 132 -27.45 48.29 22.43
N SER F 133 -28.31 49.05 23.11
CA SER F 133 -27.84 49.94 24.18
C SER F 133 -27.14 49.17 25.30
N GLN F 134 -27.47 47.91 25.51
CA GLN F 134 -26.92 47.16 26.64
C GLN F 134 -25.42 46.90 26.53
N ILE F 135 -24.84 47.01 25.34
CA ILE F 135 -23.42 46.70 25.15
C ILE F 135 -22.64 47.89 24.61
N VAL F 136 -23.25 49.07 24.54
CA VAL F 136 -22.59 50.26 24.02
C VAL F 136 -22.66 51.36 25.08
N GLY F 137 -21.89 52.42 24.84
CA GLY F 137 -21.85 53.55 25.74
C GLY F 137 -20.54 54.29 25.67
N PRO F 138 -20.46 55.43 26.37
CA PRO F 138 -19.22 56.22 26.34
C PRO F 138 -17.99 55.47 26.84
N THR F 139 -18.17 54.47 27.71
CA THR F 139 -17.05 53.70 28.23
C THR F 139 -16.99 52.29 27.64
N LYS F 140 -17.96 51.90 26.81
CA LYS F 140 -18.04 50.55 26.26
C LYS F 140 -17.75 50.53 24.77
N ASP F 141 -18.60 51.17 23.96
CA ASP F 141 -18.56 51.09 22.51
C ASP F 141 -19.04 52.41 21.94
N ILE F 142 -18.20 53.06 21.15
CA ILE F 142 -18.41 54.44 20.72
C ILE F 142 -18.56 54.46 19.20
N PRO F 143 -19.80 54.49 18.69
CA PRO F 143 -19.98 54.53 17.23
C PRO F 143 -19.60 55.87 16.59
N GLY F 144 -19.80 55.95 15.28
CA GLY F 144 -19.54 57.14 14.53
C GLY F 144 -20.20 57.07 13.16
N PRO F 145 -19.95 58.06 12.31
CA PRO F 145 -20.50 58.02 10.95
C PRO F 145 -19.72 57.11 10.03
N ASP F 146 -20.47 56.49 9.10
CA ASP F 146 -19.88 55.72 8.02
C ASP F 146 -20.71 55.92 6.76
N MET F 147 -20.83 54.89 5.94
CA MET F 147 -21.54 55.01 4.67
C MET F 147 -23.01 55.32 4.91
N PHE F 148 -23.48 56.43 4.34
CA PHE F 148 -24.86 56.88 4.39
C PHE F 148 -25.33 57.22 5.81
N THR F 149 -24.41 57.56 6.71
CA THR F 149 -24.75 58.17 7.99
C THR F 149 -23.91 59.42 8.17
N ASN F 150 -24.50 60.43 8.79
CA ASN F 150 -23.90 61.76 8.86
C ASN F 150 -24.14 62.33 10.24
N ALA F 151 -23.79 63.61 10.41
CA ALA F 151 -23.95 64.27 11.70
C ALA F 151 -25.41 64.30 12.16
N GLN F 152 -26.35 64.37 11.22
CA GLN F 152 -27.75 64.39 11.59
C GLN F 152 -28.18 63.08 12.24
N ILE F 153 -27.68 61.95 11.71
CA ILE F 153 -28.02 60.66 12.28
C ILE F 153 -27.31 60.46 13.60
N MET F 154 -26.06 60.92 13.71
CA MET F 154 -25.37 60.91 14.99
C MET F 154 -26.17 61.68 16.04
N ALA F 155 -26.81 62.78 15.63
CA ALA F 155 -27.57 63.60 16.57
C ALA F 155 -28.77 62.85 17.14
N TRP F 156 -29.44 62.07 16.30
CA TRP F 156 -30.58 61.29 16.76
C TRP F 156 -30.13 60.14 17.67
N MET F 157 -29.07 59.44 17.28
CA MET F 157 -28.56 58.34 18.09
C MET F 157 -28.06 58.85 19.44
N MET F 158 -27.42 60.02 19.45
CA MET F 158 -26.97 60.60 20.71
C MET F 158 -28.14 61.01 21.58
N ASP F 159 -29.16 61.61 20.98
CA ASP F 159 -30.36 61.98 21.74
C ASP F 159 -31.06 60.73 22.30
N GLU F 160 -31.15 59.67 21.50
CA GLU F 160 -31.84 58.47 21.97
C GLU F 160 -31.10 57.83 23.13
N TYR F 161 -29.78 57.70 23.03
CA TYR F 161 -29.01 57.16 24.14
C TYR F 161 -29.09 58.06 25.37
N SER F 162 -29.05 59.39 25.16
CA SER F 162 -29.14 60.31 26.27
C SER F 162 -30.48 60.20 27.00
N ARG F 163 -31.56 59.93 26.26
CA ARG F 163 -32.86 59.78 26.90
C ARG F 163 -32.91 58.55 27.78
N MET F 164 -32.42 57.41 27.28
CA MET F 164 -32.41 56.18 28.07
C MET F 164 -31.48 56.28 29.26
N ASP F 165 -30.42 57.07 29.17
CA ASP F 165 -29.48 57.22 30.28
C ASP F 165 -29.95 58.24 31.31
N GLU F 166 -30.93 59.08 30.95
CA GLU F 166 -31.49 60.14 31.78
C GLU F 166 -30.51 61.29 32.02
N PHE F 167 -29.55 61.49 31.11
CA PHE F 167 -28.67 62.65 31.12
C PHE F 167 -27.94 62.69 29.78
N ASN F 168 -27.28 63.82 29.51
CA ASN F 168 -26.56 64.01 28.26
C ASN F 168 -25.31 63.14 28.25
N SER F 169 -25.19 62.27 27.23
CA SER F 169 -24.03 61.41 27.04
C SER F 169 -23.46 61.68 25.64
N PRO F 170 -22.76 62.80 25.46
CA PRO F 170 -22.16 63.07 24.13
C PRO F 170 -21.03 62.11 23.78
N GLY F 171 -20.35 61.54 24.77
CA GLY F 171 -19.28 60.59 24.53
C GLY F 171 -19.72 59.26 23.97
N PHE F 172 -21.03 59.00 23.89
CA PHE F 172 -21.50 57.74 23.34
C PHE F 172 -21.12 57.60 21.87
N ILE F 173 -21.19 58.70 21.11
CA ILE F 173 -21.07 58.64 19.65
C ILE F 173 -20.30 59.86 19.18
N THR F 174 -19.59 59.71 18.07
CA THR F 174 -18.78 60.79 17.50
C THR F 174 -19.31 61.16 16.11
N GLY F 175 -18.68 62.18 15.52
CA GLY F 175 -19.22 62.79 14.33
C GLY F 175 -20.41 63.69 14.57
N LYS F 176 -20.66 64.10 15.81
CA LYS F 176 -21.85 64.86 16.14
C LYS F 176 -21.75 66.29 15.60
N PRO F 177 -22.88 66.97 15.45
CA PRO F 177 -22.84 68.42 15.17
C PRO F 177 -22.11 69.15 16.29
N LEU F 178 -21.52 70.30 15.94
CA LEU F 178 -20.74 71.05 16.92
C LEU F 178 -21.56 71.43 18.13
N VAL F 179 -22.82 71.83 17.92
CA VAL F 179 -23.66 72.26 19.04
C VAL F 179 -23.94 71.13 20.01
N LEU F 180 -23.81 69.88 19.59
CA LEU F 180 -24.02 68.72 20.46
C LEU F 180 -22.71 68.13 20.97
N GLY F 181 -21.64 68.91 20.99
CA GLY F 181 -20.36 68.44 21.48
C GLY F 181 -19.44 67.84 20.44
N GLY F 182 -19.70 68.09 19.16
CA GLY F 182 -18.82 67.62 18.10
C GLY F 182 -17.47 68.31 18.14
N SER F 183 -16.55 67.90 17.25
CA SER F 183 -15.19 68.43 17.24
C SER F 183 -14.94 69.19 15.95
N LYS F 184 -14.27 70.32 16.08
CA LYS F 184 -13.79 71.03 14.91
C LYS F 184 -12.75 70.19 14.18
N GLY F 185 -12.74 70.28 12.85
CA GLY F 185 -11.86 69.48 12.04
C GLY F 185 -12.36 68.09 11.71
N ARG F 186 -13.64 67.82 11.91
CA ARG F 186 -14.16 66.47 11.71
C ARG F 186 -14.42 66.16 10.24
N ASP F 187 -15.02 67.10 9.52
CA ASP F 187 -15.38 66.86 8.12
C ASP F 187 -14.15 66.59 7.25
N ARG F 188 -13.02 67.24 7.56
CA ARG F 188 -11.81 67.13 6.78
C ARG F 188 -10.77 66.23 7.43
N ALA F 189 -11.16 65.46 8.44
CA ALA F 189 -10.21 64.65 9.20
C ALA F 189 -9.55 63.59 8.33
N THR F 190 -10.35 62.83 7.58
CA THR F 190 -9.79 61.76 6.77
C THR F 190 -8.95 62.30 5.62
N ALA F 191 -9.47 63.30 4.90
CA ALA F 191 -8.71 63.88 3.80
C ALA F 191 -7.44 64.56 4.30
N GLU F 192 -7.47 65.12 5.50
CA GLU F 192 -6.25 65.72 6.05
C GLU F 192 -5.19 64.66 6.33
N GLY F 193 -5.58 63.56 6.96
CA GLY F 193 -4.62 62.48 7.22
C GLY F 193 -4.04 61.91 5.94
N VAL F 194 -4.88 61.72 4.92
CA VAL F 194 -4.39 61.26 3.63
C VAL F 194 -3.41 62.28 3.05
N THR F 195 -3.73 63.57 3.16
CA THR F 195 -2.85 64.61 2.65
C THR F 195 -1.51 64.62 3.38
N ILE F 196 -1.52 64.43 4.69
CA ILE F 196 -0.28 64.35 5.46
C ILE F 196 0.55 63.15 5.00
N VAL F 197 -0.10 62.00 4.87
CA VAL F 197 0.60 60.78 4.51
C VAL F 197 1.11 60.84 3.08
N ILE F 198 0.37 61.50 2.17
CA ILE F 198 0.84 61.68 0.81
C ILE F 198 2.11 62.54 0.79
N GLN F 199 2.14 63.58 1.62
CA GLN F 199 3.33 64.44 1.69
C GLN F 199 4.54 63.66 2.19
N GLU F 200 4.34 62.79 3.18
CA GLU F 200 5.46 62.03 3.74
C GLU F 200 5.96 60.98 2.76
N ALA F 201 5.04 60.30 2.07
CA ALA F 201 5.44 59.34 1.04
C ALA F 201 6.21 60.03 -0.08
N ALA F 202 5.85 61.27 -0.39
CA ALA F 202 6.55 62.00 -1.45
C ALA F 202 7.98 62.36 -1.04
N LYS F 203 8.17 62.74 0.23
CA LYS F 203 9.52 63.00 0.73
C LYS F 203 10.39 61.77 0.58
N LYS F 204 9.89 60.61 1.00
CA LYS F 204 10.65 59.37 0.99
C LYS F 204 10.99 58.90 -0.42
N ARG F 205 10.38 59.49 -1.45
CA ARG F 205 10.69 59.14 -2.84
C ARG F 205 11.10 60.37 -3.64
N ASN F 206 11.43 61.47 -2.95
CA ASN F 206 11.96 62.68 -3.59
C ASN F 206 11.02 63.21 -4.67
N ILE F 207 9.73 63.24 -4.36
CA ILE F 207 8.72 63.81 -5.24
C ILE F 207 8.25 65.12 -4.64
N ASP F 208 8.31 66.20 -5.41
CA ASP F 208 7.91 67.51 -4.94
C ASP F 208 6.42 67.70 -5.22
N ILE F 209 5.66 68.05 -4.18
CA ILE F 209 4.22 68.23 -4.33
C ILE F 209 3.91 69.34 -5.33
N LYS F 210 4.74 70.38 -5.35
CA LYS F 210 4.66 71.42 -6.37
C LYS F 210 4.87 70.80 -7.75
N GLY F 211 3.80 70.72 -8.53
CA GLY F 211 3.86 70.12 -9.85
C GLY F 211 3.63 68.62 -9.88
N ALA F 212 3.39 67.99 -8.73
CA ALA F 212 3.17 66.55 -8.70
C ALA F 212 1.85 66.19 -9.37
N ARG F 213 1.87 65.13 -10.18
CA ARG F 213 0.69 64.68 -10.89
C ARG F 213 -0.07 63.67 -10.03
N VAL F 214 -1.32 63.97 -9.75
CA VAL F 214 -2.15 63.18 -8.84
C VAL F 214 -3.44 62.81 -9.57
N VAL F 215 -3.84 61.55 -9.45
CA VAL F 215 -5.18 61.11 -9.86
C VAL F 215 -5.85 60.48 -8.66
N ILE F 216 -7.12 60.83 -8.47
CA ILE F 216 -7.93 60.38 -7.34
C ILE F 216 -9.16 59.68 -7.90
N GLN F 217 -9.32 58.40 -7.56
CA GLN F 217 -10.54 57.70 -7.92
C GLN F 217 -11.61 57.99 -6.89
N GLY F 218 -12.79 58.40 -7.36
CA GLY F 218 -13.88 58.74 -6.47
C GLY F 218 -13.93 60.22 -6.15
N PHE F 219 -15.14 60.78 -6.11
CA PHE F 219 -15.33 62.19 -5.84
C PHE F 219 -16.32 62.39 -4.70
N GLY F 220 -16.22 61.56 -3.67
CA GLY F 220 -17.07 61.67 -2.50
C GLY F 220 -16.54 62.72 -1.55
N ASN F 221 -16.90 62.56 -0.27
CA ASN F 221 -16.45 63.51 0.74
C ASN F 221 -14.94 63.48 0.89
N ALA F 222 -14.36 62.27 1.00
CA ALA F 222 -12.91 62.16 1.12
C ALA F 222 -12.21 62.54 -0.17
N GLY F 223 -12.72 62.04 -1.30
CA GLY F 223 -12.04 62.27 -2.57
C GLY F 223 -12.05 63.73 -3.00
N SER F 224 -13.13 64.44 -2.72
CA SER F 224 -13.23 65.84 -3.14
C SER F 224 -12.41 66.76 -2.24
N PHE F 225 -12.55 66.59 -0.92
CA PHE F 225 -11.68 67.32 0.01
C PHE F 225 -10.21 67.10 -0.32
N LEU F 226 -9.86 65.86 -0.70
CA LEU F 226 -8.47 65.56 -1.04
C LEU F 226 -8.06 66.28 -2.33
N ALA F 227 -8.96 66.36 -3.31
CA ALA F 227 -8.63 67.04 -4.55
C ALA F 227 -8.41 68.53 -4.33
N LYS F 228 -9.13 69.14 -3.39
CA LYS F 228 -8.94 70.56 -3.14
C LYS F 228 -7.66 70.82 -2.35
N PHE F 229 -7.27 69.89 -1.47
CA PHE F 229 -6.03 70.06 -0.71
C PHE F 229 -4.80 69.96 -1.63
N MET F 230 -4.80 68.99 -2.55
CA MET F 230 -3.68 68.86 -3.48
C MET F 230 -3.61 70.05 -4.43
N SER F 231 -4.77 70.58 -4.82
CA SER F 231 -4.78 71.77 -5.67
C SER F 231 -4.22 72.97 -4.94
N ASP F 232 -4.47 73.07 -3.64
CA ASP F 232 -3.96 74.19 -2.86
C ASP F 232 -2.49 74.03 -2.50
N LEU F 233 -1.94 72.81 -2.60
CA LEU F 233 -0.54 72.55 -2.33
C LEU F 233 0.33 72.66 -3.58
N GLY F 234 -0.25 73.04 -4.72
CA GLY F 234 0.50 73.17 -5.94
C GLY F 234 0.60 71.92 -6.79
N ALA F 235 -0.11 70.85 -6.42
CA ALA F 235 -0.09 69.64 -7.21
C ALA F 235 -1.07 69.74 -8.37
N LYS F 236 -0.84 68.93 -9.40
CA LYS F 236 -1.71 68.86 -10.55
C LYS F 236 -2.59 67.63 -10.39
N VAL F 237 -3.86 67.84 -10.04
CA VAL F 237 -4.81 66.75 -9.98
C VAL F 237 -5.20 66.41 -11.42
N ILE F 238 -4.48 65.48 -12.04
CA ILE F 238 -4.67 65.23 -13.46
C ILE F 238 -5.80 64.25 -13.74
N GLY F 239 -6.22 63.48 -12.75
CA GLY F 239 -7.28 62.51 -12.95
C GLY F 239 -8.30 62.56 -11.84
N ILE F 240 -9.58 62.54 -12.22
CA ILE F 240 -10.67 62.60 -11.27
C ILE F 240 -11.82 61.75 -11.82
N SER F 241 -12.49 61.03 -10.91
CA SER F 241 -13.57 60.14 -11.30
C SER F 241 -14.67 60.17 -10.25
N ASP F 242 -15.88 59.82 -10.69
CA ASP F 242 -16.96 59.48 -9.76
C ASP F 242 -17.46 58.07 -10.08
N ALA F 243 -18.67 57.74 -9.62
CA ALA F 243 -19.20 56.41 -9.87
C ALA F 243 -19.45 56.17 -11.36
N TYR F 244 -19.76 57.22 -12.12
CA TYR F 244 -20.20 57.07 -13.50
C TYR F 244 -19.06 57.13 -14.50
N GLY F 245 -18.06 57.97 -14.27
CA GLY F 245 -16.97 58.07 -15.23
C GLY F 245 -15.81 58.85 -14.65
N ALA F 246 -14.84 59.13 -15.52
CA ALA F 246 -13.63 59.85 -15.13
C ALA F 246 -13.27 60.86 -16.21
N LEU F 247 -12.67 61.97 -15.78
CA LEU F 247 -12.10 62.95 -16.70
C LEU F 247 -10.65 63.19 -16.32
N HIS F 248 -9.86 63.64 -17.29
CA HIS F 248 -8.41 63.67 -17.12
C HIS F 248 -7.81 64.75 -18.00
N ASP F 249 -6.87 65.51 -17.42
CA ASP F 249 -6.08 66.51 -18.13
C ASP F 249 -4.65 66.47 -17.64
N PRO F 250 -3.67 66.28 -18.54
CA PRO F 250 -2.27 66.11 -18.10
C PRO F 250 -1.67 67.31 -17.39
N ASN F 251 -2.25 68.51 -17.53
CA ASN F 251 -1.69 69.71 -16.92
C ASN F 251 -2.43 70.15 -15.67
N GLY F 252 -3.44 69.42 -15.24
CA GLY F 252 -4.18 69.79 -14.06
C GLY F 252 -5.59 70.27 -14.34
N LEU F 253 -6.57 69.55 -13.80
CA LEU F 253 -7.95 69.99 -13.89
C LEU F 253 -8.19 71.19 -12.97
N ASP F 254 -9.31 71.87 -13.21
CA ASP F 254 -9.73 72.97 -12.34
C ASP F 254 -10.60 72.36 -11.24
N ILE F 255 -10.00 72.15 -10.07
CA ILE F 255 -10.72 71.51 -8.98
C ILE F 255 -11.82 72.40 -8.45
N ASP F 256 -11.60 73.73 -8.45
CA ASP F 256 -12.62 74.65 -7.98
C ASP F 256 -13.83 74.66 -8.92
N TYR F 257 -13.59 74.52 -10.23
CA TYR F 257 -14.70 74.41 -11.18
C TYR F 257 -15.49 73.13 -10.94
N LEU F 258 -14.80 72.02 -10.70
CA LEU F 258 -15.49 70.74 -10.49
C LEU F 258 -16.23 70.74 -9.16
N LEU F 259 -15.67 71.40 -8.14
CA LEU F 259 -16.29 71.40 -6.82
C LEU F 259 -17.53 72.28 -6.77
N ASP F 260 -17.59 73.32 -7.60
CA ASP F 260 -18.75 74.21 -7.60
C ASP F 260 -20.00 73.50 -8.12
N ARG F 261 -19.96 73.06 -9.37
CA ARG F 261 -21.09 72.35 -9.98
C ARG F 261 -21.00 70.85 -9.69
N ARG F 262 -21.04 70.53 -8.40
CA ARG F 262 -20.85 69.17 -7.91
C ARG F 262 -22.14 68.66 -7.29
N ASP F 263 -22.54 67.44 -7.65
CA ASP F 263 -23.76 66.85 -7.14
C ASP F 263 -23.68 66.65 -5.62
N SER F 264 -24.85 66.53 -4.99
CA SER F 264 -24.90 66.20 -3.57
C SER F 264 -24.29 64.83 -3.28
N PHE F 265 -24.22 63.96 -4.29
CA PHE F 265 -23.54 62.69 -4.17
C PHE F 265 -22.11 62.74 -4.69
N GLY F 266 -21.62 63.91 -5.05
CA GLY F 266 -20.28 64.03 -5.59
C GLY F 266 -20.15 63.55 -7.01
N THR F 267 -21.14 63.83 -7.85
CA THR F 267 -21.14 63.41 -9.25
C THR F 267 -20.94 64.65 -10.12
N VAL F 268 -19.90 64.62 -10.97
CA VAL F 268 -19.64 65.72 -11.89
C VAL F 268 -19.44 65.27 -13.32
N THR F 269 -19.02 64.01 -13.58
CA THR F 269 -18.72 63.59 -14.94
C THR F 269 -19.95 63.53 -15.83
N THR F 270 -21.15 63.44 -15.25
CA THR F 270 -22.36 63.38 -16.06
C THR F 270 -22.60 64.65 -16.84
N LEU F 271 -22.03 65.78 -16.41
CA LEU F 271 -22.18 67.05 -17.11
C LEU F 271 -21.22 67.19 -18.29
N PHE F 272 -20.47 66.15 -18.63
CA PHE F 272 -19.43 66.22 -19.65
C PHE F 272 -19.69 65.18 -20.73
N GLU F 273 -19.39 65.55 -21.98
CA GLU F 273 -19.53 64.62 -23.09
C GLU F 273 -18.40 63.60 -23.13
N ASN F 274 -17.16 64.06 -22.97
CA ASN F 274 -15.98 63.21 -23.11
C ASN F 274 -15.48 62.79 -21.73
N THR F 275 -15.74 61.55 -21.36
CA THR F 275 -15.24 60.94 -20.14
C THR F 275 -14.34 59.76 -20.50
N ILE F 276 -13.67 59.19 -19.50
CA ILE F 276 -12.60 58.23 -19.79
C ILE F 276 -12.68 56.99 -18.90
N THR F 277 -13.75 56.86 -18.12
CA THR F 277 -14.05 55.68 -17.30
C THR F 277 -13.01 55.42 -16.21
N ASN F 278 -13.36 54.54 -15.26
CA ASN F 278 -12.52 54.31 -14.10
C ASN F 278 -11.37 53.35 -14.39
N GLN F 279 -11.61 52.32 -15.21
CA GLN F 279 -10.57 51.35 -15.50
C GLN F 279 -9.34 52.00 -16.11
N GLU F 280 -9.54 53.05 -16.92
CA GLU F 280 -8.42 53.75 -17.53
C GLU F 280 -7.78 54.75 -16.58
N LEU F 281 -8.57 55.37 -15.69
CA LEU F 281 -8.03 56.34 -14.75
C LEU F 281 -7.01 55.69 -13.81
N LEU F 282 -7.27 54.44 -13.40
CA LEU F 282 -6.34 53.75 -12.51
C LEU F 282 -5.00 53.48 -13.19
N GLU F 283 -4.98 53.37 -14.51
CA GLU F 283 -3.76 53.09 -15.25
C GLU F 283 -3.14 54.34 -15.86
N LEU F 284 -3.53 55.52 -15.37
CA LEU F 284 -2.96 56.76 -15.88
C LEU F 284 -1.51 56.93 -15.45
N ASP F 285 -0.76 57.69 -16.23
CA ASP F 285 0.60 58.05 -15.87
C ASP F 285 0.57 59.18 -14.86
N CYS F 286 1.19 58.96 -13.70
CA CYS F 286 1.15 59.94 -12.62
C CYS F 286 2.23 59.62 -11.60
N ASP F 287 2.38 60.52 -10.65
CA ASP F 287 3.27 60.28 -9.51
C ASP F 287 2.54 59.61 -8.35
N ILE F 288 1.28 59.99 -8.11
CA ILE F 288 0.54 59.58 -6.92
C ILE F 288 -0.86 59.14 -7.34
N LEU F 289 -1.19 57.88 -7.06
CA LEU F 289 -2.51 57.33 -7.34
C LEU F 289 -3.22 57.07 -6.01
N VAL F 290 -4.42 57.65 -5.86
CA VAL F 290 -5.16 57.56 -4.61
C VAL F 290 -6.56 57.03 -4.88
N PRO F 291 -6.83 55.75 -4.64
CA PRO F 291 -8.20 55.24 -4.76
C PRO F 291 -9.03 55.68 -3.57
N ALA F 292 -10.14 56.36 -3.84
CA ALA F 292 -11.05 56.83 -2.80
C ALA F 292 -12.49 56.51 -3.18
N ALA F 293 -12.68 55.38 -3.85
CA ALA F 293 -14.01 54.93 -4.25
C ALA F 293 -14.36 53.60 -3.59
N ILE F 294 -14.64 52.60 -4.42
CA ILE F 294 -15.07 51.30 -3.89
C ILE F 294 -13.88 50.35 -3.74
N GLU F 295 -14.17 49.11 -3.36
CA GLU F 295 -13.14 48.14 -3.07
C GLU F 295 -12.72 47.38 -4.34
N ASN F 296 -11.58 46.70 -4.25
CA ASN F 296 -11.10 45.80 -5.30
C ASN F 296 -11.06 46.51 -6.66
N GLN F 297 -10.34 47.63 -6.69
CA GLN F 297 -10.11 48.34 -7.93
C GLN F 297 -8.74 48.06 -8.54
N ILE F 298 -7.77 47.67 -7.70
CA ILE F 298 -6.47 47.21 -8.14
C ILE F 298 -6.41 45.72 -7.81
N THR F 299 -6.59 44.87 -8.84
CA THR F 299 -6.83 43.43 -8.63
C THR F 299 -6.01 42.59 -9.60
N ALA F 300 -4.69 42.57 -9.42
CA ALA F 300 -3.80 41.66 -10.15
C ALA F 300 -3.86 41.84 -11.66
N GLU F 301 -5.07 41.86 -12.24
CA GLU F 301 -5.22 42.03 -13.68
C GLU F 301 -4.72 43.39 -14.14
N ASN F 302 -4.86 44.42 -13.31
CA ASN F 302 -4.36 45.75 -13.62
C ASN F 302 -3.21 46.19 -12.73
N ALA F 303 -2.80 45.35 -11.77
CA ALA F 303 -1.73 45.74 -10.85
C ALA F 303 -0.42 45.99 -11.59
N HIS F 304 -0.15 45.27 -12.68
CA HIS F 304 1.06 45.51 -13.44
C HIS F 304 0.97 46.75 -14.31
N ASN F 305 -0.22 47.24 -14.60
CA ASN F 305 -0.42 48.36 -15.51
C ASN F 305 -0.42 49.72 -14.81
N ILE F 306 -0.14 49.76 -13.51
CA ILE F 306 -0.21 51.00 -12.74
C ILE F 306 1.10 51.76 -12.92
N LYS F 307 0.99 53.03 -13.31
CA LYS F 307 2.15 53.87 -13.58
C LYS F 307 2.56 54.74 -12.41
N ALA F 308 1.76 54.82 -11.35
CA ALA F 308 2.12 55.65 -10.21
C ALA F 308 3.29 55.04 -9.46
N THR F 309 4.10 55.92 -8.86
CA THR F 309 5.16 55.48 -7.97
C THR F 309 4.71 55.43 -6.52
N ILE F 310 3.58 56.06 -6.19
CA ILE F 310 3.02 56.06 -4.85
C ILE F 310 1.53 55.75 -4.96
N VAL F 311 1.07 54.81 -4.14
CA VAL F 311 -0.36 54.49 -4.04
C VAL F 311 -0.77 54.65 -2.58
N VAL F 312 -1.83 55.43 -2.36
CA VAL F 312 -2.33 55.71 -1.02
C VAL F 312 -3.80 55.29 -0.96
N GLU F 313 -4.11 54.34 -0.10
CA GLU F 313 -5.46 53.80 0.02
C GLU F 313 -6.29 54.71 0.91
N ALA F 314 -7.05 55.62 0.28
CA ALA F 314 -7.97 56.45 1.05
C ALA F 314 -9.23 55.69 1.42
N ALA F 315 -9.76 54.90 0.49
CA ALA F 315 -10.93 54.08 0.75
C ALA F 315 -10.51 52.78 1.45
N ASN F 316 -11.50 51.91 1.68
CA ASN F 316 -11.26 50.62 2.30
C ASN F 316 -11.09 49.55 1.24
N GLY F 317 -10.02 48.76 1.36
CA GLY F 317 -9.74 47.66 0.47
C GLY F 317 -9.71 47.97 -1.01
N PRO F 318 -8.93 48.98 -1.42
CA PRO F 318 -8.89 49.29 -2.87
C PRO F 318 -8.11 48.28 -3.68
N THR F 319 -7.05 47.69 -3.12
CA THR F 319 -6.23 46.73 -3.84
C THR F 319 -6.20 45.41 -3.06
N THR F 320 -6.33 44.31 -3.81
CA THR F 320 -6.39 42.97 -3.22
C THR F 320 -5.01 42.55 -2.72
N SER F 321 -4.99 41.44 -1.98
CA SER F 321 -3.74 40.91 -1.45
C SER F 321 -2.75 40.60 -2.56
N GLU F 322 -3.21 39.91 -3.60
CA GLU F 322 -2.35 39.59 -4.73
C GLU F 322 -1.85 40.83 -5.44
N ALA F 323 -2.57 41.95 -5.33
CA ALA F 323 -2.15 43.19 -5.96
C ALA F 323 -1.09 43.91 -5.14
N THR F 324 -1.21 43.91 -3.81
CA THR F 324 -0.17 44.50 -2.99
C THR F 324 1.15 43.76 -3.17
N LYS F 325 1.08 42.43 -3.31
CA LYS F 325 2.28 41.67 -3.64
C LYS F 325 2.90 42.16 -4.94
N ILE F 326 2.08 42.28 -5.99
CA ILE F 326 2.59 42.75 -7.29
C ILE F 326 3.14 44.17 -7.16
N LEU F 327 2.38 45.06 -6.55
CA LEU F 327 2.83 46.45 -6.41
C LEU F 327 4.11 46.54 -5.60
N THR F 328 4.36 45.58 -4.72
CA THR F 328 5.57 45.61 -3.88
C THR F 328 6.80 45.19 -4.67
N GLU F 329 6.71 44.09 -5.43
CA GLU F 329 7.84 43.68 -6.27
C GLU F 329 8.21 44.77 -7.26
N ARG F 330 7.21 45.50 -7.77
CA ARG F 330 7.46 46.55 -8.75
C ARG F 330 8.07 47.80 -8.16
N GLY F 331 8.19 47.89 -6.84
CA GLY F 331 8.85 49.00 -6.20
C GLY F 331 7.99 50.20 -5.87
N ILE F 332 6.67 50.07 -6.00
CA ILE F 332 5.77 51.19 -5.68
C ILE F 332 5.65 51.33 -4.17
N LEU F 333 5.65 52.57 -3.69
CA LEU F 333 5.38 52.84 -2.28
C LEU F 333 3.88 52.81 -2.07
N LEU F 334 3.39 51.74 -1.45
CA LEU F 334 1.99 51.58 -1.12
C LEU F 334 1.76 52.03 0.32
N VAL F 335 0.72 52.84 0.53
CA VAL F 335 0.36 53.27 1.87
C VAL F 335 -0.99 52.63 2.22
N PRO F 336 -1.03 51.71 3.17
CA PRO F 336 -2.27 50.96 3.42
C PRO F 336 -3.38 51.85 3.96
N ASP F 337 -4.61 51.34 3.78
CA ASP F 337 -5.80 52.07 4.19
C ASP F 337 -5.90 52.22 5.70
N VAL F 338 -5.42 51.23 6.46
CA VAL F 338 -5.49 51.32 7.91
C VAL F 338 -4.59 52.42 8.46
N LEU F 339 -3.59 52.84 7.69
CA LEU F 339 -2.75 53.98 8.04
C LEU F 339 -3.22 55.26 7.37
N ALA F 340 -3.48 55.21 6.06
CA ALA F 340 -3.78 56.42 5.31
C ALA F 340 -5.06 57.08 5.78
N SER F 341 -6.08 56.29 6.11
CA SER F 341 -7.38 56.81 6.52
C SER F 341 -7.53 56.92 8.03
N ALA F 342 -6.42 56.87 8.77
CA ALA F 342 -6.49 56.91 10.22
C ALA F 342 -6.87 58.28 10.77
N GLY F 343 -6.83 59.33 9.96
CA GLY F 343 -7.18 60.65 10.43
C GLY F 343 -8.60 60.75 10.94
N GLY F 344 -9.53 60.01 10.33
CA GLY F 344 -10.90 60.02 10.80
C GLY F 344 -11.02 59.47 12.21
N ALA F 345 -10.38 58.32 12.47
CA ALA F 345 -10.38 57.76 13.82
C ALA F 345 -9.67 58.69 14.80
N THR F 346 -8.62 59.39 14.36
CA THR F 346 -7.84 60.20 15.27
C THR F 346 -8.62 61.42 15.76
N VAL F 347 -9.37 62.08 14.86
CA VAL F 347 -10.16 63.23 15.27
C VAL F 347 -11.42 62.79 16.02
N SER F 348 -12.01 61.66 15.64
CA SER F 348 -13.09 61.09 16.45
C SER F 348 -12.62 60.82 17.87
N TYR F 349 -11.41 60.28 18.00
CA TYR F 349 -10.82 60.12 19.33
C TYR F 349 -10.75 61.44 20.07
N PHE F 350 -10.29 62.50 19.39
CA PHE F 350 -10.20 63.81 20.01
C PHE F 350 -11.57 64.31 20.45
N GLU F 351 -12.59 64.08 19.63
CA GLU F 351 -13.96 64.46 20.01
C GLU F 351 -14.38 63.75 21.30
N TRP F 352 -14.08 62.46 21.39
CA TRP F 352 -14.46 61.69 22.58
C TRP F 352 -13.72 62.19 23.81
N VAL F 353 -12.46 62.61 23.65
CA VAL F 353 -11.71 63.14 24.78
C VAL F 353 -12.31 64.47 25.23
N GLN F 354 -12.69 65.33 24.28
CA GLN F 354 -13.35 66.58 24.63
C GLN F 354 -14.68 66.35 25.33
N ASN F 355 -15.42 65.31 24.91
CA ASN F 355 -16.64 64.96 25.63
C ASN F 355 -16.32 64.49 27.05
N ASN F 356 -15.24 63.73 27.23
CA ASN F 356 -14.85 63.30 28.56
C ASN F 356 -14.57 64.50 29.47
N MET F 357 -13.79 65.46 28.99
CA MET F 357 -13.45 66.62 29.80
C MET F 357 -14.59 67.63 29.90
N GLY F 358 -15.48 67.66 28.91
CA GLY F 358 -16.42 68.77 28.83
C GLY F 358 -15.79 70.06 28.36
N TYR F 359 -14.63 69.98 27.72
CA TYR F 359 -13.85 71.13 27.30
C TYR F 359 -13.40 70.89 25.86
N TYR F 360 -13.59 71.89 25.01
CA TYR F 360 -13.47 71.68 23.56
C TYR F 360 -12.34 72.51 22.99
N TRP F 361 -11.71 71.95 21.95
CA TRP F 361 -10.53 72.51 21.35
C TRP F 361 -10.88 73.27 20.08
N GLU F 362 -10.02 74.22 19.73
CA GLU F 362 -10.18 75.03 18.54
C GLU F 362 -9.54 74.34 17.34
N GLU F 363 -9.75 74.93 16.15
CA GLU F 363 -9.29 74.33 14.91
C GLU F 363 -7.80 74.03 14.95
N GLU F 364 -6.99 75.03 15.31
CA GLU F 364 -5.53 74.88 15.26
C GLU F 364 -5.04 73.80 16.21
N GLU F 365 -5.68 73.65 17.37
CA GLU F 365 -5.24 72.63 18.31
C GLU F 365 -5.49 71.22 17.76
N VAL F 366 -6.68 71.00 17.19
CA VAL F 366 -6.99 69.68 16.64
C VAL F 366 -6.05 69.34 15.49
N GLN F 367 -5.77 70.31 14.61
CA GLN F 367 -4.89 70.05 13.48
C GLN F 367 -3.47 69.76 13.94
N GLU F 368 -3.00 70.47 14.96
CA GLU F 368 -1.66 70.21 15.49
C GLU F 368 -1.57 68.82 16.11
N LYS F 369 -2.58 68.42 16.88
CA LYS F 369 -2.59 67.07 17.43
C LYS F 369 -2.70 66.03 16.33
N LEU F 370 -3.52 66.29 15.31
CA LEU F 370 -3.71 65.32 14.24
C LEU F 370 -2.42 65.12 13.45
N TYR F 371 -1.67 66.18 13.23
CA TYR F 371 -0.47 66.08 12.40
C TYR F 371 0.60 65.21 13.06
N LYS F 372 0.84 65.43 14.36
CA LYS F 372 1.80 64.61 15.08
C LYS F 372 1.42 63.14 15.04
N LYS F 373 0.12 62.85 15.10
CA LYS F 373 -0.33 61.45 15.05
C LYS F 373 -0.06 60.83 13.70
N MET F 374 -0.50 61.48 12.61
CA MET F 374 -0.29 60.93 11.28
C MET F 374 1.20 60.85 10.94
N TYR F 375 1.98 61.84 11.40
CA TYR F 375 3.41 61.86 11.09
C TYR F 375 4.14 60.73 11.77
N ASP F 376 3.92 60.55 13.07
CA ASP F 376 4.62 59.49 13.80
C ASP F 376 4.16 58.11 13.32
N SER F 377 2.88 57.98 12.96
CA SER F 377 2.38 56.68 12.53
C SER F 377 2.97 56.27 11.18
N PHE F 378 3.10 57.22 10.25
CA PHE F 378 3.69 56.89 8.96
C PHE F 378 5.14 56.44 9.11
N GLU F 379 5.90 57.14 9.95
CA GLU F 379 7.29 56.75 10.17
C GLU F 379 7.39 55.36 10.76
N ALA F 380 6.48 55.00 11.66
CA ALA F 380 6.55 53.69 12.29
C ALA F 380 6.25 52.57 11.29
N VAL F 381 5.24 52.77 10.42
CA VAL F 381 4.89 51.75 9.44
C VAL F 381 5.98 51.65 8.38
N TYR F 382 6.47 52.80 7.91
CA TYR F 382 7.49 52.79 6.86
C TYR F 382 8.79 52.17 7.36
N THR F 383 9.22 52.54 8.57
CA THR F 383 10.42 51.95 9.13
C THR F 383 10.30 50.44 9.25
N THR F 384 9.15 49.95 9.73
CA THR F 384 8.94 48.52 9.86
C THR F 384 9.01 47.82 8.51
N ALA F 385 8.46 48.44 7.47
CA ALA F 385 8.41 47.80 6.16
C ALA F 385 9.80 47.69 5.54
N THR F 386 10.54 48.80 5.52
CA THR F 386 11.86 48.79 4.90
C THR F 386 12.87 48.01 5.73
N THR F 387 12.79 48.11 7.06
CA THR F 387 13.74 47.42 7.92
C THR F 387 13.58 45.90 7.81
N ARG F 388 12.34 45.41 7.90
CA ARG F 388 12.06 43.99 7.88
C ARG F 388 11.86 43.44 6.47
N ASN F 389 11.93 44.29 5.44
CA ASN F 389 11.80 43.88 4.06
C ASN F 389 10.47 43.17 3.81
N ILE F 390 9.40 43.81 4.27
CA ILE F 390 8.04 43.30 4.12
C ILE F 390 7.18 44.40 3.53
N ASP F 391 6.05 43.98 2.95
CA ASP F 391 5.15 44.95 2.35
C ASP F 391 4.55 45.86 3.42
N MET F 392 3.98 46.98 2.97
CA MET F 392 3.50 48.01 3.89
C MET F 392 2.21 47.61 4.58
N ARG F 393 1.38 46.78 3.94
CA ARG F 393 0.13 46.36 4.59
C ARG F 393 0.41 45.43 5.76
N LEU F 394 1.28 44.43 5.56
CA LEU F 394 1.68 43.57 6.66
C LEU F 394 2.39 44.36 7.75
N ALA F 395 3.26 45.29 7.35
CA ALA F 395 3.95 46.13 8.33
C ALA F 395 2.97 46.99 9.11
N ALA F 396 1.90 47.44 8.46
CA ALA F 396 0.91 48.26 9.17
C ALA F 396 0.08 47.42 10.13
N TYR F 397 -0.23 46.17 9.75
CA TYR F 397 -1.00 45.32 10.64
C TYR F 397 -0.21 44.95 11.90
N MET F 398 1.11 44.84 11.78
CA MET F 398 1.95 44.58 12.94
C MET F 398 1.95 45.78 13.89
N VAL F 399 2.11 46.99 13.35
CA VAL F 399 2.04 48.20 14.17
C VAL F 399 0.66 48.32 14.80
N GLY F 400 -0.38 47.92 14.08
CA GLY F 400 -1.74 48.08 14.53
C GLY F 400 -2.21 47.06 15.55
N VAL F 401 -1.78 45.81 15.40
CA VAL F 401 -2.24 44.74 16.29
C VAL F 401 -1.36 44.56 17.52
N ARG F 402 -0.18 45.18 17.54
CA ARG F 402 0.78 44.92 18.61
C ARG F 402 0.20 45.26 19.98
N ARG F 403 -0.52 46.38 20.08
CA ARG F 403 -1.00 46.83 21.38
C ARG F 403 -2.13 45.95 21.91
N THR F 404 -3.00 45.47 21.02
CA THR F 404 -4.07 44.58 21.44
C THR F 404 -3.53 43.24 21.91
N ALA F 405 -2.50 42.72 21.25
CA ALA F 405 -1.90 41.46 21.66
C ALA F 405 -1.18 41.61 23.00
N GLU F 406 -0.40 42.67 23.17
CA GLU F 406 0.27 42.88 24.45
C GLU F 406 -0.73 43.07 25.58
N ALA F 407 -1.82 43.79 25.31
CA ALA F 407 -2.84 44.00 26.33
C ALA F 407 -3.58 42.72 26.65
N SER F 408 -3.91 41.92 25.63
CA SER F 408 -4.59 40.65 25.87
C SER F 408 -3.74 39.73 26.74
N ARG F 409 -2.42 39.70 26.51
CA ARG F 409 -1.56 38.85 27.30
C ARG F 409 -1.39 39.40 28.73
N PHE F 410 -1.31 40.72 28.86
CA PHE F 410 -1.18 41.32 30.20
C PHE F 410 -2.41 41.04 31.04
N ARG F 411 -3.60 41.09 30.45
CA ARG F 411 -4.84 40.93 31.19
C ARG F 411 -5.16 39.48 31.51
N GLY F 412 -4.30 38.54 31.13
CA GLY F 412 -4.55 37.14 31.42
C GLY F 412 -5.47 36.45 30.44
N TRP F 413 -5.87 37.13 29.36
CA TRP F 413 -6.72 36.49 28.36
C TRP F 413 -5.99 35.38 27.62
N VAL F 414 -4.67 35.44 27.56
CA VAL F 414 -3.86 34.38 26.97
C VAL F 414 -2.71 34.06 27.93
#